data_5SZW
#
_entry.id   5SZW
#
_cell.length_a   1.000
_cell.length_b   1.000
_cell.length_c   1.000
_cell.angle_alpha   90.00
_cell.angle_beta   90.00
_cell.angle_gamma   90.00
#
_symmetry.space_group_name_H-M   'P 1'
#
_entity_poly.entity_id   1
_entity_poly.type   'polypeptide(L)'
_entity_poly.pdbx_seq_one_letter_code
;GHMSNGYEDHMAEDCRGDIGRTNLIVNYLPQNMTQDELRSLFSSIGEVESAKLIRDKVAGHSLGYGFVNYVTAKDAERAI
NTLNGLRLQSKTIKVSYARPS
;
_entity_poly.pdbx_strand_id   A
#
# COMPACT_ATOMS: atom_id res chain seq x y z
N GLY A 1 -1.61 3.47 19.87
CA GLY A 1 -0.17 3.65 19.52
C GLY A 1 0.13 5.07 19.09
N HIS A 2 1.30 5.27 18.50
CA HIS A 2 1.70 6.60 18.05
C HIS A 2 1.17 6.89 16.65
N MET A 3 1.15 5.86 15.81
CA MET A 3 0.70 6.01 14.44
C MET A 3 -0.82 5.90 14.35
N SER A 4 -1.49 6.83 15.00
CA SER A 4 -2.95 6.89 14.95
C SER A 4 -3.38 7.57 13.65
N ASN A 5 -3.39 6.79 12.57
CA ASN A 5 -3.62 7.35 11.25
C ASN A 5 -4.43 6.39 10.40
N GLY A 6 -5.69 6.74 10.14
CA GLY A 6 -6.56 5.89 9.35
C GLY A 6 -6.26 5.92 7.87
N TYR A 7 -5.22 6.68 7.51
CA TYR A 7 -4.72 6.76 6.14
C TYR A 7 -5.69 7.47 5.21
N GLU A 8 -5.82 8.78 5.36
CA GLU A 8 -6.55 9.58 4.38
C GLU A 8 -5.61 10.01 3.27
N ASP A 9 -4.67 9.10 2.97
CA ASP A 9 -3.61 9.27 1.97
C ASP A 9 -2.88 10.62 2.09
N HIS A 10 -2.94 11.22 3.29
CA HIS A 10 -2.39 12.56 3.53
C HIS A 10 -2.92 13.52 2.47
N MET A 11 -4.20 13.33 2.17
CA MET A 11 -4.96 14.19 1.26
C MET A 11 -5.03 15.60 1.82
N ALA A 12 -4.99 15.70 3.14
CA ALA A 12 -5.00 16.99 3.81
C ALA A 12 -3.60 17.61 3.79
N GLU A 13 -2.76 17.09 2.89
CA GLU A 13 -1.40 17.59 2.68
C GLU A 13 -0.53 17.20 3.86
N ASP A 14 0.52 17.95 4.10
CA ASP A 14 1.36 17.75 5.27
C ASP A 14 2.07 16.40 5.18
N CYS A 15 2.68 15.98 6.28
CA CYS A 15 3.37 14.69 6.35
C CYS A 15 4.50 14.59 5.33
N ARG A 16 5.20 13.47 5.36
CA ARG A 16 6.25 13.20 4.41
C ARG A 16 5.68 12.51 3.19
N GLY A 17 5.00 13.27 2.35
CA GLY A 17 4.39 12.71 1.17
C GLY A 17 4.47 13.65 -0.02
N ASP A 18 5.50 14.47 -0.06
CA ASP A 18 5.68 15.42 -1.14
C ASP A 18 7.16 15.54 -1.48
N ILE A 19 7.88 14.48 -1.20
CA ILE A 19 9.32 14.43 -1.44
C ILE A 19 9.59 13.67 -2.72
N GLY A 20 9.37 12.38 -2.65
CA GLY A 20 9.45 11.49 -3.80
C GLY A 20 8.81 10.19 -3.45
N ARG A 21 7.60 10.30 -2.89
CA ARG A 21 6.89 9.16 -2.33
C ARG A 21 6.44 8.17 -3.40
N THR A 22 7.31 7.23 -3.70
CA THR A 22 6.99 6.15 -4.61
C THR A 22 6.58 4.92 -3.80
N ASN A 23 7.01 4.91 -2.54
CA ASN A 23 6.71 3.84 -1.61
C ASN A 23 5.24 3.90 -1.22
N LEU A 24 4.51 2.85 -1.48
CA LEU A 24 3.09 2.84 -1.21
C LEU A 24 2.75 1.81 -0.15
N ILE A 25 2.31 2.29 0.99
CA ILE A 25 1.82 1.43 2.04
C ILE A 25 0.40 1.02 1.70
N VAL A 26 0.15 -0.26 1.70
CA VAL A 26 -1.17 -0.75 1.42
C VAL A 26 -1.69 -1.51 2.61
N ASN A 27 -2.61 -0.90 3.31
CA ASN A 27 -3.14 -1.47 4.50
C ASN A 27 -4.41 -2.22 4.16
N TYR A 28 -4.95 -2.90 5.14
CA TYR A 28 -6.19 -3.65 5.00
C TYR A 28 -6.08 -4.69 3.89
N LEU A 29 -4.87 -5.21 3.69
CA LEU A 29 -4.66 -6.29 2.72
C LEU A 29 -5.34 -7.54 3.20
N PRO A 30 -5.93 -8.31 2.28
CA PRO A 30 -6.64 -9.54 2.63
C PRO A 30 -5.74 -10.44 3.47
N GLN A 31 -6.34 -11.06 4.48
CA GLN A 31 -5.58 -11.77 5.50
C GLN A 31 -4.90 -13.03 4.97
N ASN A 32 -5.28 -13.45 3.76
CA ASN A 32 -4.69 -14.61 3.15
C ASN A 32 -4.01 -14.28 1.81
N MET A 33 -3.87 -12.99 1.51
CA MET A 33 -3.28 -12.58 0.24
C MET A 33 -1.75 -12.72 0.28
N THR A 34 -1.11 -12.55 -0.88
CA THR A 34 0.33 -12.72 -0.98
C THR A 34 1.01 -11.44 -1.44
N GLN A 35 2.33 -11.39 -1.34
CA GLN A 35 3.11 -10.31 -1.94
C GLN A 35 2.78 -10.21 -3.41
N ASP A 36 2.83 -11.36 -4.07
CA ASP A 36 2.64 -11.43 -5.52
C ASP A 36 1.28 -10.87 -5.93
N GLU A 37 0.27 -11.09 -5.09
CA GLU A 37 -1.06 -10.55 -5.33
C GLU A 37 -1.05 -9.04 -5.11
N LEU A 38 -0.52 -8.63 -3.96
CA LEU A 38 -0.35 -7.24 -3.61
C LEU A 38 0.49 -6.53 -4.70
N ARG A 39 1.46 -7.25 -5.21
CA ARG A 39 2.38 -6.74 -6.20
C ARG A 39 1.71 -6.67 -7.58
N SER A 40 0.96 -7.70 -7.94
CA SER A 40 0.36 -7.79 -9.27
C SER A 40 -0.78 -6.77 -9.41
N LEU A 41 -1.56 -6.61 -8.36
CA LEU A 41 -2.66 -5.66 -8.35
C LEU A 41 -2.13 -4.24 -8.51
N PHE A 42 -0.99 -3.96 -7.93
CA PHE A 42 -0.38 -2.65 -8.10
C PHE A 42 0.38 -2.58 -9.42
N SER A 43 0.76 -3.74 -9.93
CA SER A 43 1.35 -3.81 -11.26
C SER A 43 0.27 -3.52 -12.31
N SER A 44 -0.99 -3.55 -11.88
CA SER A 44 -2.10 -3.20 -12.76
C SER A 44 -2.06 -1.70 -13.04
N ILE A 45 -1.73 -0.94 -12.01
CA ILE A 45 -1.53 0.50 -12.14
C ILE A 45 -0.35 0.81 -13.06
N GLY A 46 0.75 0.10 -12.85
CA GLY A 46 1.96 0.39 -13.59
C GLY A 46 3.13 -0.42 -13.12
N GLU A 47 4.31 0.17 -13.17
CA GLU A 47 5.53 -0.53 -12.79
C GLU A 47 5.81 -0.46 -11.32
N VAL A 48 5.80 -1.63 -10.72
CA VAL A 48 6.09 -1.78 -9.31
C VAL A 48 7.53 -2.14 -9.10
N GLU A 49 8.21 -1.24 -8.45
CA GLU A 49 9.60 -1.37 -8.16
C GLU A 49 9.83 -2.58 -7.25
N SER A 50 9.10 -2.60 -6.14
CA SER A 50 9.19 -3.70 -5.19
C SER A 50 7.97 -3.70 -4.26
N ALA A 51 7.31 -4.83 -4.13
CA ALA A 51 6.13 -4.92 -3.28
C ALA A 51 6.28 -5.98 -2.20
N LYS A 52 6.02 -5.59 -0.97
CA LYS A 52 6.10 -6.52 0.15
C LYS A 52 4.74 -6.75 0.77
N LEU A 53 4.59 -7.92 1.36
CA LEU A 53 3.41 -8.27 2.12
C LEU A 53 3.84 -8.58 3.54
N ILE A 54 3.19 -7.98 4.50
CA ILE A 54 3.61 -8.13 5.88
C ILE A 54 2.80 -9.21 6.56
N ARG A 55 3.50 -10.20 7.07
CA ARG A 55 2.87 -11.30 7.79
C ARG A 55 3.67 -11.59 9.02
N ASP A 56 3.16 -12.45 9.87
CA ASP A 56 3.97 -12.99 10.94
C ASP A 56 5.03 -13.90 10.31
N LYS A 57 5.97 -14.42 11.07
CA LYS A 57 6.96 -15.31 10.49
C LYS A 57 6.29 -16.57 9.96
N VAL A 58 5.21 -16.99 10.63
CA VAL A 58 4.55 -18.25 10.30
C VAL A 58 3.05 -18.16 10.51
N ALA A 59 2.65 -17.96 11.76
CA ALA A 59 1.27 -18.15 12.18
C ALA A 59 0.37 -17.00 11.80
N GLY A 60 0.86 -15.83 12.12
CA GLY A 60 0.10 -14.60 12.01
C GLY A 60 -0.45 -14.30 10.65
N HIS A 61 0.02 -15.01 9.62
CA HIS A 61 -0.33 -14.73 8.22
C HIS A 61 -0.25 -13.25 7.89
N SER A 62 -0.83 -12.84 6.77
CA SER A 62 -0.88 -11.44 6.41
C SER A 62 -1.42 -10.62 7.58
N LEU A 63 -0.59 -9.72 8.07
CA LEU A 63 -0.94 -8.92 9.22
C LEU A 63 -1.82 -7.75 8.81
N GLY A 64 -2.23 -7.76 7.55
CA GLY A 64 -3.21 -6.82 7.07
C GLY A 64 -2.62 -5.59 6.45
N TYR A 65 -1.38 -5.67 5.97
CA TYR A 65 -0.77 -4.54 5.28
C TYR A 65 0.51 -4.95 4.56
N GLY A 66 0.97 -4.07 3.69
CA GLY A 66 2.16 -4.31 2.89
C GLY A 66 2.71 -3.03 2.32
N PHE A 67 3.79 -3.12 1.56
CA PHE A 67 4.44 -1.93 1.02
C PHE A 67 4.87 -2.16 -0.42
N VAL A 68 4.22 -1.50 -1.35
CA VAL A 68 4.60 -1.59 -2.75
C VAL A 68 5.20 -0.28 -3.22
N ASN A 69 6.50 -0.32 -3.43
CA ASN A 69 7.24 0.80 -3.97
C ASN A 69 7.04 0.84 -5.47
N TYR A 70 6.58 1.96 -5.98
CA TYR A 70 6.47 2.14 -7.41
C TYR A 70 7.75 2.74 -7.97
N VAL A 71 7.86 2.71 -9.29
CA VAL A 71 8.98 3.34 -9.97
C VAL A 71 8.69 4.82 -10.19
N THR A 72 7.47 5.20 -9.81
CA THR A 72 6.99 6.55 -9.95
C THR A 72 6.21 6.97 -8.72
N ALA A 73 6.24 8.25 -8.40
CA ALA A 73 5.34 8.80 -7.41
C ALA A 73 4.02 9.11 -8.10
N LYS A 74 4.10 9.13 -9.42
CA LYS A 74 2.96 9.33 -10.30
C LYS A 74 1.99 8.14 -10.23
N ASP A 75 2.52 6.94 -10.45
CA ASP A 75 1.69 5.73 -10.38
C ASP A 75 1.37 5.37 -8.95
N ALA A 76 2.13 5.93 -8.01
CA ALA A 76 1.84 5.79 -6.59
C ALA A 76 0.51 6.46 -6.26
N GLU A 77 0.42 7.73 -6.61
CA GLU A 77 -0.84 8.47 -6.51
C GLU A 77 -1.92 7.77 -7.33
N ARG A 78 -1.51 7.23 -8.48
CA ARG A 78 -2.42 6.57 -9.40
C ARG A 78 -3.05 5.36 -8.71
N ALA A 79 -2.25 4.66 -7.94
CA ALA A 79 -2.73 3.51 -7.19
C ALA A 79 -3.64 3.95 -6.06
N ILE A 80 -3.39 5.12 -5.50
CA ILE A 80 -4.21 5.61 -4.41
C ILE A 80 -5.61 5.99 -4.86
N ASN A 81 -5.75 6.56 -6.04
CA ASN A 81 -7.07 6.95 -6.49
C ASN A 81 -7.78 5.78 -7.13
N THR A 82 -7.01 4.90 -7.72
CA THR A 82 -7.56 3.76 -8.42
C THR A 82 -7.69 2.52 -7.52
N LEU A 83 -6.57 2.07 -6.97
CA LEU A 83 -6.51 0.80 -6.25
C LEU A 83 -6.91 0.92 -4.78
N ASN A 84 -6.79 2.10 -4.20
CA ASN A 84 -7.18 2.27 -2.82
C ASN A 84 -8.68 2.11 -2.66
N GLY A 85 -9.06 1.04 -1.96
CA GLY A 85 -10.45 0.65 -1.87
C GLY A 85 -10.80 -0.41 -2.90
N LEU A 86 -9.80 -1.19 -3.28
CA LEU A 86 -9.98 -2.24 -4.28
C LEU A 86 -10.44 -3.51 -3.60
N ARG A 87 -11.34 -4.23 -4.25
CA ARG A 87 -11.78 -5.52 -3.76
C ARG A 87 -10.77 -6.60 -4.14
N LEU A 88 -9.79 -6.78 -3.28
CA LEU A 88 -8.80 -7.82 -3.44
C LEU A 88 -9.23 -9.06 -2.70
N GLN A 89 -9.60 -10.10 -3.44
CA GLN A 89 -10.05 -11.35 -2.86
C GLN A 89 -11.23 -11.11 -1.92
N SER A 90 -12.06 -10.16 -2.31
CA SER A 90 -13.29 -9.80 -1.59
C SER A 90 -13.00 -8.83 -0.44
N LYS A 91 -11.72 -8.57 -0.23
CA LYS A 91 -11.26 -7.63 0.80
C LYS A 91 -11.09 -6.24 0.22
N THR A 92 -11.24 -5.24 1.05
CA THR A 92 -11.00 -3.87 0.61
C THR A 92 -9.74 -3.33 1.26
N ILE A 93 -8.82 -2.91 0.41
CA ILE A 93 -7.50 -2.47 0.84
C ILE A 93 -7.40 -0.95 0.83
N LYS A 94 -6.37 -0.40 1.46
CA LYS A 94 -6.16 1.04 1.44
C LYS A 94 -4.71 1.36 1.15
N VAL A 95 -4.47 1.95 -0.01
CA VAL A 95 -3.12 2.28 -0.43
C VAL A 95 -2.85 3.77 -0.21
N SER A 96 -1.63 4.09 0.18
CA SER A 96 -1.19 5.45 0.46
C SER A 96 0.33 5.47 0.43
N TYR A 97 0.93 6.65 0.31
CA TYR A 97 2.39 6.74 0.38
C TYR A 97 2.84 6.33 1.76
N ALA A 98 3.65 5.28 1.83
CA ALA A 98 4.18 4.82 3.10
C ALA A 98 5.20 5.82 3.61
N ARG A 99 4.80 6.56 4.64
CA ARG A 99 5.53 7.73 5.10
C ARG A 99 7.03 7.43 5.29
N PRO A 100 7.87 7.97 4.40
CA PRO A 100 9.31 7.80 4.48
C PRO A 100 9.97 8.86 5.35
N SER A 101 10.52 8.41 6.49
CA SER A 101 11.22 9.25 7.42
C SER A 101 11.47 8.48 8.70
N GLY A 1 -3.92 17.89 17.81
CA GLY A 1 -5.04 16.97 17.48
C GLY A 1 -4.64 15.52 17.57
N HIS A 2 -5.41 14.65 16.93
CA HIS A 2 -5.12 13.23 16.91
C HIS A 2 -5.34 12.66 15.51
N MET A 3 -4.40 12.93 14.63
CA MET A 3 -4.48 12.49 13.24
C MET A 3 -4.23 10.99 13.14
N SER A 4 -5.12 10.30 12.43
CA SER A 4 -4.98 8.88 12.22
C SER A 4 -3.89 8.60 11.19
N ASN A 5 -2.85 7.88 11.60
CA ASN A 5 -1.73 7.63 10.72
C ASN A 5 -1.49 6.14 10.53
N GLY A 6 -0.64 5.84 9.57
CA GLY A 6 -0.48 4.47 9.13
C GLY A 6 -1.28 4.23 7.86
N TYR A 7 -2.00 5.25 7.43
CA TYR A 7 -2.88 5.17 6.26
C TYR A 7 -3.30 6.55 5.72
N GLU A 8 -4.52 6.98 5.98
CA GLU A 8 -5.06 8.21 5.38
C GLU A 8 -4.54 9.48 6.05
N ASP A 9 -5.25 10.57 5.74
CA ASP A 9 -4.99 11.92 6.27
C ASP A 9 -3.87 12.60 5.51
N HIS A 10 -2.73 11.94 5.51
CA HIS A 10 -1.56 12.44 4.80
C HIS A 10 -1.54 11.94 3.36
N MET A 11 -2.69 11.50 2.87
CA MET A 11 -2.81 11.05 1.49
C MET A 11 -3.26 12.20 0.60
N ALA A 12 -3.04 13.41 1.10
CA ALA A 12 -3.37 14.62 0.38
C ALA A 12 -2.25 15.64 0.56
N GLU A 13 -2.06 16.07 1.80
CA GLU A 13 -0.99 17.01 2.13
C GLU A 13 -0.67 16.98 3.62
N ASP A 14 0.30 16.16 4.01
CA ASP A 14 0.74 16.07 5.39
C ASP A 14 1.89 15.07 5.51
N CYS A 15 2.76 15.30 6.50
CA CYS A 15 3.88 14.42 6.77
C CYS A 15 4.88 14.40 5.61
N ARG A 16 5.85 13.50 5.68
CA ARG A 16 6.84 13.34 4.62
C ARG A 16 6.25 12.46 3.51
N GLY A 17 5.09 12.83 3.03
CA GLY A 17 4.41 12.03 2.04
C GLY A 17 4.11 12.82 0.79
N ASP A 18 4.97 13.79 0.47
CA ASP A 18 4.76 14.63 -0.71
C ASP A 18 6.10 15.10 -1.26
N ILE A 19 7.14 14.32 -1.01
CA ILE A 19 8.48 14.64 -1.49
C ILE A 19 8.77 13.87 -2.76
N GLY A 20 9.00 12.58 -2.58
CA GLY A 20 9.21 11.68 -3.70
C GLY A 20 8.77 10.28 -3.32
N ARG A 21 7.65 10.23 -2.61
CA ARG A 21 7.15 8.99 -2.04
C ARG A 21 6.66 8.00 -3.09
N THR A 22 7.48 7.00 -3.36
CA THR A 22 7.12 5.94 -4.27
C THR A 22 6.71 4.70 -3.49
N ASN A 23 7.15 4.64 -2.25
CA ASN A 23 6.88 3.49 -1.39
C ASN A 23 5.46 3.58 -0.87
N LEU A 24 4.65 2.60 -1.22
CA LEU A 24 3.28 2.57 -0.76
C LEU A 24 3.07 1.47 0.26
N ILE A 25 2.58 1.87 1.43
CA ILE A 25 2.19 0.94 2.45
C ILE A 25 0.73 0.58 2.24
N VAL A 26 0.45 -0.70 2.18
CA VAL A 26 -0.90 -1.14 1.91
C VAL A 26 -1.42 -2.01 3.02
N ASN A 27 -2.38 -1.48 3.75
CA ASN A 27 -2.99 -2.21 4.83
C ASN A 27 -4.27 -2.84 4.34
N TYR A 28 -4.91 -3.60 5.22
CA TYR A 28 -6.19 -4.21 4.92
C TYR A 28 -6.06 -5.19 3.75
N LEU A 29 -4.90 -5.81 3.64
CA LEU A 29 -4.68 -6.85 2.64
C LEU A 29 -5.37 -8.14 3.08
N PRO A 30 -5.79 -8.96 2.11
CA PRO A 30 -6.33 -10.28 2.40
C PRO A 30 -5.35 -11.10 3.24
N GLN A 31 -5.89 -11.86 4.17
CA GLN A 31 -5.06 -12.60 5.12
C GLN A 31 -4.48 -13.86 4.48
N ASN A 32 -4.95 -14.17 3.28
CA ASN A 32 -4.46 -15.32 2.52
C ASN A 32 -3.72 -14.84 1.26
N MET A 33 -3.45 -13.54 1.22
CA MET A 33 -2.85 -12.90 0.05
C MET A 33 -1.40 -13.31 -0.20
N THR A 34 -0.91 -12.97 -1.39
CA THR A 34 0.48 -13.18 -1.78
C THR A 34 1.08 -11.87 -2.22
N GLN A 35 2.41 -11.78 -2.28
CA GLN A 35 3.06 -10.60 -2.84
C GLN A 35 2.50 -10.32 -4.21
N ASP A 36 2.40 -11.38 -5.00
CA ASP A 36 1.99 -11.27 -6.39
C ASP A 36 0.63 -10.63 -6.54
N GLU A 37 -0.28 -10.91 -5.61
CA GLU A 37 -1.61 -10.31 -5.66
C GLU A 37 -1.52 -8.83 -5.31
N LEU A 38 -0.79 -8.54 -4.24
CA LEU A 38 -0.55 -7.18 -3.79
C LEU A 38 0.24 -6.41 -4.87
N ARG A 39 1.08 -7.15 -5.56
CA ARG A 39 1.93 -6.59 -6.59
C ARG A 39 1.16 -6.37 -7.88
N SER A 40 0.31 -7.33 -8.27
CA SER A 40 -0.39 -7.27 -9.56
C SER A 40 -1.46 -6.17 -9.56
N LEU A 41 -2.14 -6.02 -8.43
CA LEU A 41 -3.17 -5.01 -8.28
C LEU A 41 -2.58 -3.62 -8.38
N PHE A 42 -1.42 -3.44 -7.78
CA PHE A 42 -0.72 -2.17 -7.88
C PHE A 42 -0.02 -2.06 -9.22
N SER A 43 0.26 -3.19 -9.83
CA SER A 43 0.79 -3.22 -11.18
C SER A 43 -0.32 -2.86 -12.17
N SER A 44 -1.56 -2.98 -11.72
CA SER A 44 -2.72 -2.60 -12.51
C SER A 44 -2.80 -1.07 -12.58
N ILE A 45 -2.27 -0.41 -11.56
CA ILE A 45 -2.07 1.04 -11.61
C ILE A 45 -0.97 1.39 -12.61
N GLY A 46 0.14 0.68 -12.51
CA GLY A 46 1.28 0.99 -13.35
C GLY A 46 2.48 0.14 -13.01
N GLU A 47 3.66 0.72 -13.12
CA GLU A 47 4.89 -0.01 -12.88
C GLU A 47 5.25 -0.04 -11.41
N VAL A 48 5.24 -1.24 -10.86
CA VAL A 48 5.65 -1.47 -9.50
C VAL A 48 7.10 -1.85 -9.45
N GLU A 49 7.83 -1.10 -8.66
CA GLU A 49 9.25 -1.28 -8.54
C GLU A 49 9.55 -2.47 -7.65
N SER A 50 8.80 -2.59 -6.55
CA SER A 50 8.90 -3.77 -5.68
C SER A 50 7.71 -3.84 -4.74
N ALA A 51 7.05 -4.98 -4.67
CA ALA A 51 5.93 -5.15 -3.78
C ALA A 51 6.15 -6.27 -2.79
N LYS A 52 6.14 -5.91 -1.52
CA LYS A 52 6.42 -6.84 -0.45
C LYS A 52 5.14 -7.15 0.31
N LEU A 53 4.92 -8.42 0.58
CA LEU A 53 3.78 -8.86 1.36
C LEU A 53 4.25 -9.34 2.72
N ILE A 54 3.51 -9.00 3.75
CA ILE A 54 3.92 -9.34 5.10
C ILE A 54 3.03 -10.43 5.67
N ARG A 55 3.63 -11.54 6.05
CA ARG A 55 2.91 -12.61 6.70
C ARG A 55 3.57 -12.95 8.02
N ASP A 56 2.83 -13.62 8.89
CA ASP A 56 3.33 -13.96 10.21
C ASP A 56 4.51 -14.93 10.11
N LYS A 57 5.45 -14.74 11.02
CA LYS A 57 6.67 -15.52 11.09
C LYS A 57 6.43 -16.99 11.38
N VAL A 58 5.22 -17.32 11.78
CA VAL A 58 4.89 -18.65 12.22
C VAL A 58 3.58 -19.14 11.64
N ALA A 59 2.54 -18.36 11.86
CA ALA A 59 1.21 -18.73 11.41
C ALA A 59 1.09 -18.66 9.90
N GLY A 60 2.10 -18.08 9.28
CA GLY A 60 2.22 -18.06 7.83
C GLY A 60 1.05 -17.41 7.13
N HIS A 61 0.33 -16.54 7.83
CA HIS A 61 -0.78 -15.83 7.21
C HIS A 61 -0.45 -14.36 7.07
N SER A 62 -0.92 -13.74 5.99
CA SER A 62 -0.67 -12.35 5.75
C SER A 62 -1.26 -11.50 6.87
N LEU A 63 -0.45 -10.59 7.38
CA LEU A 63 -0.84 -9.81 8.56
C LEU A 63 -1.68 -8.60 8.16
N GLY A 64 -2.10 -8.58 6.91
CA GLY A 64 -3.02 -7.56 6.45
C GLY A 64 -2.34 -6.28 6.05
N TYR A 65 -1.07 -6.35 5.69
CA TYR A 65 -0.37 -5.16 5.22
C TYR A 65 0.86 -5.54 4.43
N GLY A 66 1.34 -4.61 3.61
CA GLY A 66 2.51 -4.83 2.80
C GLY A 66 3.10 -3.53 2.28
N PHE A 67 4.14 -3.62 1.46
CA PHE A 67 4.85 -2.45 0.99
C PHE A 67 5.16 -2.56 -0.50
N VAL A 68 4.47 -1.78 -1.32
CA VAL A 68 4.73 -1.75 -2.74
C VAL A 68 5.28 -0.41 -3.17
N ASN A 69 6.53 -0.42 -3.61
CA ASN A 69 7.20 0.75 -4.11
C ASN A 69 6.94 0.89 -5.59
N TYR A 70 6.48 2.05 -6.02
CA TYR A 70 6.26 2.30 -7.42
C TYR A 70 7.52 2.87 -8.06
N VAL A 71 7.56 2.81 -9.39
CA VAL A 71 8.64 3.41 -10.15
C VAL A 71 8.48 4.93 -10.17
N THR A 72 7.26 5.37 -9.87
CA THR A 72 6.91 6.78 -9.80
C THR A 72 6.29 7.09 -8.45
N ALA A 73 6.28 8.36 -8.10
CA ALA A 73 5.46 8.82 -6.99
C ALA A 73 4.10 9.23 -7.56
N LYS A 74 4.08 9.34 -8.88
CA LYS A 74 2.87 9.63 -9.64
C LYS A 74 1.86 8.49 -9.54
N ASP A 75 2.30 7.28 -9.84
CA ASP A 75 1.43 6.11 -9.76
C ASP A 75 1.19 5.71 -8.31
N ALA A 76 2.02 6.21 -7.41
CA ALA A 76 1.81 6.03 -5.98
C ALA A 76 0.50 6.67 -5.55
N GLU A 77 0.37 7.96 -5.80
CA GLU A 77 -0.87 8.68 -5.56
C GLU A 77 -2.01 8.05 -6.35
N ARG A 78 -1.66 7.54 -7.53
CA ARG A 78 -2.62 6.93 -8.42
C ARG A 78 -3.19 5.68 -7.77
N ALA A 79 -2.34 4.95 -7.07
CA ALA A 79 -2.77 3.75 -6.36
C ALA A 79 -3.60 4.12 -5.15
N ILE A 80 -3.26 5.22 -4.51
CA ILE A 80 -4.01 5.66 -3.33
C ILE A 80 -5.40 6.16 -3.69
N ASN A 81 -5.56 6.82 -4.80
CA ASN A 81 -6.86 7.33 -5.15
C ASN A 81 -7.69 6.28 -5.87
N THR A 82 -7.00 5.37 -6.53
CA THR A 82 -7.64 4.31 -7.27
C THR A 82 -7.82 3.04 -6.42
N LEU A 83 -6.71 2.48 -5.96
CA LEU A 83 -6.68 1.16 -5.33
C LEU A 83 -7.07 1.19 -3.86
N ASN A 84 -6.92 2.32 -3.21
CA ASN A 84 -7.28 2.42 -1.80
C ASN A 84 -8.78 2.20 -1.62
N GLY A 85 -9.13 1.07 -1.00
CA GLY A 85 -10.52 0.68 -0.85
C GLY A 85 -10.99 -0.16 -2.01
N LEU A 86 -10.05 -0.81 -2.68
CA LEU A 86 -10.36 -1.67 -3.81
C LEU A 86 -10.35 -3.12 -3.36
N ARG A 87 -11.25 -3.90 -3.93
CA ARG A 87 -11.49 -5.26 -3.49
C ARG A 87 -10.43 -6.23 -4.02
N LEU A 88 -9.58 -6.67 -3.12
CA LEU A 88 -8.56 -7.65 -3.44
C LEU A 88 -8.89 -8.97 -2.77
N GLN A 89 -9.16 -9.99 -3.59
CA GLN A 89 -9.50 -11.31 -3.09
C GLN A 89 -10.67 -11.25 -2.12
N SER A 90 -11.59 -10.33 -2.39
CA SER A 90 -12.81 -10.15 -1.61
C SER A 90 -12.52 -9.41 -0.29
N LYS A 91 -11.36 -8.77 -0.24
CA LYS A 91 -10.95 -7.99 0.92
C LYS A 91 -10.69 -6.55 0.48
N THR A 92 -11.08 -5.58 1.31
CA THR A 92 -10.88 -4.19 0.98
C THR A 92 -9.57 -3.68 1.59
N ILE A 93 -8.71 -3.12 0.75
CA ILE A 93 -7.39 -2.68 1.15
C ILE A 93 -7.32 -1.17 1.36
N LYS A 94 -6.24 -0.69 1.98
CA LYS A 94 -6.01 0.75 2.10
C LYS A 94 -4.55 1.05 1.88
N VAL A 95 -4.26 1.78 0.81
CA VAL A 95 -2.89 2.06 0.40
C VAL A 95 -2.50 3.50 0.75
N SER A 96 -1.23 3.72 1.04
CA SER A 96 -0.72 5.02 1.43
C SER A 96 0.79 5.05 1.20
N TYR A 97 1.41 6.16 1.53
CA TYR A 97 2.87 6.27 1.45
C TYR A 97 3.47 5.64 2.68
N ALA A 98 4.26 4.59 2.48
CA ALA A 98 4.97 3.98 3.58
C ALA A 98 6.09 4.93 4.00
N ARG A 99 6.06 5.33 5.27
CA ARG A 99 6.87 6.44 5.78
C ARG A 99 8.31 6.42 5.26
N PRO A 100 8.63 7.36 4.35
CA PRO A 100 9.98 7.51 3.81
C PRO A 100 10.90 8.28 4.75
N SER A 101 11.93 7.61 5.22
CA SER A 101 12.92 8.18 6.08
C SER A 101 13.74 9.23 5.33
N GLY A 1 3.52 11.04 19.98
CA GLY A 1 2.49 12.10 19.90
C GLY A 1 1.11 11.53 19.64
N HIS A 2 0.11 12.39 19.54
CA HIS A 2 -1.25 11.97 19.27
C HIS A 2 -1.43 11.76 17.76
N MET A 3 -0.99 10.62 17.28
CA MET A 3 -1.06 10.33 15.86
C MET A 3 -2.47 9.88 15.49
N SER A 4 -2.83 8.64 15.84
CA SER A 4 -4.13 8.05 15.52
C SER A 4 -4.59 8.42 14.10
N ASN A 5 -3.83 7.97 13.11
CA ASN A 5 -4.05 8.39 11.75
C ASN A 5 -4.63 7.26 10.92
N GLY A 6 -5.58 7.59 10.06
CA GLY A 6 -6.22 6.61 9.22
C GLY A 6 -5.57 6.50 7.86
N TYR A 7 -4.31 6.92 7.77
CA TYR A 7 -3.47 6.80 6.57
C TYR A 7 -3.89 7.76 5.46
N GLU A 8 -5.18 7.79 5.14
CA GLU A 8 -5.65 8.57 3.99
C GLU A 8 -5.86 10.04 4.36
N ASP A 9 -4.98 10.54 5.21
CA ASP A 9 -4.99 11.94 5.60
C ASP A 9 -4.11 12.74 4.65
N HIS A 10 -3.32 12.01 3.89
CA HIS A 10 -2.46 12.57 2.86
C HIS A 10 -2.76 11.89 1.54
N MET A 11 -4.03 11.60 1.34
CA MET A 11 -4.52 10.94 0.14
C MET A 11 -4.89 11.99 -0.90
N ALA A 12 -5.26 13.16 -0.43
CA ALA A 12 -5.68 14.24 -1.30
C ALA A 12 -4.56 15.27 -1.47
N GLU A 13 -4.01 15.76 -0.36
CA GLU A 13 -2.98 16.78 -0.38
C GLU A 13 -2.36 16.97 0.99
N ASP A 14 -1.36 17.86 1.06
CA ASP A 14 -0.75 18.31 2.32
C ASP A 14 0.17 17.25 2.93
N CYS A 15 0.93 17.69 3.93
CA CYS A 15 1.75 16.82 4.78
C CYS A 15 3.02 16.33 4.11
N ARG A 16 3.96 15.91 4.94
CA ARG A 16 5.25 15.44 4.48
C ARG A 16 5.27 13.92 4.49
N GLY A 17 4.49 13.38 3.57
CA GLY A 17 4.37 11.95 3.41
C GLY A 17 3.72 11.68 2.10
N ASP A 18 4.39 12.10 1.02
CA ASP A 18 3.75 12.24 -0.29
C ASP A 18 4.69 12.89 -1.30
N ILE A 19 5.48 13.86 -0.81
CA ILE A 19 6.32 14.74 -1.64
C ILE A 19 6.74 14.08 -2.96
N GLY A 20 7.64 13.12 -2.85
CA GLY A 20 8.06 12.36 -4.01
C GLY A 20 8.45 10.96 -3.64
N ARG A 21 7.72 10.37 -2.70
CA ARG A 21 8.02 9.03 -2.22
C ARG A 21 7.38 8.00 -3.12
N THR A 22 8.06 6.87 -3.26
CA THR A 22 7.61 5.83 -4.15
C THR A 22 7.14 4.61 -3.37
N ASN A 23 7.46 4.57 -2.08
CA ASN A 23 7.09 3.45 -1.23
C ASN A 23 5.66 3.59 -0.76
N LEU A 24 4.84 2.61 -1.04
CA LEU A 24 3.44 2.63 -0.66
C LEU A 24 3.12 1.56 0.35
N ILE A 25 2.71 1.99 1.52
CA ILE A 25 2.20 1.09 2.52
C ILE A 25 0.77 0.75 2.17
N VAL A 26 0.49 -0.52 2.06
CA VAL A 26 -0.85 -0.95 1.73
C VAL A 26 -1.40 -1.78 2.86
N ASN A 27 -2.23 -1.16 3.66
CA ASN A 27 -2.77 -1.81 4.83
C ASN A 27 -4.07 -2.50 4.46
N TYR A 28 -4.61 -3.25 5.42
CA TYR A 28 -5.89 -3.91 5.26
C TYR A 28 -5.87 -4.92 4.12
N LEU A 29 -4.72 -5.54 3.92
CA LEU A 29 -4.59 -6.60 2.93
C LEU A 29 -5.33 -7.84 3.40
N PRO A 30 -5.88 -8.64 2.48
CA PRO A 30 -6.55 -9.90 2.83
C PRO A 30 -5.61 -10.81 3.59
N GLN A 31 -6.14 -11.49 4.60
CA GLN A 31 -5.32 -12.28 5.52
C GLN A 31 -4.72 -13.52 4.85
N ASN A 32 -5.17 -13.81 3.64
CA ASN A 32 -4.68 -14.97 2.91
C ASN A 32 -3.98 -14.56 1.61
N MET A 33 -3.77 -13.26 1.41
CA MET A 33 -3.23 -12.77 0.16
C MET A 33 -1.71 -12.95 0.07
N THR A 34 -1.18 -12.79 -1.14
CA THR A 34 0.24 -12.99 -1.41
C THR A 34 0.89 -11.69 -1.86
N GLN A 35 2.23 -11.67 -1.92
CA GLN A 35 2.94 -10.55 -2.53
C GLN A 35 2.43 -10.34 -3.93
N ASP A 36 2.36 -11.42 -4.67
CA ASP A 36 2.01 -11.37 -6.08
C ASP A 36 0.66 -10.72 -6.31
N GLU A 37 -0.28 -10.92 -5.39
CA GLU A 37 -1.58 -10.28 -5.50
C GLU A 37 -1.46 -8.80 -5.18
N LEU A 38 -0.78 -8.50 -4.08
CA LEU A 38 -0.49 -7.13 -3.67
C LEU A 38 0.30 -6.42 -4.78
N ARG A 39 1.18 -7.16 -5.40
CA ARG A 39 2.07 -6.66 -6.43
C ARG A 39 1.32 -6.48 -7.75
N SER A 40 0.51 -7.46 -8.14
CA SER A 40 -0.18 -7.42 -9.44
C SER A 40 -1.25 -6.33 -9.48
N LEU A 41 -1.89 -6.11 -8.34
CA LEU A 41 -2.92 -5.07 -8.21
C LEU A 41 -2.28 -3.70 -8.38
N PHE A 42 -1.11 -3.53 -7.83
CA PHE A 42 -0.39 -2.28 -7.98
C PHE A 42 0.33 -2.25 -9.33
N SER A 43 0.67 -3.42 -9.83
CA SER A 43 1.20 -3.55 -11.17
C SER A 43 0.11 -3.23 -12.20
N SER A 44 -1.13 -3.24 -11.73
CA SER A 44 -2.26 -2.87 -12.55
C SER A 44 -2.35 -1.34 -12.66
N ILE A 45 -1.84 -0.64 -11.67
CA ILE A 45 -1.63 0.80 -11.77
C ILE A 45 -0.53 1.10 -12.77
N GLY A 46 0.58 0.39 -12.60
CA GLY A 46 1.74 0.60 -13.41
C GLY A 46 2.85 -0.33 -12.99
N GLU A 47 4.06 -0.06 -13.41
CA GLU A 47 5.17 -0.91 -13.03
C GLU A 47 5.53 -0.70 -11.56
N VAL A 48 5.95 -1.78 -10.95
CA VAL A 48 6.19 -1.80 -9.51
C VAL A 48 7.63 -2.19 -9.26
N GLU A 49 8.32 -1.27 -8.63
CA GLU A 49 9.71 -1.40 -8.33
C GLU A 49 9.93 -2.60 -7.40
N SER A 50 9.15 -2.67 -6.34
CA SER A 50 9.18 -3.83 -5.45
C SER A 50 7.95 -3.85 -4.54
N ALA A 51 7.25 -4.97 -4.50
CA ALA A 51 6.07 -5.08 -3.63
C ALA A 51 6.27 -6.15 -2.58
N LYS A 52 6.13 -5.74 -1.33
CA LYS A 52 6.30 -6.63 -0.21
C LYS A 52 4.96 -6.91 0.45
N LEU A 53 4.70 -8.17 0.74
CA LEU A 53 3.55 -8.56 1.52
C LEU A 53 4.01 -8.97 2.89
N ILE A 54 3.30 -8.56 3.90
CA ILE A 54 3.66 -8.93 5.24
C ILE A 54 2.86 -10.13 5.68
N ARG A 55 3.55 -11.24 5.83
CA ARG A 55 2.89 -12.49 6.15
C ARG A 55 3.66 -13.18 7.26
N ASP A 56 2.98 -14.00 8.02
CA ASP A 56 3.57 -14.64 9.18
C ASP A 56 4.46 -15.80 8.75
N LYS A 57 5.60 -15.88 9.40
CA LYS A 57 6.63 -16.88 9.15
C LYS A 57 6.13 -18.30 9.35
N VAL A 58 5.11 -18.45 10.16
CA VAL A 58 4.70 -19.74 10.66
C VAL A 58 3.25 -20.02 10.34
N ALA A 59 2.40 -19.09 10.73
CA ALA A 59 0.98 -19.23 10.50
C ALA A 59 0.63 -18.98 9.03
N GLY A 60 1.65 -18.54 8.30
CA GLY A 60 1.55 -18.38 6.85
C GLY A 60 0.38 -17.53 6.40
N HIS A 61 -0.01 -16.56 7.21
CA HIS A 61 -1.13 -15.71 6.85
C HIS A 61 -0.68 -14.26 6.82
N SER A 62 -1.24 -13.49 5.88
CA SER A 62 -0.93 -12.08 5.77
C SER A 62 -1.33 -11.37 7.05
N LEU A 63 -0.46 -10.50 7.53
CA LEU A 63 -0.70 -9.81 8.79
C LEU A 63 -1.54 -8.57 8.58
N GLY A 64 -1.99 -8.38 7.34
CA GLY A 64 -2.96 -7.34 7.06
C GLY A 64 -2.34 -6.06 6.54
N TYR A 65 -1.15 -6.13 5.98
CA TYR A 65 -0.52 -4.96 5.38
C TYR A 65 0.69 -5.34 4.55
N GLY A 66 1.17 -4.39 3.75
CA GLY A 66 2.31 -4.62 2.90
C GLY A 66 2.94 -3.32 2.44
N PHE A 67 3.97 -3.41 1.61
CA PHE A 67 4.70 -2.24 1.14
C PHE A 67 5.11 -2.41 -0.32
N VAL A 68 4.47 -1.68 -1.21
CA VAL A 68 4.84 -1.72 -2.61
C VAL A 68 5.46 -0.40 -3.05
N ASN A 69 6.72 -0.49 -3.40
CA ASN A 69 7.47 0.65 -3.91
C ASN A 69 7.29 0.72 -5.41
N TYR A 70 6.77 1.84 -5.88
CA TYR A 70 6.63 2.04 -7.30
C TYR A 70 7.91 2.58 -7.90
N VAL A 71 7.98 2.53 -9.22
CA VAL A 71 9.13 3.08 -9.94
C VAL A 71 9.03 4.60 -9.95
N THR A 72 7.81 5.08 -9.78
CA THR A 72 7.52 6.51 -9.73
C THR A 72 6.80 6.86 -8.44
N ALA A 73 6.78 8.14 -8.12
CA ALA A 73 5.86 8.63 -7.10
C ALA A 73 4.54 8.96 -7.79
N LYS A 74 4.62 9.03 -9.12
CA LYS A 74 3.49 9.24 -10.00
C LYS A 74 2.48 8.09 -9.90
N ASP A 75 2.94 6.86 -10.15
CA ASP A 75 2.06 5.69 -10.06
C ASP A 75 1.76 5.36 -8.60
N ALA A 76 2.56 5.92 -7.69
CA ALA A 76 2.32 5.78 -6.26
C ALA A 76 1.03 6.50 -5.87
N GLU A 77 0.98 7.80 -6.16
CA GLU A 77 -0.24 8.58 -5.96
C GLU A 77 -1.37 7.99 -6.78
N ARG A 78 -1.02 7.43 -7.93
CA ARG A 78 -1.98 6.80 -8.81
C ARG A 78 -2.63 5.64 -8.10
N ALA A 79 -1.83 4.88 -7.36
CA ALA A 79 -2.34 3.74 -6.63
C ALA A 79 -3.21 4.21 -5.48
N ILE A 80 -2.86 5.33 -4.88
CA ILE A 80 -3.61 5.85 -3.76
C ILE A 80 -4.96 6.42 -4.18
N ASN A 81 -5.03 7.03 -5.34
CA ASN A 81 -6.28 7.61 -5.78
C ASN A 81 -7.11 6.62 -6.55
N THR A 82 -6.43 5.69 -7.19
CA THR A 82 -7.08 4.70 -8.01
C THR A 82 -7.44 3.44 -7.20
N LEU A 83 -6.43 2.78 -6.64
CA LEU A 83 -6.63 1.51 -5.97
C LEU A 83 -7.15 1.68 -4.55
N ASN A 84 -6.49 2.55 -3.76
CA ASN A 84 -6.75 2.67 -2.33
C ASN A 84 -8.25 2.57 -1.98
N GLY A 85 -8.59 1.45 -1.36
CA GLY A 85 -9.98 1.08 -1.17
C GLY A 85 -10.40 0.02 -2.17
N LEU A 86 -9.42 -0.70 -2.71
CA LEU A 86 -9.69 -1.73 -3.70
C LEU A 86 -10.10 -3.01 -3.01
N ARG A 87 -11.18 -3.61 -3.49
CA ARG A 87 -11.68 -4.85 -2.93
C ARG A 87 -10.81 -6.01 -3.40
N LEU A 88 -9.79 -6.31 -2.62
CA LEU A 88 -8.90 -7.43 -2.90
C LEU A 88 -9.38 -8.66 -2.17
N GLN A 89 -9.88 -9.63 -2.92
CA GLN A 89 -10.34 -10.91 -2.36
C GLN A 89 -11.37 -10.67 -1.26
N SER A 90 -12.21 -9.67 -1.51
CA SER A 90 -13.33 -9.27 -0.63
C SER A 90 -12.87 -8.34 0.49
N LYS A 91 -11.56 -8.12 0.56
CA LYS A 91 -10.97 -7.27 1.59
C LYS A 91 -10.63 -5.90 1.01
N THR A 92 -10.96 -4.84 1.71
CA THR A 92 -10.68 -3.50 1.21
C THR A 92 -9.38 -2.96 1.79
N ILE A 93 -8.45 -2.66 0.91
CA ILE A 93 -7.11 -2.26 1.29
C ILE A 93 -6.96 -0.75 1.37
N LYS A 94 -5.88 -0.28 1.99
CA LYS A 94 -5.62 1.13 2.05
C LYS A 94 -4.15 1.41 1.71
N VAL A 95 -3.94 2.01 0.56
CA VAL A 95 -2.60 2.31 0.09
C VAL A 95 -2.26 3.78 0.30
N SER A 96 -1.06 4.02 0.77
CA SER A 96 -0.55 5.35 1.02
C SER A 96 0.97 5.31 1.05
N TYR A 97 1.62 6.45 1.00
CA TYR A 97 3.07 6.51 1.15
C TYR A 97 3.46 5.95 2.51
N ALA A 98 4.22 4.86 2.51
CA ALA A 98 4.68 4.27 3.75
C ALA A 98 5.69 5.18 4.40
N ARG A 99 5.43 5.58 5.65
CA ARG A 99 6.25 6.55 6.36
C ARG A 99 7.72 6.14 6.33
N PRO A 100 8.56 6.86 5.56
CA PRO A 100 9.99 6.60 5.49
C PRO A 100 10.68 6.93 6.81
N SER A 101 11.43 5.97 7.33
CA SER A 101 12.10 6.11 8.58
C SER A 101 12.90 4.84 8.89
N GLY A 1 -18.54 3.15 3.98
CA GLY A 1 -18.47 4.59 3.63
C GLY A 1 -18.07 4.80 2.20
N HIS A 2 -17.84 6.05 1.82
CA HIS A 2 -17.42 6.36 0.46
C HIS A 2 -15.97 5.92 0.25
N MET A 3 -15.11 6.41 1.12
CA MET A 3 -13.69 6.07 1.08
C MET A 3 -13.04 6.48 2.39
N SER A 4 -13.22 7.74 2.76
CA SER A 4 -12.63 8.29 3.98
C SER A 4 -11.12 8.06 3.99
N ASN A 5 -10.42 8.77 3.13
CA ASN A 5 -8.98 8.61 3.01
C ASN A 5 -8.26 9.41 4.08
N GLY A 6 -8.39 8.95 5.32
CA GLY A 6 -7.67 9.57 6.41
C GLY A 6 -6.31 8.92 6.58
N TYR A 7 -6.26 7.93 7.47
CA TYR A 7 -5.07 7.12 7.68
C TYR A 7 -3.86 7.99 8.04
N GLU A 8 -3.73 8.30 9.32
CA GLU A 8 -2.60 9.08 9.79
C GLU A 8 -1.29 8.41 9.40
N ASP A 9 -0.53 9.12 8.59
CA ASP A 9 0.56 8.55 7.82
C ASP A 9 1.19 9.64 7.01
N HIS A 10 0.33 10.30 6.29
CA HIS A 10 0.65 11.51 5.54
C HIS A 10 -0.64 12.30 5.38
N MET A 11 -1.62 11.93 6.19
CA MET A 11 -2.95 12.48 6.16
C MET A 11 -2.93 13.98 6.44
N ALA A 12 -2.24 14.36 7.50
CA ALA A 12 -2.13 15.76 7.86
C ALA A 12 -0.79 16.31 7.40
N GLU A 13 -0.36 15.88 6.22
CA GLU A 13 0.92 16.28 5.65
C GLU A 13 2.02 15.83 6.59
N ASP A 14 2.91 16.75 6.97
CA ASP A 14 3.85 16.54 8.07
C ASP A 14 5.01 15.65 7.64
N CYS A 15 4.64 14.46 7.23
CA CYS A 15 5.60 13.43 6.90
C CYS A 15 6.20 13.65 5.53
N ARG A 16 7.26 12.93 5.25
CA ARG A 16 8.02 13.10 4.02
C ARG A 16 7.39 12.29 2.89
N GLY A 17 6.28 12.79 2.40
CA GLY A 17 5.55 12.08 1.36
C GLY A 17 5.25 12.98 0.19
N ASP A 18 6.19 13.83 -0.18
CA ASP A 18 6.00 14.72 -1.33
C ASP A 18 7.35 15.06 -1.96
N ILE A 19 8.33 14.21 -1.70
CA ILE A 19 9.67 14.39 -2.23
C ILE A 19 9.84 13.60 -3.52
N GLY A 20 10.03 12.30 -3.35
CA GLY A 20 10.10 11.39 -4.47
C GLY A 20 9.56 10.04 -4.07
N ARG A 21 8.47 10.10 -3.31
CA ARG A 21 7.91 8.93 -2.67
C ARG A 21 7.24 7.97 -3.66
N THR A 22 7.95 6.91 -3.99
CA THR A 22 7.42 5.88 -4.84
C THR A 22 7.04 4.66 -4.00
N ASN A 23 7.63 4.58 -2.81
CA ASN A 23 7.38 3.48 -1.89
C ASN A 23 6.01 3.64 -1.25
N LEU A 24 5.19 2.62 -1.36
CA LEU A 24 3.85 2.68 -0.80
C LEU A 24 3.66 1.63 0.26
N ILE A 25 3.46 2.08 1.49
CA ILE A 25 3.12 1.20 2.58
C ILE A 25 1.63 0.88 2.49
N VAL A 26 1.32 -0.38 2.41
CA VAL A 26 -0.06 -0.80 2.31
C VAL A 26 -0.44 -1.58 3.54
N ASN A 27 -1.19 -0.93 4.41
CA ASN A 27 -1.58 -1.53 5.67
C ASN A 27 -2.88 -2.29 5.48
N TYR A 28 -3.29 -2.99 6.53
CA TYR A 28 -4.57 -3.66 6.57
C TYR A 28 -4.72 -4.69 5.45
N LEU A 29 -3.61 -5.28 5.05
CA LEU A 29 -3.63 -6.34 4.05
C LEU A 29 -4.32 -7.57 4.62
N PRO A 30 -5.04 -8.32 3.77
CA PRO A 30 -5.70 -9.55 4.19
C PRO A 30 -4.69 -10.51 4.81
N GLN A 31 -5.08 -11.16 5.90
CA GLN A 31 -4.15 -11.99 6.67
C GLN A 31 -3.72 -13.25 5.92
N ASN A 32 -4.41 -13.56 4.82
CA ASN A 32 -4.10 -14.75 4.04
C ASN A 32 -3.62 -14.37 2.64
N MET A 33 -3.38 -13.10 2.41
CA MET A 33 -2.99 -12.64 1.08
C MET A 33 -1.49 -12.85 0.82
N THR A 34 -1.10 -12.70 -0.45
CA THR A 34 0.27 -12.91 -0.87
C THR A 34 0.87 -11.62 -1.43
N GLN A 35 2.17 -11.61 -1.62
CA GLN A 35 2.82 -10.48 -2.31
C GLN A 35 2.17 -10.27 -3.65
N ASP A 36 2.00 -11.37 -4.37
CA ASP A 36 1.51 -11.33 -5.74
C ASP A 36 0.13 -10.70 -5.81
N GLU A 37 -0.69 -10.89 -4.77
CA GLU A 37 -2.02 -10.31 -4.73
C GLU A 37 -1.95 -8.82 -4.45
N LEU A 38 -1.13 -8.46 -3.48
CA LEU A 38 -0.85 -7.06 -3.22
C LEU A 38 -0.31 -6.42 -4.49
N ARG A 39 0.77 -7.01 -4.95
CA ARG A 39 1.51 -6.56 -6.10
C ARG A 39 0.61 -6.41 -7.34
N SER A 40 -0.26 -7.39 -7.60
CA SER A 40 -1.10 -7.35 -8.79
C SER A 40 -2.15 -6.24 -8.70
N LEU A 41 -2.64 -6.03 -7.49
CA LEU A 41 -3.60 -4.98 -7.21
C LEU A 41 -2.98 -3.61 -7.46
N PHE A 42 -1.72 -3.47 -7.13
CA PHE A 42 -1.00 -2.24 -7.41
C PHE A 42 -0.54 -2.21 -8.86
N SER A 43 -0.40 -3.39 -9.45
CA SER A 43 -0.14 -3.50 -10.85
C SER A 43 -1.38 -3.11 -11.66
N SER A 44 -2.52 -2.98 -10.96
CA SER A 44 -3.75 -2.54 -11.59
C SER A 44 -3.65 -1.03 -11.86
N ILE A 45 -3.04 -0.33 -10.91
CA ILE A 45 -2.74 1.10 -11.09
C ILE A 45 -1.76 1.29 -12.22
N GLY A 46 -0.73 0.47 -12.25
CA GLY A 46 0.28 0.59 -13.27
C GLY A 46 1.39 -0.41 -13.07
N GLU A 47 2.60 -0.01 -13.39
CA GLU A 47 3.74 -0.86 -13.17
C GLU A 47 4.32 -0.64 -11.79
N VAL A 48 4.75 -1.72 -11.21
CA VAL A 48 5.21 -1.76 -9.83
C VAL A 48 6.65 -2.18 -9.78
N GLU A 49 7.43 -1.33 -9.17
CA GLU A 49 8.84 -1.51 -9.06
C GLU A 49 9.14 -2.74 -8.21
N SER A 50 8.52 -2.80 -7.04
CA SER A 50 8.70 -3.94 -6.14
C SER A 50 7.65 -3.93 -5.05
N ALA A 51 6.97 -5.06 -4.84
CA ALA A 51 5.94 -5.14 -3.83
C ALA A 51 6.22 -6.26 -2.84
N LYS A 52 6.29 -5.89 -1.57
CA LYS A 52 6.53 -6.85 -0.51
C LYS A 52 5.30 -7.04 0.33
N LEU A 53 5.10 -8.28 0.75
CA LEU A 53 4.05 -8.62 1.69
C LEU A 53 4.72 -9.05 2.98
N ILE A 54 4.26 -8.52 4.08
CA ILE A 54 4.94 -8.78 5.33
C ILE A 54 4.24 -9.87 6.10
N ARG A 55 4.96 -10.94 6.38
CA ARG A 55 4.44 -12.04 7.15
C ARG A 55 5.43 -12.43 8.22
N ASP A 56 5.03 -13.30 9.11
CA ASP A 56 6.00 -13.92 10.01
C ASP A 56 6.91 -14.81 9.15
N LYS A 57 7.95 -15.40 9.72
CA LYS A 57 8.80 -16.25 8.92
C LYS A 57 8.01 -17.46 8.44
N VAL A 58 7.03 -17.87 9.26
CA VAL A 58 6.25 -19.08 9.00
C VAL A 58 4.81 -18.94 9.49
N ALA A 59 4.66 -18.88 10.81
CA ALA A 59 3.37 -19.03 11.47
C ALA A 59 2.46 -17.85 11.27
N GLY A 60 3.02 -16.70 11.55
CA GLY A 60 2.28 -15.45 11.63
C GLY A 60 1.51 -15.07 10.38
N HIS A 61 1.77 -15.76 9.27
CA HIS A 61 1.21 -15.39 7.95
C HIS A 61 1.28 -13.89 7.69
N SER A 62 0.54 -13.41 6.70
CA SER A 62 0.49 -11.97 6.44
C SER A 62 0.19 -11.22 7.73
N LEU A 63 1.11 -10.36 8.11
CA LEU A 63 0.99 -9.64 9.37
C LEU A 63 0.10 -8.42 9.19
N GLY A 64 -0.39 -8.23 7.97
CA GLY A 64 -1.40 -7.23 7.72
C GLY A 64 -0.87 -5.94 7.16
N TYR A 65 0.29 -5.99 6.52
CA TYR A 65 0.83 -4.80 5.86
C TYR A 65 1.93 -5.19 4.88
N GLY A 66 2.29 -4.26 4.00
CA GLY A 66 3.30 -4.52 3.00
C GLY A 66 3.79 -3.24 2.36
N PHE A 67 4.72 -3.36 1.42
CA PHE A 67 5.34 -2.19 0.81
C PHE A 67 5.50 -2.39 -0.69
N VAL A 68 4.74 -1.65 -1.47
CA VAL A 68 4.89 -1.69 -2.91
C VAL A 68 5.47 -0.38 -3.43
N ASN A 69 6.70 -0.48 -3.89
CA ASN A 69 7.39 0.61 -4.52
C ASN A 69 6.94 0.72 -5.96
N TYR A 70 6.51 1.89 -6.37
CA TYR A 70 6.15 2.10 -7.75
C TYR A 70 7.34 2.62 -8.54
N VAL A 71 7.20 2.59 -9.85
CA VAL A 71 8.21 3.16 -10.74
C VAL A 71 8.09 4.68 -10.72
N THR A 72 6.88 5.14 -10.36
CA THR A 72 6.54 6.54 -10.31
C THR A 72 6.05 6.93 -8.93
N ALA A 73 6.19 8.19 -8.59
CA ALA A 73 5.52 8.74 -7.42
C ALA A 73 4.12 9.17 -7.84
N LYS A 74 3.95 9.27 -9.15
CA LYS A 74 2.67 9.60 -9.77
C LYS A 74 1.65 8.48 -9.56
N ASP A 75 1.99 7.26 -9.99
CA ASP A 75 1.11 6.11 -9.81
C ASP A 75 1.04 5.70 -8.35
N ALA A 76 1.99 6.19 -7.56
CA ALA A 76 1.95 6.01 -6.11
C ALA A 76 0.75 6.73 -5.53
N GLU A 77 0.62 8.01 -5.83
CA GLU A 77 -0.57 8.77 -5.44
C GLU A 77 -1.80 8.17 -6.08
N ARG A 78 -1.62 7.68 -7.29
CA ARG A 78 -2.71 7.09 -8.05
C ARG A 78 -3.23 5.86 -7.32
N ALA A 79 -2.31 5.14 -6.68
CA ALA A 79 -2.70 3.99 -5.89
C ALA A 79 -3.36 4.42 -4.59
N ILE A 80 -2.92 5.53 -4.04
CA ILE A 80 -3.51 6.02 -2.80
C ILE A 80 -4.92 6.55 -3.01
N ASN A 81 -5.17 7.23 -4.09
CA ASN A 81 -6.49 7.79 -4.31
C ASN A 81 -7.42 6.75 -4.90
N THR A 82 -6.85 5.80 -5.59
CA THR A 82 -7.62 4.73 -6.17
C THR A 82 -7.72 3.50 -5.24
N LEU A 83 -6.57 2.90 -4.94
CA LEU A 83 -6.51 1.61 -4.27
C LEU A 83 -6.64 1.70 -2.74
N ASN A 84 -6.35 2.85 -2.16
CA ASN A 84 -6.46 2.98 -0.70
C ASN A 84 -7.91 2.82 -0.28
N GLY A 85 -8.19 1.79 0.49
CA GLY A 85 -9.56 1.44 0.81
C GLY A 85 -10.13 0.43 -0.16
N LEU A 86 -9.25 -0.34 -0.79
CA LEU A 86 -9.66 -1.38 -1.71
C LEU A 86 -9.97 -2.65 -0.94
N ARG A 87 -11.06 -3.31 -1.30
CA ARG A 87 -11.39 -4.58 -0.68
C ARG A 87 -10.64 -5.72 -1.35
N LEU A 88 -9.43 -5.97 -0.87
CA LEU A 88 -8.63 -7.08 -1.32
C LEU A 88 -9.09 -8.34 -0.63
N GLN A 89 -9.73 -9.24 -1.38
CA GLN A 89 -10.27 -10.46 -0.81
C GLN A 89 -11.26 -10.11 0.30
N SER A 90 -11.90 -8.97 0.11
CA SER A 90 -12.93 -8.44 1.02
C SER A 90 -12.30 -7.72 2.22
N LYS A 91 -10.99 -7.56 2.20
CA LYS A 91 -10.27 -6.85 3.25
C LYS A 91 -9.86 -5.46 2.76
N THR A 92 -10.15 -4.42 3.52
CA THR A 92 -9.82 -3.06 3.12
C THR A 92 -8.40 -2.68 3.52
N ILE A 93 -7.63 -2.21 2.55
CA ILE A 93 -6.22 -1.90 2.75
C ILE A 93 -5.96 -0.39 2.84
N LYS A 94 -4.77 -0.03 3.30
CA LYS A 94 -4.34 1.36 3.38
C LYS A 94 -3.03 1.55 2.62
N VAL A 95 -3.11 2.04 1.40
CA VAL A 95 -1.91 2.34 0.64
C VAL A 95 -1.53 3.81 0.85
N SER A 96 -0.28 4.05 1.18
CA SER A 96 0.20 5.38 1.51
C SER A 96 1.70 5.42 1.30
N TYR A 97 2.28 6.60 1.18
CA TYR A 97 3.73 6.71 1.01
C TYR A 97 4.42 6.24 2.28
N ALA A 98 5.12 5.12 2.19
CA ALA A 98 5.89 4.63 3.31
C ALA A 98 7.12 5.53 3.48
N ARG A 99 6.98 6.55 4.32
CA ARG A 99 7.95 7.66 4.41
C ARG A 99 9.40 7.21 4.26
N PRO A 100 10.04 7.57 3.13
CA PRO A 100 11.45 7.27 2.87
C PRO A 100 12.37 8.14 3.72
N SER A 101 13.65 7.79 3.71
CA SER A 101 14.67 8.52 4.46
C SER A 101 14.34 8.50 5.95
N GLY A 1 -7.96 11.76 12.75
CA GLY A 1 -7.98 13.17 12.28
C GLY A 1 -9.38 13.72 12.20
N HIS A 2 -9.52 14.97 11.76
CA HIS A 2 -10.82 15.62 11.68
C HIS A 2 -11.69 14.99 10.60
N MET A 3 -11.05 14.45 9.58
CA MET A 3 -11.75 13.79 8.49
C MET A 3 -11.75 12.29 8.72
N SER A 4 -12.92 11.67 8.60
CA SER A 4 -13.04 10.23 8.76
C SER A 4 -12.54 9.51 7.50
N ASN A 5 -11.28 9.74 7.16
CA ASN A 5 -10.66 9.11 6.01
C ASN A 5 -10.38 7.64 6.31
N GLY A 6 -9.88 7.38 7.52
CA GLY A 6 -9.63 6.03 7.96
C GLY A 6 -8.17 5.69 7.86
N TYR A 7 -7.45 6.43 7.05
CA TYR A 7 -6.05 6.17 6.78
C TYR A 7 -5.23 7.42 7.04
N GLU A 8 -5.64 8.19 8.06
CA GLU A 8 -4.93 9.42 8.41
C GLU A 8 -3.48 9.14 8.76
N ASP A 9 -2.60 9.86 8.09
CA ASP A 9 -1.15 9.76 8.31
C ASP A 9 -0.42 10.66 7.35
N HIS A 10 -0.97 10.77 6.16
CA HIS A 10 -0.32 11.49 5.08
C HIS A 10 -1.02 12.81 4.78
N MET A 11 -1.97 13.19 5.62
CA MET A 11 -2.65 14.44 5.42
C MET A 11 -1.92 15.56 6.18
N ALA A 12 -1.39 15.24 7.36
CA ALA A 12 -0.64 16.22 8.16
C ALA A 12 -0.16 15.65 9.50
N GLU A 13 0.55 14.52 9.50
CA GLU A 13 1.11 14.03 10.77
C GLU A 13 2.22 13.00 10.60
N ASP A 14 2.72 12.83 9.39
CA ASP A 14 3.70 11.79 9.10
C ASP A 14 3.97 11.75 7.60
N CYS A 15 4.36 10.57 7.12
CA CYS A 15 4.43 10.27 5.69
C CYS A 15 5.62 10.90 5.00
N ARG A 16 5.54 12.22 4.80
CA ARG A 16 6.41 12.91 3.86
C ARG A 16 6.34 12.22 2.51
N GLY A 17 5.20 12.36 1.88
CA GLY A 17 4.97 11.71 0.63
C GLY A 17 4.64 12.68 -0.48
N ASP A 18 5.51 13.64 -0.72
CA ASP A 18 5.35 14.56 -1.85
C ASP A 18 6.72 14.98 -2.35
N ILE A 19 7.71 14.15 -2.07
CA ILE A 19 9.09 14.45 -2.41
C ILE A 19 9.50 13.65 -3.64
N GLY A 20 9.70 12.36 -3.45
CA GLY A 20 9.98 11.44 -4.54
C GLY A 20 9.50 10.06 -4.19
N ARG A 21 8.30 10.02 -3.64
CA ARG A 21 7.75 8.81 -3.03
C ARG A 21 7.20 7.83 -4.06
N THR A 22 7.99 6.83 -4.35
CA THR A 22 7.54 5.73 -5.20
C THR A 22 7.10 4.57 -4.32
N ASN A 23 7.53 4.62 -3.06
CA ASN A 23 7.25 3.57 -2.09
C ASN A 23 5.83 3.72 -1.56
N LEU A 24 5.11 2.62 -1.49
CA LEU A 24 3.73 2.65 -1.04
C LEU A 24 3.48 1.59 0.01
N ILE A 25 3.14 2.03 1.21
CA ILE A 25 2.75 1.14 2.27
C ILE A 25 1.30 0.75 2.06
N VAL A 26 1.04 -0.53 2.02
CA VAL A 26 -0.31 -1.00 1.81
C VAL A 26 -0.76 -1.80 3.02
N ASN A 27 -1.58 -1.17 3.83
CA ASN A 27 -2.07 -1.78 5.04
C ASN A 27 -3.37 -2.49 4.75
N TYR A 28 -3.88 -3.17 5.75
CA TYR A 28 -5.18 -3.82 5.68
C TYR A 28 -5.25 -4.85 4.57
N LEU A 29 -4.11 -5.45 4.25
CA LEU A 29 -4.06 -6.54 3.29
C LEU A 29 -4.78 -7.73 3.87
N PRO A 30 -5.39 -8.57 3.03
CA PRO A 30 -5.98 -9.83 3.47
C PRO A 30 -4.92 -10.73 4.09
N GLN A 31 -5.24 -11.38 5.19
CA GLN A 31 -4.25 -12.16 5.93
C GLN A 31 -3.87 -13.43 5.17
N ASN A 32 -4.54 -13.66 4.04
CA ASN A 32 -4.28 -14.82 3.20
C ASN A 32 -3.77 -14.39 1.81
N MET A 33 -3.49 -13.11 1.64
CA MET A 33 -3.06 -12.60 0.35
C MET A 33 -1.54 -12.75 0.17
N THR A 34 -1.09 -12.70 -1.09
CA THR A 34 0.31 -12.94 -1.41
C THR A 34 0.99 -11.68 -1.91
N GLN A 35 2.31 -11.72 -2.04
CA GLN A 35 3.04 -10.64 -2.70
C GLN A 35 2.46 -10.42 -4.08
N ASP A 36 2.27 -11.51 -4.80
CA ASP A 36 1.81 -11.47 -6.19
C ASP A 36 0.47 -10.76 -6.29
N GLU A 37 -0.41 -10.97 -5.32
CA GLU A 37 -1.70 -10.30 -5.30
C GLU A 37 -1.51 -8.82 -4.98
N LEU A 38 -0.74 -8.56 -3.92
CA LEU A 38 -0.42 -7.20 -3.51
C LEU A 38 0.30 -6.47 -4.65
N ARG A 39 1.08 -7.23 -5.38
CA ARG A 39 1.85 -6.72 -6.50
C ARG A 39 0.96 -6.48 -7.71
N SER A 40 0.17 -7.49 -8.08
CA SER A 40 -0.62 -7.43 -9.32
C SER A 40 -1.72 -6.37 -9.24
N LEU A 41 -2.31 -6.21 -8.06
CA LEU A 41 -3.32 -5.19 -7.84
C LEU A 41 -2.72 -3.80 -8.03
N PHE A 42 -1.48 -3.65 -7.65
CA PHE A 42 -0.78 -2.40 -7.88
C PHE A 42 -0.24 -2.33 -9.30
N SER A 43 -0.06 -3.49 -9.91
CA SER A 43 0.32 -3.57 -11.30
C SER A 43 -0.87 -3.13 -12.17
N SER A 44 -2.05 -3.13 -11.55
CA SER A 44 -3.27 -2.69 -12.22
C SER A 44 -3.19 -1.18 -12.44
N ILE A 45 -2.62 -0.49 -11.47
CA ILE A 45 -2.34 0.93 -11.59
C ILE A 45 -1.29 1.17 -12.66
N GLY A 46 -0.22 0.40 -12.62
CA GLY A 46 0.88 0.60 -13.52
C GLY A 46 2.07 -0.26 -13.19
N GLU A 47 3.26 0.25 -13.48
CA GLU A 47 4.47 -0.52 -13.30
C GLU A 47 4.96 -0.49 -11.87
N VAL A 48 4.95 -1.66 -11.27
CA VAL A 48 5.44 -1.84 -9.92
C VAL A 48 6.89 -2.23 -9.94
N GLU A 49 7.68 -1.43 -9.26
CA GLU A 49 9.10 -1.63 -9.21
C GLU A 49 9.43 -2.82 -8.31
N SER A 50 8.81 -2.84 -7.13
CA SER A 50 8.95 -3.96 -6.20
C SER A 50 7.79 -3.98 -5.21
N ALA A 51 7.13 -5.13 -5.05
CA ALA A 51 6.04 -5.25 -4.11
C ALA A 51 6.29 -6.35 -3.09
N LYS A 52 6.31 -5.95 -1.83
CA LYS A 52 6.58 -6.86 -0.74
C LYS A 52 5.32 -7.14 0.05
N LEU A 53 5.14 -8.39 0.44
CA LEU A 53 4.07 -8.75 1.34
C LEU A 53 4.68 -9.12 2.68
N ILE A 54 4.08 -8.63 3.75
CA ILE A 54 4.58 -8.95 5.06
C ILE A 54 3.86 -10.18 5.59
N ARG A 55 4.61 -11.22 5.87
CA ARG A 55 4.04 -12.47 6.32
C ARG A 55 4.86 -13.02 7.48
N ASP A 56 4.19 -13.75 8.36
CA ASP A 56 4.81 -14.18 9.61
C ASP A 56 5.87 -15.24 9.37
N LYS A 57 6.96 -15.08 10.08
CA LYS A 57 8.13 -15.92 10.02
C LYS A 57 7.85 -17.35 10.45
N VAL A 58 6.72 -17.56 11.08
CA VAL A 58 6.39 -18.84 11.67
C VAL A 58 4.99 -19.30 11.28
N ALA A 59 4.02 -18.48 11.59
CA ALA A 59 2.63 -18.83 11.40
C ALA A 59 2.21 -18.78 9.93
N GLY A 60 3.13 -18.32 9.10
CA GLY A 60 2.95 -18.33 7.66
C GLY A 60 1.70 -17.60 7.19
N HIS A 61 1.33 -16.54 7.88
CA HIS A 61 0.18 -15.74 7.46
C HIS A 61 0.58 -14.29 7.33
N SER A 62 -0.04 -13.59 6.38
CA SER A 62 0.25 -12.20 6.14
C SER A 62 -0.04 -11.38 7.38
N LEU A 63 0.78 -10.37 7.66
CA LEU A 63 0.66 -9.61 8.89
C LEU A 63 -0.15 -8.33 8.69
N GLY A 64 -0.98 -8.33 7.67
CA GLY A 64 -1.95 -7.26 7.49
C GLY A 64 -1.42 -6.06 6.74
N TYR A 65 -0.21 -6.14 6.21
CA TYR A 65 0.34 -5.01 5.47
C TYR A 65 1.46 -5.43 4.52
N GLY A 66 1.85 -4.51 3.65
CA GLY A 66 2.90 -4.76 2.68
C GLY A 66 3.47 -3.47 2.13
N PHE A 67 4.44 -3.58 1.23
CA PHE A 67 5.13 -2.41 0.68
C PHE A 67 5.38 -2.56 -0.81
N VAL A 68 4.68 -1.80 -1.62
CA VAL A 68 4.90 -1.82 -3.06
C VAL A 68 5.45 -0.49 -3.57
N ASN A 69 6.68 -0.55 -4.06
CA ASN A 69 7.35 0.58 -4.67
C ASN A 69 7.02 0.63 -6.15
N TYR A 70 6.57 1.78 -6.62
CA TYR A 70 6.29 1.95 -8.04
C TYR A 70 7.51 2.44 -8.78
N VAL A 71 7.45 2.34 -10.10
CA VAL A 71 8.51 2.86 -10.97
C VAL A 71 8.41 4.39 -11.04
N THR A 72 7.23 4.88 -10.67
CA THR A 72 6.94 6.30 -10.64
C THR A 72 6.47 6.70 -9.25
N ALA A 73 6.52 7.99 -8.95
CA ALA A 73 5.80 8.52 -7.81
C ALA A 73 4.41 8.92 -8.28
N LYS A 74 4.29 9.03 -9.60
CA LYS A 74 3.05 9.36 -10.28
C LYS A 74 2.00 8.26 -10.08
N ASP A 75 2.37 7.02 -10.39
CA ASP A 75 1.45 5.88 -10.23
C ASP A 75 1.32 5.50 -8.76
N ALA A 76 2.25 5.98 -7.94
CA ALA A 76 2.17 5.79 -6.50
C ALA A 76 0.96 6.53 -5.94
N GLU A 77 0.88 7.82 -6.25
CA GLU A 77 -0.30 8.62 -5.91
C GLU A 77 -1.54 8.02 -6.59
N ARG A 78 -1.32 7.47 -7.78
CA ARG A 78 -2.40 6.92 -8.57
C ARG A 78 -2.98 5.72 -7.86
N ALA A 79 -2.11 4.93 -7.23
CA ALA A 79 -2.56 3.78 -6.47
C ALA A 79 -3.31 4.22 -5.23
N ILE A 80 -2.89 5.33 -4.64
CA ILE A 80 -3.55 5.84 -3.46
C ILE A 80 -4.93 6.40 -3.76
N ASN A 81 -5.08 7.08 -4.88
CA ASN A 81 -6.36 7.68 -5.18
C ASN A 81 -7.29 6.68 -5.86
N THR A 82 -6.70 5.72 -6.53
CA THR A 82 -7.46 4.70 -7.21
C THR A 82 -7.68 3.47 -6.33
N LEU A 83 -6.59 2.83 -5.90
CA LEU A 83 -6.67 1.56 -5.22
C LEU A 83 -7.08 1.70 -3.76
N ASN A 84 -6.46 2.63 -3.02
CA ASN A 84 -6.67 2.76 -1.56
C ASN A 84 -8.13 2.57 -1.19
N GLY A 85 -8.40 1.50 -0.43
CA GLY A 85 -9.77 1.13 -0.12
C GLY A 85 -10.29 0.12 -1.13
N LEU A 86 -9.39 -0.67 -1.71
CA LEU A 86 -9.75 -1.64 -2.72
C LEU A 86 -10.15 -2.94 -2.04
N ARG A 87 -11.17 -3.59 -2.57
CA ARG A 87 -11.63 -4.84 -2.02
C ARG A 87 -10.77 -5.98 -2.56
N LEU A 88 -9.70 -6.27 -1.84
CA LEU A 88 -8.81 -7.36 -2.19
C LEU A 88 -9.20 -8.61 -1.43
N GLN A 89 -9.73 -9.59 -2.14
CA GLN A 89 -10.14 -10.85 -1.53
C GLN A 89 -11.12 -10.61 -0.39
N SER A 90 -11.96 -9.58 -0.57
CA SER A 90 -13.02 -9.20 0.38
C SER A 90 -12.46 -8.33 1.50
N LYS A 91 -11.16 -8.14 1.49
CA LYS A 91 -10.49 -7.30 2.47
C LYS A 91 -10.16 -5.94 1.88
N THR A 92 -10.45 -4.87 2.62
CA THR A 92 -10.20 -3.53 2.12
C THR A 92 -8.82 -3.05 2.55
N ILE A 93 -8.06 -2.50 1.60
CA ILE A 93 -6.65 -2.16 1.82
C ILE A 93 -6.41 -0.66 2.04
N LYS A 94 -5.21 -0.30 2.51
CA LYS A 94 -4.80 1.09 2.63
C LYS A 94 -3.45 1.30 1.96
N VAL A 95 -3.45 1.85 0.77
CA VAL A 95 -2.20 2.19 0.12
C VAL A 95 -1.90 3.67 0.35
N SER A 96 -0.68 3.95 0.77
CA SER A 96 -0.24 5.28 1.10
C SER A 96 1.28 5.35 0.96
N TYR A 97 1.82 6.54 0.79
CA TYR A 97 3.28 6.70 0.67
C TYR A 97 3.95 6.22 1.93
N ALA A 98 4.59 5.06 1.87
CA ALA A 98 5.32 4.53 2.99
C ALA A 98 6.51 5.42 3.27
N ARG A 99 6.45 6.14 4.39
CA ARG A 99 7.43 7.19 4.72
C ARG A 99 8.85 6.80 4.33
N PRO A 100 9.39 7.45 3.28
CA PRO A 100 10.75 7.21 2.80
C PRO A 100 11.80 7.55 3.84
N SER A 101 12.62 6.55 4.16
CA SER A 101 13.70 6.66 5.13
C SER A 101 13.34 7.54 6.33
N GLY A 1 -11.29 19.59 4.39
CA GLY A 1 -10.66 18.26 4.16
C GLY A 1 -9.78 18.26 2.95
N HIS A 2 -8.78 17.39 2.93
CA HIS A 2 -7.83 17.32 1.84
C HIS A 2 -7.46 15.87 1.49
N MET A 3 -7.60 14.99 2.47
CA MET A 3 -7.33 13.57 2.27
C MET A 3 -8.10 12.74 3.30
N SER A 4 -9.30 12.34 2.94
CA SER A 4 -10.17 11.61 3.86
C SER A 4 -9.88 10.11 3.80
N ASN A 5 -8.73 9.71 4.31
CA ASN A 5 -8.40 8.30 4.40
C ASN A 5 -8.28 7.91 5.86
N GLY A 6 -8.98 6.84 6.25
CA GLY A 6 -8.97 6.38 7.64
C GLY A 6 -7.67 5.72 8.04
N TYR A 7 -6.59 6.44 7.85
CA TYR A 7 -5.24 5.99 8.15
C TYR A 7 -4.30 7.14 7.86
N GLU A 8 -4.76 8.34 8.22
CA GLU A 8 -4.10 9.56 7.83
C GLU A 8 -3.06 9.99 8.85
N ASP A 9 -2.05 10.72 8.35
CA ASP A 9 -0.89 11.13 9.14
C ASP A 9 0.17 11.68 8.20
N HIS A 10 0.30 10.98 7.11
CA HIS A 10 1.29 11.26 6.07
C HIS A 10 0.91 12.46 5.21
N MET A 11 0.44 13.53 5.83
CA MET A 11 0.10 14.75 5.11
C MET A 11 0.56 15.96 5.88
N ALA A 12 1.30 15.74 6.95
CA ALA A 12 1.65 16.82 7.86
C ALA A 12 2.86 16.51 8.72
N GLU A 13 2.94 15.28 9.25
CA GLU A 13 3.97 14.96 10.22
C GLU A 13 4.35 13.48 10.16
N ASP A 14 5.27 13.09 11.05
CA ASP A 14 5.75 11.71 11.18
C ASP A 14 6.45 11.24 9.92
N CYS A 15 5.66 10.91 8.92
CA CYS A 15 6.20 10.41 7.68
C CYS A 15 6.46 11.52 6.69
N ARG A 16 7.24 11.20 5.68
CA ARG A 16 7.55 12.14 4.63
C ARG A 16 6.66 11.83 3.44
N GLY A 17 5.39 12.06 3.62
CA GLY A 17 4.42 11.69 2.62
C GLY A 17 4.13 12.83 1.68
N ASP A 18 5.16 13.59 1.34
CA ASP A 18 4.97 14.82 0.56
C ASP A 18 6.07 14.98 -0.49
N ILE A 19 7.21 14.33 -0.27
CA ILE A 19 8.38 14.54 -1.11
C ILE A 19 8.34 13.69 -2.36
N GLY A 20 8.93 12.51 -2.28
CA GLY A 20 8.93 11.57 -3.37
C GLY A 20 8.42 10.24 -2.92
N ARG A 21 7.37 10.29 -2.12
CA ARG A 21 6.73 9.10 -1.57
C ARG A 21 6.15 8.20 -2.66
N THR A 22 6.97 7.28 -3.14
CA THR A 22 6.53 6.29 -4.10
C THR A 22 6.21 4.98 -3.38
N ASN A 23 6.74 4.87 -2.17
CA ASN A 23 6.55 3.71 -1.32
C ASN A 23 5.14 3.70 -0.76
N LEU A 24 4.42 2.63 -0.99
CA LEU A 24 3.04 2.56 -0.56
C LEU A 24 2.82 1.46 0.46
N ILE A 25 2.46 1.86 1.67
CA ILE A 25 2.07 0.93 2.69
C ILE A 25 0.62 0.51 2.45
N VAL A 26 0.41 -0.77 2.25
CA VAL A 26 -0.92 -1.27 1.99
C VAL A 26 -1.36 -2.15 3.13
N ASN A 27 -2.27 -1.63 3.92
CA ASN A 27 -2.73 -2.33 5.08
C ASN A 27 -3.99 -3.10 4.73
N TYR A 28 -4.46 -3.88 5.69
CA TYR A 28 -5.70 -4.63 5.55
C TYR A 28 -5.63 -5.62 4.41
N LEU A 29 -4.42 -6.08 4.10
CA LEU A 29 -4.21 -7.11 3.09
C LEU A 29 -4.83 -8.41 3.56
N PRO A 30 -5.42 -9.19 2.65
CA PRO A 30 -6.01 -10.48 3.00
C PRO A 30 -4.98 -11.37 3.68
N GLN A 31 -5.40 -12.01 4.76
CA GLN A 31 -4.50 -12.79 5.61
C GLN A 31 -3.83 -13.94 4.87
N ASN A 32 -4.41 -14.35 3.75
CA ASN A 32 -3.90 -15.48 3.00
C ASN A 32 -3.26 -15.05 1.67
N MET A 33 -3.18 -13.74 1.44
CA MET A 33 -2.70 -13.22 0.17
C MET A 33 -1.18 -13.28 0.05
N THR A 34 -0.67 -13.10 -1.18
CA THR A 34 0.75 -13.22 -1.48
C THR A 34 1.33 -11.88 -1.91
N GLN A 35 2.65 -11.80 -2.00
CA GLN A 35 3.31 -10.64 -2.60
C GLN A 35 2.77 -10.40 -3.99
N ASP A 36 2.72 -11.47 -4.77
CA ASP A 36 2.37 -11.39 -6.17
C ASP A 36 0.99 -10.79 -6.37
N GLU A 37 0.09 -11.04 -5.43
CA GLU A 37 -1.26 -10.48 -5.48
C GLU A 37 -1.21 -9.01 -5.09
N LEU A 38 -0.50 -8.72 -4.00
CA LEU A 38 -0.29 -7.36 -3.54
C LEU A 38 0.45 -6.57 -4.63
N ARG A 39 1.28 -7.26 -5.37
CA ARG A 39 2.09 -6.67 -6.41
C ARG A 39 1.29 -6.47 -7.69
N SER A 40 0.53 -7.48 -8.12
CA SER A 40 -0.19 -7.43 -9.38
C SER A 40 -1.35 -6.43 -9.33
N LEU A 41 -2.01 -6.36 -8.18
CA LEU A 41 -3.10 -5.42 -7.98
C LEU A 41 -2.60 -3.99 -8.09
N PHE A 42 -1.40 -3.74 -7.59
CA PHE A 42 -0.81 -2.43 -7.73
C PHE A 42 -0.16 -2.26 -9.09
N SER A 43 0.22 -3.38 -9.70
CA SER A 43 0.71 -3.36 -11.06
C SER A 43 -0.46 -3.05 -12.01
N SER A 44 -1.68 -3.12 -11.48
CA SER A 44 -2.85 -2.76 -12.24
C SER A 44 -2.88 -1.24 -12.44
N ILE A 45 -2.48 -0.53 -11.38
CA ILE A 45 -2.32 0.92 -11.45
C ILE A 45 -1.24 1.31 -12.45
N GLY A 46 -0.11 0.61 -12.39
CA GLY A 46 1.00 0.96 -13.25
C GLY A 46 2.21 0.10 -12.97
N GLU A 47 3.37 0.72 -12.88
CA GLU A 47 4.60 -0.02 -12.64
C GLU A 47 5.02 0.01 -11.20
N VAL A 48 5.10 -1.18 -10.65
CA VAL A 48 5.50 -1.38 -9.28
C VAL A 48 6.96 -1.73 -9.21
N GLU A 49 7.68 -0.85 -8.55
CA GLU A 49 9.09 -0.99 -8.37
C GLU A 49 9.38 -2.24 -7.56
N SER A 50 8.69 -2.38 -6.44
CA SER A 50 8.84 -3.56 -5.59
C SER A 50 7.66 -3.67 -4.63
N ALA A 51 7.03 -4.83 -4.58
CA ALA A 51 5.92 -5.04 -3.66
C ALA A 51 6.24 -6.11 -2.64
N LYS A 52 6.16 -5.74 -1.39
CA LYS A 52 6.50 -6.61 -0.29
C LYS A 52 5.25 -6.98 0.50
N LEU A 53 5.07 -8.26 0.73
CA LEU A 53 3.96 -8.75 1.53
C LEU A 53 4.48 -9.14 2.89
N ILE A 54 3.83 -8.66 3.94
CA ILE A 54 4.31 -8.92 5.27
C ILE A 54 3.60 -10.11 5.89
N ARG A 55 4.38 -11.09 6.31
CA ARG A 55 3.85 -12.22 7.02
C ARG A 55 4.77 -12.58 8.15
N ASP A 56 4.34 -13.51 9.00
CA ASP A 56 5.23 -14.07 10.01
C ASP A 56 6.28 -14.93 9.29
N LYS A 57 7.23 -15.48 10.01
CA LYS A 57 8.23 -16.33 9.40
C LYS A 57 7.58 -17.61 8.90
N VAL A 58 6.50 -18.04 9.58
CA VAL A 58 5.82 -19.29 9.27
C VAL A 58 4.32 -19.21 9.55
N ALA A 59 3.99 -19.07 10.82
CA ALA A 59 2.63 -19.26 11.30
C ALA A 59 1.72 -18.11 10.96
N GLY A 60 2.20 -16.95 11.30
CA GLY A 60 1.43 -15.73 11.30
C GLY A 60 0.78 -15.38 9.99
N HIS A 61 1.21 -16.02 8.90
CA HIS A 61 0.78 -15.66 7.54
C HIS A 61 0.78 -14.15 7.33
N SER A 62 0.09 -13.68 6.31
CA SER A 62 0.05 -12.26 6.02
C SER A 62 -0.42 -11.50 7.25
N LEU A 63 0.43 -10.60 7.74
CA LEU A 63 0.17 -9.92 9.00
C LEU A 63 -0.72 -8.70 8.78
N GLY A 64 -1.39 -8.68 7.65
CA GLY A 64 -2.42 -7.68 7.40
C GLY A 64 -1.89 -6.40 6.80
N TYR A 65 -0.72 -6.43 6.19
CA TYR A 65 -0.17 -5.24 5.55
C TYR A 65 1.03 -5.58 4.67
N GLY A 66 1.42 -4.63 3.84
CA GLY A 66 2.54 -4.80 2.94
C GLY A 66 3.05 -3.48 2.42
N PHE A 67 4.08 -3.51 1.59
CA PHE A 67 4.70 -2.30 1.10
C PHE A 67 5.02 -2.42 -0.38
N VAL A 68 4.28 -1.71 -1.22
CA VAL A 68 4.56 -1.68 -2.64
C VAL A 68 5.07 -0.32 -3.06
N ASN A 69 6.32 -0.31 -3.45
CA ASN A 69 6.97 0.88 -3.97
C ASN A 69 6.67 1.03 -5.43
N TYR A 70 6.19 2.18 -5.83
CA TYR A 70 5.99 2.46 -7.24
C TYR A 70 7.20 3.16 -7.81
N VAL A 71 7.25 3.19 -9.13
CA VAL A 71 8.30 3.91 -9.84
C VAL A 71 7.95 5.39 -9.92
N THR A 72 6.72 5.68 -9.51
CA THR A 72 6.19 7.03 -9.53
C THR A 72 5.46 7.34 -8.23
N ALA A 73 5.48 8.60 -7.83
CA ALA A 73 4.63 9.06 -6.75
C ALA A 73 3.26 9.38 -7.33
N LYS A 74 3.25 9.53 -8.64
CA LYS A 74 2.05 9.75 -9.42
C LYS A 74 1.14 8.52 -9.35
N ASP A 75 1.68 7.35 -9.68
CA ASP A 75 0.90 6.11 -9.63
C ASP A 75 0.72 5.65 -8.18
N ALA A 76 1.53 6.21 -7.28
CA ALA A 76 1.37 5.96 -5.85
C ALA A 76 0.06 6.57 -5.37
N GLU A 77 -0.14 7.86 -5.65
CA GLU A 77 -1.40 8.52 -5.35
C GLU A 77 -2.51 7.88 -6.15
N ARG A 78 -2.18 7.40 -7.35
CA ARG A 78 -3.14 6.75 -8.21
C ARG A 78 -3.65 5.48 -7.55
N ALA A 79 -2.74 4.79 -6.87
CA ALA A 79 -3.11 3.59 -6.14
C ALA A 79 -3.94 3.94 -4.92
N ILE A 80 -3.64 5.07 -4.29
CA ILE A 80 -4.39 5.50 -3.12
C ILE A 80 -5.82 5.92 -3.47
N ASN A 81 -6.00 6.54 -4.61
CA ASN A 81 -7.33 6.99 -4.97
C ASN A 81 -8.11 5.88 -5.65
N THR A 82 -7.39 5.01 -6.31
CA THR A 82 -8.00 3.90 -7.02
C THR A 82 -8.08 2.64 -6.16
N LEU A 83 -6.92 2.12 -5.76
CA LEU A 83 -6.83 0.82 -5.13
C LEU A 83 -7.12 0.84 -3.62
N ASN A 84 -6.95 1.98 -2.98
CA ASN A 84 -7.21 2.05 -1.55
C ASN A 84 -8.69 1.85 -1.26
N GLY A 85 -9.01 0.70 -0.67
CA GLY A 85 -10.38 0.28 -0.49
C GLY A 85 -10.78 -0.75 -1.53
N LEU A 86 -9.79 -1.44 -2.06
CA LEU A 86 -10.03 -2.47 -3.08
C LEU A 86 -10.37 -3.79 -2.41
N ARG A 87 -11.30 -4.52 -2.99
CA ARG A 87 -11.64 -5.85 -2.50
C ARG A 87 -10.69 -6.89 -3.08
N LEU A 88 -9.58 -7.11 -2.40
CA LEU A 88 -8.65 -8.15 -2.74
C LEU A 88 -9.05 -9.45 -2.07
N GLN A 89 -9.51 -10.41 -2.86
CA GLN A 89 -9.97 -11.68 -2.32
C GLN A 89 -11.10 -11.45 -1.33
N SER A 90 -11.86 -10.39 -1.60
CA SER A 90 -13.02 -9.98 -0.81
C SER A 90 -12.60 -9.15 0.42
N LYS A 91 -11.30 -9.04 0.63
CA LYS A 91 -10.75 -8.26 1.73
C LYS A 91 -10.46 -6.83 1.26
N THR A 92 -10.87 -5.84 2.03
CA THR A 92 -10.65 -4.45 1.63
C THR A 92 -9.33 -3.93 2.16
N ILE A 93 -8.48 -3.53 1.25
CA ILE A 93 -7.14 -3.08 1.57
C ILE A 93 -7.07 -1.57 1.72
N LYS A 94 -5.98 -1.09 2.29
CA LYS A 94 -5.81 0.34 2.45
C LYS A 94 -4.41 0.76 2.08
N VAL A 95 -4.28 1.48 0.99
CA VAL A 95 -2.98 1.89 0.51
C VAL A 95 -2.71 3.36 0.84
N SER A 96 -1.46 3.65 1.18
CA SER A 96 -1.02 4.98 1.56
C SER A 96 0.49 5.05 1.40
N TYR A 97 1.06 6.25 1.53
CA TYR A 97 2.52 6.39 1.47
C TYR A 97 3.13 5.78 2.72
N ALA A 98 3.95 4.77 2.52
CA ALA A 98 4.67 4.18 3.63
C ALA A 98 5.86 5.05 3.98
N ARG A 99 6.07 5.27 5.27
CA ARG A 99 7.05 6.24 5.76
C ARG A 99 8.40 6.14 5.04
N PRO A 100 8.71 7.12 4.18
CA PRO A 100 10.02 7.24 3.55
C PRO A 100 11.07 7.79 4.52
N SER A 101 12.32 7.49 4.26
CA SER A 101 13.40 7.98 5.06
C SER A 101 13.53 9.49 4.95
N GLY A 1 -6.06 20.50 10.63
CA GLY A 1 -7.19 19.54 10.61
C GLY A 1 -7.57 19.15 9.20
N HIS A 2 -7.32 17.90 8.84
CA HIS A 2 -7.69 17.38 7.53
C HIS A 2 -7.46 15.87 7.50
N MET A 3 -8.29 15.13 8.22
CA MET A 3 -8.16 13.68 8.26
C MET A 3 -9.50 13.01 8.00
N SER A 4 -9.83 12.86 6.72
CA SER A 4 -11.05 12.19 6.32
C SER A 4 -10.81 10.70 6.05
N ASN A 5 -9.55 10.37 5.79
CA ASN A 5 -9.15 8.99 5.56
C ASN A 5 -9.10 8.21 6.87
N GLY A 6 -8.38 8.75 7.84
CA GLY A 6 -8.34 8.15 9.17
C GLY A 6 -7.10 7.31 9.41
N TYR A 7 -6.63 6.63 8.37
CA TYR A 7 -5.50 5.69 8.51
C TYR A 7 -4.26 6.38 9.07
N GLU A 8 -3.62 7.16 8.21
CA GLU A 8 -2.35 7.78 8.52
C GLU A 8 -2.54 9.25 8.88
N ASP A 9 -1.47 10.00 8.73
CA ASP A 9 -1.51 11.44 8.88
C ASP A 9 -0.77 12.12 7.73
N HIS A 10 -0.43 11.32 6.71
CA HIS A 10 0.32 11.82 5.55
C HIS A 10 -0.55 12.72 4.69
N MET A 11 -1.79 12.35 4.56
CA MET A 11 -2.75 13.10 3.76
C MET A 11 -3.47 14.09 4.64
N ALA A 12 -2.98 14.20 5.87
CA ALA A 12 -3.55 15.08 6.84
C ALA A 12 -2.81 16.41 6.84
N GLU A 13 -1.50 16.36 7.18
CA GLU A 13 -0.68 17.58 7.24
C GLU A 13 0.70 17.34 7.85
N ASP A 14 1.31 16.19 7.55
CA ASP A 14 2.60 15.87 8.14
C ASP A 14 3.24 14.66 7.48
N CYS A 15 4.29 14.14 8.12
CA CYS A 15 5.06 13.00 7.65
C CYS A 15 5.89 13.30 6.41
N ARG A 16 6.78 12.37 6.11
CA ARG A 16 7.65 12.47 4.95
C ARG A 16 7.02 11.77 3.77
N GLY A 17 6.03 12.42 3.19
CA GLY A 17 5.34 11.85 2.06
C GLY A 17 5.18 12.86 0.94
N ASP A 18 6.18 13.72 0.76
CA ASP A 18 6.14 14.74 -0.27
C ASP A 18 7.53 14.94 -0.86
N ILE A 19 8.37 13.93 -0.69
CA ILE A 19 9.74 13.97 -1.15
C ILE A 19 9.90 13.20 -2.45
N GLY A 20 9.85 11.89 -2.33
CA GLY A 20 9.88 11.01 -3.48
C GLY A 20 9.31 9.66 -3.12
N ARG A 21 8.22 9.71 -2.36
CA ARG A 21 7.60 8.52 -1.84
C ARG A 21 6.97 7.65 -2.92
N THR A 22 7.74 6.68 -3.38
CA THR A 22 7.25 5.71 -4.33
C THR A 22 6.84 4.44 -3.61
N ASN A 23 7.25 4.34 -2.36
CA ASN A 23 6.97 3.19 -1.53
C ASN A 23 5.57 3.28 -0.95
N LEU A 24 4.77 2.27 -1.17
CA LEU A 24 3.41 2.26 -0.69
C LEU A 24 3.20 1.15 0.33
N ILE A 25 2.87 1.55 1.55
CA ILE A 25 2.50 0.62 2.57
C ILE A 25 1.02 0.26 2.40
N VAL A 26 0.76 -0.99 2.13
CA VAL A 26 -0.58 -1.42 1.89
C VAL A 26 -1.06 -2.30 3.02
N ASN A 27 -1.94 -1.77 3.83
CA ASN A 27 -2.46 -2.47 4.98
C ASN A 27 -3.76 -3.15 4.62
N TYR A 28 -4.33 -3.85 5.59
CA TYR A 28 -5.61 -4.50 5.43
C TYR A 28 -5.59 -5.52 4.30
N LEU A 29 -4.41 -6.08 4.05
CA LEU A 29 -4.27 -7.13 3.06
C LEU A 29 -4.87 -8.42 3.59
N PRO A 30 -5.54 -9.20 2.74
CA PRO A 30 -6.09 -10.49 3.13
C PRO A 30 -5.01 -11.39 3.76
N GLN A 31 -5.36 -12.05 4.85
CA GLN A 31 -4.40 -12.84 5.63
C GLN A 31 -3.85 -14.02 4.84
N ASN A 32 -4.48 -14.33 3.71
CA ASN A 32 -4.08 -15.47 2.90
C ASN A 32 -3.45 -15.03 1.57
N MET A 33 -3.39 -13.73 1.34
CA MET A 33 -2.96 -13.22 0.05
C MET A 33 -1.46 -13.35 -0.15
N THR A 34 -1.00 -13.07 -1.36
CA THR A 34 0.40 -13.23 -1.70
C THR A 34 1.02 -11.92 -2.16
N GLN A 35 2.35 -11.87 -2.22
CA GLN A 35 3.03 -10.73 -2.83
C GLN A 35 2.50 -10.51 -4.22
N ASP A 36 2.43 -11.59 -4.99
CA ASP A 36 2.04 -11.54 -6.39
C ASP A 36 0.65 -10.94 -6.57
N GLU A 37 -0.24 -11.21 -5.61
CA GLU A 37 -1.57 -10.63 -5.65
C GLU A 37 -1.51 -9.15 -5.30
N LEU A 38 -0.80 -8.85 -4.22
CA LEU A 38 -0.57 -7.48 -3.78
C LEU A 38 0.14 -6.70 -4.89
N ARG A 39 1.05 -7.38 -5.57
CA ARG A 39 1.86 -6.81 -6.62
C ARG A 39 1.02 -6.63 -7.90
N SER A 40 0.15 -7.59 -8.19
CA SER A 40 -0.64 -7.57 -9.41
C SER A 40 -1.72 -6.48 -9.36
N LEU A 41 -2.38 -6.36 -8.22
CA LEU A 41 -3.40 -5.35 -8.01
C LEU A 41 -2.80 -3.95 -8.12
N PHE A 42 -1.57 -3.81 -7.71
CA PHE A 42 -0.88 -2.55 -7.85
C PHE A 42 -0.31 -2.40 -9.27
N SER A 43 -0.05 -3.52 -9.91
CA SER A 43 0.35 -3.51 -11.31
C SER A 43 -0.84 -3.07 -12.18
N SER A 44 -2.04 -3.10 -11.58
CA SER A 44 -3.23 -2.66 -12.27
C SER A 44 -3.20 -1.14 -12.43
N ILE A 45 -2.61 -0.48 -11.43
CA ILE A 45 -2.41 0.97 -11.47
C ILE A 45 -1.42 1.36 -12.57
N GLY A 46 -0.33 0.64 -12.65
CA GLY A 46 0.71 1.01 -13.58
C GLY A 46 1.87 0.04 -13.54
N GLU A 47 3.01 0.49 -13.05
CA GLU A 47 4.18 -0.35 -12.98
C GLU A 47 4.78 -0.36 -11.60
N VAL A 48 4.78 -1.54 -11.03
CA VAL A 48 5.29 -1.75 -9.69
C VAL A 48 6.75 -2.12 -9.75
N GLU A 49 7.53 -1.29 -9.08
CA GLU A 49 8.94 -1.44 -9.02
C GLU A 49 9.30 -2.66 -8.18
N SER A 50 8.70 -2.75 -7.00
CA SER A 50 8.91 -3.91 -6.13
C SER A 50 7.78 -4.00 -5.11
N ALA A 51 7.16 -5.17 -4.99
CA ALA A 51 6.07 -5.35 -4.05
C ALA A 51 6.32 -6.52 -3.12
N LYS A 52 6.28 -6.26 -1.83
CA LYS A 52 6.44 -7.28 -0.82
C LYS A 52 5.16 -7.50 -0.04
N LEU A 53 5.02 -8.69 0.50
CA LEU A 53 3.90 -9.03 1.34
C LEU A 53 4.43 -9.48 2.68
N ILE A 54 3.90 -8.93 3.74
CA ILE A 54 4.41 -9.22 5.06
C ILE A 54 3.66 -10.38 5.68
N ARG A 55 4.37 -11.45 5.97
CA ARG A 55 3.76 -12.61 6.57
C ARG A 55 4.47 -12.97 7.87
N ASP A 56 3.85 -13.85 8.62
CA ASP A 56 4.44 -14.35 9.85
C ASP A 56 5.65 -15.21 9.54
N LYS A 57 6.65 -15.06 10.38
CA LYS A 57 7.93 -15.75 10.25
C LYS A 57 7.78 -17.26 10.27
N VAL A 58 6.70 -17.74 10.83
CA VAL A 58 6.56 -19.14 11.17
C VAL A 58 5.27 -19.72 10.63
N ALA A 59 4.18 -19.08 10.98
CA ALA A 59 2.86 -19.58 10.63
C ALA A 59 2.52 -19.34 9.16
N GLY A 60 3.44 -18.70 8.47
CA GLY A 60 3.37 -18.53 7.03
C GLY A 60 2.07 -17.91 6.53
N HIS A 61 1.53 -16.96 7.28
CA HIS A 61 0.32 -16.27 6.84
C HIS A 61 0.55 -14.78 6.83
N SER A 62 -0.12 -14.08 5.93
CA SER A 62 0.02 -12.64 5.81
C SER A 62 -0.41 -11.97 7.09
N LEU A 63 0.33 -10.94 7.49
CA LEU A 63 0.04 -10.23 8.73
C LEU A 63 -0.88 -9.05 8.46
N GLY A 64 -1.29 -8.91 7.20
CA GLY A 64 -2.28 -7.93 6.87
C GLY A 64 -1.73 -6.66 6.25
N TYR A 65 -0.49 -6.70 5.80
CA TYR A 65 0.08 -5.53 5.12
C TYR A 65 1.27 -5.91 4.26
N GLY A 66 1.65 -5.00 3.38
CA GLY A 66 2.76 -5.22 2.47
C GLY A 66 3.36 -3.91 2.00
N PHE A 67 4.46 -3.98 1.26
CA PHE A 67 5.13 -2.77 0.80
C PHE A 67 5.37 -2.84 -0.71
N VAL A 68 4.65 -2.04 -1.47
CA VAL A 68 4.84 -1.99 -2.90
C VAL A 68 5.37 -0.63 -3.33
N ASN A 69 6.59 -0.65 -3.82
CA ASN A 69 7.25 0.52 -4.35
C ASN A 69 6.91 0.64 -5.81
N TYR A 70 6.40 1.79 -6.20
CA TYR A 70 6.10 2.04 -7.59
C TYR A 70 7.29 2.67 -8.30
N VAL A 71 7.21 2.75 -9.62
CA VAL A 71 8.26 3.33 -10.42
C VAL A 71 8.19 4.85 -10.38
N THR A 72 7.01 5.38 -10.08
CA THR A 72 6.85 6.81 -9.85
C THR A 72 6.24 7.04 -8.48
N ALA A 73 6.20 8.29 -8.08
CA ALA A 73 5.38 8.68 -6.93
C ALA A 73 4.00 9.07 -7.46
N LYS A 74 3.95 9.19 -8.78
CA LYS A 74 2.75 9.53 -9.52
C LYS A 74 1.71 8.40 -9.47
N ASP A 75 2.11 7.20 -9.89
CA ASP A 75 1.23 6.03 -9.87
C ASP A 75 1.09 5.49 -8.46
N ALA A 76 2.06 5.81 -7.64
CA ALA A 76 1.95 5.59 -6.20
C ALA A 76 0.73 6.31 -5.64
N GLU A 77 0.67 7.61 -5.89
CA GLU A 77 -0.52 8.40 -5.54
C GLU A 77 -1.74 7.86 -6.26
N ARG A 78 -1.53 7.36 -7.47
CA ARG A 78 -2.60 6.81 -8.28
C ARG A 78 -3.17 5.58 -7.59
N ALA A 79 -2.30 4.78 -6.99
CA ALA A 79 -2.75 3.61 -6.27
C ALA A 79 -3.57 4.02 -5.06
N ILE A 80 -3.16 5.10 -4.43
CA ILE A 80 -3.87 5.60 -3.26
C ILE A 80 -5.23 6.18 -3.63
N ASN A 81 -5.32 6.87 -4.75
CA ASN A 81 -6.59 7.49 -5.11
C ASN A 81 -7.46 6.54 -5.90
N THR A 82 -6.84 5.60 -6.56
CA THR A 82 -7.57 4.61 -7.33
C THR A 82 -7.90 3.36 -6.50
N LEU A 83 -6.86 2.66 -6.05
CA LEU A 83 -7.06 1.39 -5.38
C LEU A 83 -7.48 1.55 -3.93
N ASN A 84 -6.73 2.36 -3.17
CA ASN A 84 -6.87 2.43 -1.70
C ASN A 84 -8.33 2.31 -1.24
N GLY A 85 -8.61 1.20 -0.58
CA GLY A 85 -9.98 0.81 -0.29
C GLY A 85 -10.52 -0.15 -1.33
N LEU A 86 -9.63 -0.90 -1.97
CA LEU A 86 -10.00 -1.83 -3.02
C LEU A 86 -10.41 -3.16 -2.39
N ARG A 87 -11.48 -3.75 -2.90
CA ARG A 87 -11.89 -5.07 -2.47
C ARG A 87 -10.95 -6.12 -3.05
N LEU A 88 -9.89 -6.38 -2.31
CA LEU A 88 -8.90 -7.36 -2.67
C LEU A 88 -9.26 -8.66 -2.00
N GLN A 89 -9.76 -9.58 -2.79
CA GLN A 89 -10.26 -10.86 -2.29
C GLN A 89 -11.34 -10.63 -1.24
N SER A 90 -12.15 -9.59 -1.48
CA SER A 90 -13.26 -9.21 -0.60
C SER A 90 -12.77 -8.42 0.62
N LYS A 91 -11.46 -8.36 0.75
CA LYS A 91 -10.81 -7.63 1.83
C LYS A 91 -10.52 -6.20 1.37
N THR A 92 -10.75 -5.23 2.23
CA THR A 92 -10.53 -3.84 1.81
C THR A 92 -9.18 -3.35 2.29
N ILE A 93 -8.35 -2.97 1.34
CA ILE A 93 -6.95 -2.64 1.60
C ILE A 93 -6.74 -1.16 1.90
N LYS A 94 -5.57 -0.82 2.43
CA LYS A 94 -5.19 0.58 2.59
C LYS A 94 -3.80 0.81 2.02
N VAL A 95 -3.74 1.52 0.91
CA VAL A 95 -2.46 1.87 0.33
C VAL A 95 -2.14 3.33 0.65
N SER A 96 -0.91 3.55 1.06
CA SER A 96 -0.43 4.87 1.45
C SER A 96 1.08 4.90 1.37
N TYR A 97 1.67 6.07 1.19
CA TYR A 97 3.14 6.18 1.17
C TYR A 97 3.71 5.65 2.48
N ALA A 98 4.48 4.58 2.39
CA ALA A 98 5.15 4.06 3.56
C ALA A 98 6.33 4.95 3.88
N ARG A 99 6.12 5.88 4.81
CA ARG A 99 7.06 6.97 5.08
C ARG A 99 8.50 6.47 5.17
N PRO A 100 9.35 6.93 4.24
CA PRO A 100 10.77 6.57 4.22
C PRO A 100 11.48 7.09 5.47
N SER A 101 12.22 6.20 6.13
CA SER A 101 12.92 6.52 7.34
C SER A 101 13.71 5.30 7.82
N GLY A 1 -6.32 11.34 20.90
CA GLY A 1 -5.27 11.72 19.92
C GLY A 1 -5.82 12.54 18.78
N HIS A 2 -4.93 13.11 17.98
CA HIS A 2 -5.34 13.92 16.84
C HIS A 2 -5.63 13.06 15.62
N MET A 3 -6.91 12.68 15.47
CA MET A 3 -7.37 11.90 14.34
C MET A 3 -6.71 10.52 14.30
N SER A 4 -7.34 9.56 14.95
CA SER A 4 -6.84 8.19 14.97
C SER A 4 -7.02 7.56 13.58
N ASN A 5 -5.91 7.33 12.90
CA ASN A 5 -5.95 6.81 11.53
C ASN A 5 -4.83 5.79 11.32
N GLY A 6 -5.18 4.69 10.64
CA GLY A 6 -4.22 3.63 10.41
C GLY A 6 -3.35 3.89 9.20
N TYR A 7 -3.76 4.85 8.39
CA TYR A 7 -2.98 5.30 7.25
C TYR A 7 -2.67 6.78 7.42
N GLU A 8 -2.11 7.12 8.57
CA GLU A 8 -1.99 8.50 9.03
C GLU A 8 -0.75 9.20 8.47
N ASP A 9 -0.32 10.23 9.21
CA ASP A 9 0.87 11.03 8.90
C ASP A 9 0.56 12.06 7.84
N HIS A 10 0.28 11.57 6.66
CA HIS A 10 -0.04 12.42 5.53
C HIS A 10 -1.49 12.92 5.62
N MET A 11 -2.13 12.62 6.75
CA MET A 11 -3.51 13.02 6.98
C MET A 11 -3.58 14.46 7.49
N ALA A 12 -2.42 15.02 7.80
CA ALA A 12 -2.35 16.41 8.23
C ALA A 12 -2.18 17.31 7.01
N GLU A 13 -0.96 17.32 6.47
CA GLU A 13 -0.66 18.10 5.28
C GLU A 13 0.73 17.76 4.75
N ASP A 14 0.83 17.60 3.43
CA ASP A 14 2.10 17.39 2.74
C ASP A 14 2.80 16.13 3.21
N CYS A 15 3.66 16.29 4.20
CA CYS A 15 4.43 15.21 4.79
C CYS A 15 5.46 14.67 3.82
N ARG A 16 6.23 13.68 4.24
CA ARG A 16 7.27 13.13 3.41
C ARG A 16 6.68 12.13 2.41
N GLY A 17 5.46 12.40 2.03
CA GLY A 17 4.79 11.60 1.03
C GLY A 17 4.32 12.44 -0.12
N ASP A 18 5.07 13.50 -0.42
CA ASP A 18 4.72 14.39 -1.52
C ASP A 18 5.98 15.01 -2.11
N ILE A 19 7.10 14.31 -1.95
CA ILE A 19 8.38 14.75 -2.48
C ILE A 19 8.65 14.07 -3.82
N GLY A 20 8.97 12.80 -3.74
CA GLY A 20 9.15 11.98 -4.93
C GLY A 20 8.86 10.53 -4.58
N ARG A 21 7.86 10.36 -3.74
CA ARG A 21 7.53 9.06 -3.18
C ARG A 21 7.00 8.10 -4.22
N THR A 22 7.54 6.90 -4.20
CA THR A 22 7.12 5.85 -5.10
C THR A 22 6.67 4.66 -4.27
N ASN A 23 7.10 4.71 -3.02
CA ASN A 23 6.75 3.73 -2.01
C ASN A 23 5.28 3.83 -1.65
N LEU A 24 4.58 2.74 -1.75
CA LEU A 24 3.17 2.72 -1.41
C LEU A 24 2.87 1.65 -0.38
N ILE A 25 2.49 2.11 0.81
CA ILE A 25 2.05 1.24 1.86
C ILE A 25 0.61 0.85 1.60
N VAL A 26 0.33 -0.42 1.62
CA VAL A 26 -1.00 -0.91 1.35
C VAL A 26 -1.53 -1.67 2.54
N ASN A 27 -2.48 -1.05 3.22
CA ASN A 27 -3.08 -1.66 4.39
C ASN A 27 -4.31 -2.43 3.97
N TYR A 28 -4.92 -3.10 4.92
CA TYR A 28 -6.20 -3.78 4.68
C TYR A 28 -6.04 -4.85 3.60
N LEU A 29 -4.92 -5.55 3.63
CA LEU A 29 -4.69 -6.66 2.72
C LEU A 29 -5.37 -7.91 3.25
N PRO A 30 -5.87 -8.78 2.35
CA PRO A 30 -6.46 -10.06 2.74
C PRO A 30 -5.45 -10.88 3.53
N GLN A 31 -5.89 -11.44 4.63
CA GLN A 31 -5.01 -12.10 5.57
C GLN A 31 -4.37 -13.36 4.98
N ASN A 32 -4.83 -13.78 3.81
CA ASN A 32 -4.30 -14.95 3.15
C ASN A 32 -3.63 -14.60 1.82
N MET A 33 -3.55 -13.30 1.51
CA MET A 33 -3.01 -12.87 0.23
C MET A 33 -1.49 -12.95 0.20
N THR A 34 -0.91 -12.84 -0.99
CA THR A 34 0.53 -12.98 -1.16
C THR A 34 1.15 -11.71 -1.70
N GLN A 35 2.48 -11.64 -1.72
CA GLN A 35 3.18 -10.55 -2.37
C GLN A 35 2.72 -10.44 -3.80
N ASP A 36 2.69 -11.59 -4.47
CA ASP A 36 2.38 -11.66 -5.90
C ASP A 36 1.02 -11.04 -6.19
N GLU A 37 0.07 -11.24 -5.29
CA GLU A 37 -1.26 -10.68 -5.44
C GLU A 37 -1.22 -9.17 -5.20
N LEU A 38 -0.60 -8.79 -4.09
CA LEU A 38 -0.41 -7.39 -3.74
C LEU A 38 0.38 -6.69 -4.85
N ARG A 39 1.32 -7.42 -5.41
CA ARG A 39 2.19 -6.93 -6.46
C ARG A 39 1.44 -6.83 -7.79
N SER A 40 0.62 -7.85 -8.09
CA SER A 40 -0.11 -7.90 -9.35
C SER A 40 -1.19 -6.82 -9.42
N LEU A 41 -1.89 -6.63 -8.32
CA LEU A 41 -2.94 -5.63 -8.23
C LEU A 41 -2.37 -4.24 -8.48
N PHE A 42 -1.18 -4.00 -7.99
CA PHE A 42 -0.52 -2.73 -8.24
C PHE A 42 0.16 -2.73 -9.61
N SER A 43 0.43 -3.92 -10.12
CA SER A 43 0.91 -4.06 -11.48
C SER A 43 -0.24 -3.77 -12.45
N SER A 44 -1.46 -3.73 -11.92
CA SER A 44 -2.63 -3.40 -12.73
C SER A 44 -2.66 -1.90 -12.98
N ILE A 45 -2.12 -1.14 -12.03
CA ILE A 45 -1.93 0.29 -12.21
C ILE A 45 -0.86 0.55 -13.25
N GLY A 46 0.24 -0.16 -13.14
CA GLY A 46 1.35 0.07 -14.06
C GLY A 46 2.52 -0.84 -13.77
N GLU A 47 3.63 -0.24 -13.38
CA GLU A 47 4.83 -1.02 -13.10
C GLU A 47 5.29 -0.85 -11.68
N VAL A 48 5.43 -1.98 -11.02
CA VAL A 48 5.79 -2.03 -9.63
C VAL A 48 7.25 -2.41 -9.49
N GLU A 49 7.98 -1.50 -8.88
CA GLU A 49 9.38 -1.65 -8.67
C GLU A 49 9.64 -2.82 -7.72
N SER A 50 8.92 -2.84 -6.61
CA SER A 50 9.01 -3.94 -5.66
C SER A 50 7.80 -3.94 -4.73
N ALA A 51 7.14 -5.07 -4.59
CA ALA A 51 6.01 -5.17 -3.69
C ALA A 51 6.26 -6.17 -2.58
N LYS A 52 6.19 -5.68 -1.36
CA LYS A 52 6.40 -6.50 -0.19
C LYS A 52 5.07 -6.78 0.49
N LEU A 53 4.86 -8.02 0.86
CA LEU A 53 3.71 -8.38 1.66
C LEU A 53 4.17 -8.65 3.06
N ILE A 54 3.46 -8.13 4.03
CA ILE A 54 3.80 -8.37 5.39
C ILE A 54 3.07 -9.59 5.90
N ARG A 55 3.83 -10.61 6.22
CA ARG A 55 3.26 -11.88 6.60
C ARG A 55 3.98 -12.40 7.83
N ASP A 56 3.25 -13.14 8.64
CA ASP A 56 3.75 -13.55 9.94
C ASP A 56 4.90 -14.53 9.81
N LYS A 57 5.90 -14.30 10.64
CA LYS A 57 7.14 -15.03 10.67
C LYS A 57 6.95 -16.51 10.99
N VAL A 58 5.78 -16.84 11.50
CA VAL A 58 5.52 -18.18 12.01
C VAL A 58 4.22 -18.73 11.46
N ALA A 59 3.15 -18.00 11.71
CA ALA A 59 1.82 -18.47 11.35
C ALA A 59 1.56 -18.41 9.86
N GLY A 60 2.49 -17.79 9.15
CA GLY A 60 2.46 -17.77 7.70
C GLY A 60 1.22 -17.12 7.11
N HIS A 61 0.65 -16.15 7.82
CA HIS A 61 -0.50 -15.42 7.30
C HIS A 61 -0.18 -13.94 7.21
N SER A 62 -0.82 -13.25 6.28
CA SER A 62 -0.58 -11.83 6.09
C SER A 62 -1.06 -11.05 7.31
N LEU A 63 -0.34 -10.00 7.65
CA LEU A 63 -0.65 -9.22 8.83
C LEU A 63 -1.52 -8.03 8.49
N GLY A 64 -1.90 -7.93 7.22
CA GLY A 64 -2.89 -6.94 6.81
C GLY A 64 -2.32 -5.71 6.15
N TYR A 65 -1.03 -5.73 5.82
CA TYR A 65 -0.44 -4.58 5.13
C TYR A 65 0.79 -5.00 4.34
N GLY A 66 1.25 -4.09 3.48
CA GLY A 66 2.41 -4.34 2.65
C GLY A 66 2.99 -3.07 2.09
N PHE A 67 4.07 -3.19 1.32
CA PHE A 67 4.75 -2.03 0.78
C PHE A 67 5.11 -2.27 -0.69
N VAL A 68 4.41 -1.60 -1.59
CA VAL A 68 4.73 -1.70 -3.00
C VAL A 68 5.31 -0.38 -3.50
N ASN A 69 6.59 -0.44 -3.83
CA ASN A 69 7.29 0.68 -4.41
C ASN A 69 7.04 0.68 -5.90
N TYR A 70 6.58 1.79 -6.43
CA TYR A 70 6.38 1.91 -7.85
C TYR A 70 7.63 2.43 -8.53
N VAL A 71 7.65 2.32 -9.84
CA VAL A 71 8.74 2.85 -10.64
C VAL A 71 8.49 4.34 -10.92
N THR A 72 7.29 4.77 -10.55
CA THR A 72 6.84 6.13 -10.74
C THR A 72 6.13 6.63 -9.50
N ALA A 73 6.22 7.93 -9.24
CA ALA A 73 5.38 8.55 -8.23
C ALA A 73 4.05 8.89 -8.86
N LYS A 74 4.06 8.84 -10.19
CA LYS A 74 2.86 9.04 -11.00
C LYS A 74 1.88 7.89 -10.81
N ASP A 75 2.35 6.66 -10.95
CA ASP A 75 1.50 5.49 -10.78
C ASP A 75 1.26 5.21 -9.30
N ALA A 76 2.07 5.80 -8.44
CA ALA A 76 1.85 5.71 -7.00
C ALA A 76 0.53 6.38 -6.64
N GLU A 77 0.40 7.66 -7.02
CA GLU A 77 -0.84 8.38 -6.85
C GLU A 77 -1.96 7.70 -7.64
N ARG A 78 -1.59 7.10 -8.77
CA ARG A 78 -2.53 6.43 -9.62
C ARG A 78 -3.12 5.24 -8.88
N ALA A 79 -2.29 4.57 -8.10
CA ALA A 79 -2.77 3.46 -7.28
C ALA A 79 -3.67 3.97 -6.17
N ILE A 80 -3.35 5.12 -5.63
CA ILE A 80 -4.14 5.70 -4.55
C ILE A 80 -5.47 6.27 -5.04
N ASN A 81 -5.53 6.71 -6.27
CA ASN A 81 -6.79 7.21 -6.77
C ASN A 81 -7.61 6.11 -7.43
N THR A 82 -6.93 5.14 -8.02
CA THR A 82 -7.58 4.05 -8.70
C THR A 82 -7.83 2.86 -7.77
N LEU A 83 -6.75 2.30 -7.24
CA LEU A 83 -6.83 1.04 -6.48
C LEU A 83 -7.37 1.26 -5.08
N ASN A 84 -6.95 2.33 -4.42
CA ASN A 84 -7.27 2.60 -3.03
C ASN A 84 -8.74 2.28 -2.70
N GLY A 85 -8.94 1.20 -1.94
CA GLY A 85 -10.28 0.72 -1.67
C GLY A 85 -10.70 -0.39 -2.63
N LEU A 86 -9.72 -1.13 -3.12
CA LEU A 86 -9.96 -2.20 -4.09
C LEU A 86 -10.34 -3.46 -3.36
N ARG A 87 -11.32 -4.19 -3.90
CA ARG A 87 -11.70 -5.48 -3.33
C ARG A 87 -10.74 -6.57 -3.80
N LEU A 88 -9.67 -6.74 -3.06
CA LEU A 88 -8.69 -7.78 -3.33
C LEU A 88 -9.12 -9.04 -2.63
N GLN A 89 -9.51 -10.05 -3.40
CA GLN A 89 -10.04 -11.28 -2.83
C GLN A 89 -11.23 -10.97 -1.91
N SER A 90 -11.94 -9.90 -2.29
CA SER A 90 -13.15 -9.44 -1.59
C SER A 90 -12.79 -8.54 -0.40
N LYS A 91 -11.51 -8.45 -0.11
CA LYS A 91 -11.01 -7.63 0.98
C LYS A 91 -10.66 -6.24 0.46
N THR A 92 -11.06 -5.20 1.17
CA THR A 92 -10.83 -3.85 0.71
C THR A 92 -9.52 -3.31 1.25
N ILE A 93 -8.67 -2.87 0.34
CA ILE A 93 -7.31 -2.42 0.67
C ILE A 93 -7.24 -0.90 0.85
N LYS A 94 -6.13 -0.42 1.42
CA LYS A 94 -5.85 1.01 1.43
C LYS A 94 -4.43 1.28 1.01
N VAL A 95 -4.26 1.92 -0.12
CA VAL A 95 -2.94 2.22 -0.62
C VAL A 95 -2.63 3.70 -0.39
N SER A 96 -1.42 3.97 0.04
CA SER A 96 -0.95 5.32 0.32
C SER A 96 0.57 5.31 0.29
N TYR A 97 1.18 6.48 0.30
CA TYR A 97 2.63 6.57 0.39
C TYR A 97 3.07 6.01 1.73
N ALA A 98 3.95 5.02 1.69
CA ALA A 98 4.45 4.42 2.92
C ALA A 98 5.38 5.40 3.62
N ARG A 99 4.78 6.20 4.50
CA ARG A 99 5.47 7.32 5.16
C ARG A 99 6.90 6.98 5.57
N PRO A 100 7.89 7.54 4.86
CA PRO A 100 9.29 7.39 5.21
C PRO A 100 9.68 8.30 6.37
N SER A 101 9.91 7.69 7.51
CA SER A 101 10.26 8.40 8.74
C SER A 101 9.19 9.45 9.09
N GLY A 1 -13.21 13.40 9.72
CA GLY A 1 -13.72 14.06 8.50
C GLY A 1 -12.71 15.02 7.90
N HIS A 2 -13.08 15.67 6.80
CA HIS A 2 -12.24 16.69 6.16
C HIS A 2 -10.93 16.06 5.67
N MET A 3 -10.96 14.76 5.39
CA MET A 3 -9.77 14.05 4.93
C MET A 3 -10.13 12.74 4.25
N SER A 4 -11.11 12.03 4.83
CA SER A 4 -11.61 10.76 4.29
C SER A 4 -10.62 9.62 4.54
N ASN A 5 -9.35 9.86 4.24
CA ASN A 5 -8.29 8.90 4.52
C ASN A 5 -8.08 8.79 6.02
N GLY A 6 -8.67 7.76 6.62
CA GLY A 6 -8.46 7.50 8.03
C GLY A 6 -7.37 6.48 8.25
N TYR A 7 -6.26 6.67 7.55
CA TYR A 7 -5.17 5.71 7.59
C TYR A 7 -3.86 6.37 7.98
N GLU A 8 -3.92 7.65 8.34
CA GLU A 8 -2.75 8.42 8.74
C GLU A 8 -1.72 8.47 7.59
N ASP A 9 -0.48 8.78 7.96
CA ASP A 9 0.66 8.87 7.02
C ASP A 9 0.55 10.10 6.14
N HIS A 10 -0.52 10.85 6.35
CA HIS A 10 -0.77 12.11 5.66
C HIS A 10 -2.18 12.60 6.00
N MET A 11 -2.27 13.41 7.04
CA MET A 11 -3.55 13.91 7.51
C MET A 11 -3.40 15.26 8.19
N ALA A 12 -2.36 15.42 9.00
CA ALA A 12 -2.15 16.65 9.75
C ALA A 12 -1.39 17.68 8.92
N GLU A 13 -0.40 17.20 8.17
CA GLU A 13 0.44 18.06 7.34
C GLU A 13 1.17 17.20 6.33
N ASP A 14 0.40 16.34 5.68
CA ASP A 14 0.96 15.25 4.89
C ASP A 14 1.85 14.39 5.76
N CYS A 15 3.15 14.42 5.49
CA CYS A 15 4.16 13.61 6.20
C CYS A 15 5.41 13.56 5.34
N ARG A 16 6.26 12.57 5.56
CA ARG A 16 7.36 12.31 4.64
C ARG A 16 6.82 11.60 3.42
N GLY A 17 5.79 12.18 2.83
CA GLY A 17 5.12 11.57 1.72
C GLY A 17 4.81 12.56 0.63
N ASP A 18 5.74 13.48 0.39
CA ASP A 18 5.62 14.43 -0.70
C ASP A 18 7.01 14.85 -1.18
N ILE A 19 7.98 14.00 -0.89
CA ILE A 19 9.35 14.25 -1.29
C ILE A 19 9.64 13.54 -2.61
N GLY A 20 9.82 12.24 -2.52
CA GLY A 20 9.96 11.40 -3.69
C GLY A 20 9.40 10.03 -3.41
N ARG A 21 8.27 10.03 -2.73
CA ARG A 21 7.65 8.82 -2.23
C ARG A 21 7.11 7.92 -3.32
N THR A 22 7.88 6.92 -3.67
CA THR A 22 7.44 5.91 -4.61
C THR A 22 7.00 4.66 -3.85
N ASN A 23 7.47 4.55 -2.62
CA ASN A 23 7.21 3.40 -1.78
C ASN A 23 5.83 3.50 -1.17
N LEU A 24 5.07 2.43 -1.26
CA LEU A 24 3.72 2.42 -0.75
C LEU A 24 3.52 1.27 0.23
N ILE A 25 3.28 1.63 1.47
CA ILE A 25 2.94 0.67 2.49
C ILE A 25 1.46 0.34 2.35
N VAL A 26 1.17 -0.93 2.19
CA VAL A 26 -0.21 -1.36 2.03
C VAL A 26 -0.61 -2.24 3.19
N ASN A 27 -1.36 -1.67 4.10
CA ASN A 27 -1.79 -2.36 5.29
C ASN A 27 -3.14 -3.00 5.05
N TYR A 28 -3.63 -3.69 6.07
CA TYR A 28 -4.93 -4.35 6.03
C TYR A 28 -5.04 -5.25 4.80
N LEU A 29 -3.95 -5.92 4.46
CA LEU A 29 -3.95 -6.90 3.39
C LEU A 29 -4.63 -8.18 3.87
N PRO A 30 -5.33 -8.89 2.98
CA PRO A 30 -5.97 -10.14 3.32
C PRO A 30 -4.95 -11.11 3.92
N GLN A 31 -5.34 -11.77 5.00
CA GLN A 31 -4.43 -12.65 5.75
C GLN A 31 -3.99 -13.84 4.90
N ASN A 32 -4.63 -14.04 3.76
CA ASN A 32 -4.31 -15.14 2.88
C ASN A 32 -3.90 -14.66 1.48
N MET A 33 -3.60 -13.37 1.34
CA MET A 33 -3.22 -12.82 0.05
C MET A 33 -1.73 -13.02 -0.20
N THR A 34 -1.31 -12.85 -1.45
CA THR A 34 0.08 -13.09 -1.84
C THR A 34 0.78 -11.79 -2.24
N GLN A 35 2.11 -11.83 -2.35
CA GLN A 35 2.85 -10.72 -2.93
C GLN A 35 2.29 -10.41 -4.30
N ASP A 36 2.11 -11.45 -5.10
CA ASP A 36 1.64 -11.32 -6.47
C ASP A 36 0.31 -10.61 -6.54
N GLU A 37 -0.59 -10.91 -5.59
CA GLU A 37 -1.88 -10.24 -5.55
C GLU A 37 -1.69 -8.77 -5.17
N LEU A 38 -0.92 -8.56 -4.12
CA LEU A 38 -0.57 -7.22 -3.65
C LEU A 38 0.15 -6.46 -4.76
N ARG A 39 0.92 -7.18 -5.54
CA ARG A 39 1.72 -6.63 -6.61
C ARG A 39 0.86 -6.37 -7.87
N SER A 40 -0.05 -7.28 -8.18
CA SER A 40 -0.87 -7.17 -9.39
C SER A 40 -1.96 -6.11 -9.25
N LEU A 41 -2.50 -5.98 -8.06
CA LEU A 41 -3.50 -4.97 -7.77
C LEU A 41 -2.89 -3.59 -7.91
N PHE A 42 -1.65 -3.44 -7.52
CA PHE A 42 -0.94 -2.20 -7.72
C PHE A 42 -0.41 -2.10 -9.14
N SER A 43 -0.20 -3.24 -9.77
CA SER A 43 0.16 -3.28 -11.17
C SER A 43 -1.04 -2.84 -12.02
N SER A 44 -2.21 -2.73 -11.37
CA SER A 44 -3.41 -2.24 -12.04
C SER A 44 -3.31 -0.72 -12.20
N ILE A 45 -2.74 -0.08 -11.18
CA ILE A 45 -2.44 1.35 -11.23
C ILE A 45 -1.40 1.63 -12.30
N GLY A 46 -0.38 0.79 -12.33
CA GLY A 46 0.70 0.96 -13.27
C GLY A 46 1.80 -0.03 -13.01
N GLU A 47 3.01 0.29 -13.43
CA GLU A 47 4.13 -0.57 -13.18
C GLU A 47 4.62 -0.42 -11.74
N VAL A 48 5.13 -1.51 -11.23
CA VAL A 48 5.50 -1.63 -9.83
C VAL A 48 6.93 -2.07 -9.73
N GLU A 49 7.70 -1.21 -9.09
CA GLU A 49 9.11 -1.40 -8.91
C GLU A 49 9.35 -2.69 -8.14
N SER A 50 8.73 -2.80 -6.97
CA SER A 50 8.88 -3.97 -6.12
C SER A 50 7.76 -4.04 -5.10
N ALA A 51 7.08 -5.17 -5.02
CA ALA A 51 6.00 -5.33 -4.06
C ALA A 51 6.25 -6.51 -3.15
N LYS A 52 6.19 -6.26 -1.85
CA LYS A 52 6.37 -7.30 -0.88
C LYS A 52 5.11 -7.55 -0.07
N LEU A 53 4.96 -8.79 0.35
CA LEU A 53 3.91 -9.18 1.25
C LEU A 53 4.53 -9.67 2.52
N ILE A 54 4.02 -9.21 3.65
CA ILE A 54 4.62 -9.55 4.92
C ILE A 54 3.85 -10.69 5.58
N ARG A 55 4.53 -11.79 5.81
CA ARG A 55 3.93 -12.92 6.48
C ARG A 55 4.75 -13.29 7.71
N ASP A 56 4.19 -14.14 8.55
CA ASP A 56 4.88 -14.54 9.76
C ASP A 56 5.91 -15.60 9.47
N LYS A 57 7.03 -15.47 10.14
CA LYS A 57 8.16 -16.37 10.02
C LYS A 57 7.86 -17.75 10.61
N VAL A 58 6.72 -17.85 11.26
CA VAL A 58 6.36 -19.06 11.99
C VAL A 58 4.99 -19.55 11.57
N ALA A 59 4.00 -18.70 11.73
CA ALA A 59 2.63 -19.08 11.45
C ALA A 59 2.32 -19.11 9.97
N GLY A 60 3.32 -18.70 9.18
CA GLY A 60 3.28 -18.80 7.73
C GLY A 60 2.06 -18.15 7.11
N HIS A 61 1.64 -17.02 7.64
CA HIS A 61 0.46 -16.34 7.10
C HIS A 61 0.74 -14.85 6.98
N SER A 62 0.11 -14.23 6.00
CA SER A 62 0.24 -12.80 5.80
C SER A 62 -0.27 -12.06 7.03
N LEU A 63 0.56 -11.16 7.55
CA LEU A 63 0.25 -10.46 8.79
C LEU A 63 -0.73 -9.33 8.55
N GLY A 64 -0.95 -9.00 7.29
CA GLY A 64 -1.95 -8.01 6.96
C GLY A 64 -1.34 -6.70 6.49
N TYR A 65 -0.17 -6.76 5.90
CA TYR A 65 0.44 -5.58 5.32
C TYR A 65 1.60 -5.94 4.40
N GLY A 66 1.97 -5.01 3.55
CA GLY A 66 3.07 -5.22 2.62
C GLY A 66 3.59 -3.90 2.09
N PHE A 67 4.54 -3.96 1.17
CA PHE A 67 5.18 -2.76 0.66
C PHE A 67 5.37 -2.84 -0.85
N VAL A 68 4.62 -2.04 -1.59
CA VAL A 68 4.80 -1.98 -3.03
C VAL A 68 5.38 -0.62 -3.44
N ASN A 69 6.64 -0.67 -3.80
CA ASN A 69 7.33 0.48 -4.32
C ASN A 69 6.98 0.66 -5.79
N TYR A 70 6.54 1.84 -6.16
CA TYR A 70 6.27 2.12 -7.54
C TYR A 70 7.51 2.66 -8.23
N VAL A 71 7.46 2.68 -9.55
CA VAL A 71 8.56 3.23 -10.34
C VAL A 71 8.48 4.76 -10.31
N THR A 72 7.28 5.26 -10.05
CA THR A 72 7.02 6.68 -9.94
C THR A 72 6.51 7.02 -8.56
N ALA A 73 6.48 8.31 -8.24
CA ALA A 73 5.70 8.78 -7.11
C ALA A 73 4.31 9.13 -7.59
N LYS A 74 4.20 9.24 -8.92
CA LYS A 74 2.94 9.49 -9.62
C LYS A 74 1.94 8.35 -9.39
N ASP A 75 2.33 7.14 -9.73
CA ASP A 75 1.45 5.97 -9.59
C ASP A 75 1.29 5.61 -8.12
N ALA A 76 2.18 6.12 -7.29
CA ALA A 76 2.08 5.94 -5.84
C ALA A 76 0.85 6.65 -5.29
N GLU A 77 0.77 7.95 -5.53
CA GLU A 77 -0.40 8.74 -5.18
C GLU A 77 -1.62 8.18 -5.89
N ARG A 78 -1.42 7.71 -7.10
CA ARG A 78 -2.49 7.18 -7.91
C ARG A 78 -3.04 5.92 -7.27
N ALA A 79 -2.18 5.16 -6.60
CA ALA A 79 -2.62 3.96 -5.90
C ALA A 79 -3.31 4.33 -4.61
N ILE A 80 -2.88 5.40 -3.97
CA ILE A 80 -3.50 5.81 -2.73
C ILE A 80 -4.89 6.37 -2.95
N ASN A 81 -5.09 7.10 -4.02
CA ASN A 81 -6.39 7.67 -4.26
C ASN A 81 -7.32 6.67 -4.92
N THR A 82 -6.74 5.74 -5.65
CA THR A 82 -7.50 4.72 -6.33
C THR A 82 -7.65 3.44 -5.50
N LEU A 83 -6.53 2.83 -5.16
CA LEU A 83 -6.52 1.49 -4.56
C LEU A 83 -6.72 1.49 -3.05
N ASN A 84 -6.42 2.58 -2.38
CA ASN A 84 -6.57 2.63 -0.92
C ASN A 84 -8.04 2.45 -0.56
N GLY A 85 -8.34 1.41 0.20
CA GLY A 85 -9.70 1.05 0.50
C GLY A 85 -10.28 0.12 -0.55
N LEU A 86 -9.42 -0.63 -1.21
CA LEU A 86 -9.84 -1.60 -2.21
C LEU A 86 -10.24 -2.89 -1.52
N ARG A 87 -11.25 -3.56 -2.05
CA ARG A 87 -11.67 -4.82 -1.50
C ARG A 87 -10.88 -5.95 -2.14
N LEU A 88 -9.75 -6.26 -1.55
CA LEU A 88 -8.91 -7.35 -2.01
C LEU A 88 -9.29 -8.63 -1.32
N GLN A 89 -9.86 -9.57 -2.07
CA GLN A 89 -10.28 -10.85 -1.52
C GLN A 89 -11.18 -10.67 -0.31
N SER A 90 -12.00 -9.63 -0.39
CA SER A 90 -12.96 -9.28 0.66
C SER A 90 -12.27 -8.66 1.87
N LYS A 91 -11.14 -8.02 1.62
CA LYS A 91 -10.39 -7.29 2.63
C LYS A 91 -10.09 -5.89 2.15
N THR A 92 -10.35 -4.93 2.99
CA THR A 92 -10.15 -3.53 2.62
C THR A 92 -8.78 -3.07 3.06
N ILE A 93 -7.96 -2.71 2.09
CA ILE A 93 -6.54 -2.47 2.31
C ILE A 93 -6.22 -0.99 2.46
N LYS A 94 -5.02 -0.70 2.96
CA LYS A 94 -4.56 0.66 3.18
C LYS A 94 -3.25 0.92 2.46
N VAL A 95 -3.31 1.57 1.32
CA VAL A 95 -2.09 1.94 0.63
C VAL A 95 -1.74 3.39 0.94
N SER A 96 -0.50 3.61 1.32
CA SER A 96 -0.02 4.91 1.74
C SER A 96 1.48 4.98 1.51
N TYR A 97 2.05 6.17 1.51
CA TYR A 97 3.48 6.31 1.31
C TYR A 97 4.23 5.72 2.50
N ALA A 98 4.85 4.57 2.30
CA ALA A 98 5.67 3.98 3.33
C ALA A 98 6.91 4.84 3.49
N ARG A 99 7.00 5.53 4.64
CA ARG A 99 8.03 6.57 4.87
C ARG A 99 9.39 6.19 4.28
N PRO A 100 9.80 6.87 3.20
CA PRO A 100 11.09 6.64 2.53
C PRO A 100 12.26 6.80 3.49
N SER A 101 13.23 5.89 3.38
CA SER A 101 14.42 5.90 4.18
C SER A 101 15.14 7.25 4.13
N GLY A 1 -6.73 17.98 4.55
CA GLY A 1 -7.26 18.07 3.17
C GLY A 1 -7.91 16.77 2.74
N HIS A 2 -7.98 16.52 1.44
CA HIS A 2 -8.54 15.28 0.94
C HIS A 2 -7.48 14.49 0.18
N MET A 3 -6.50 14.00 0.92
CA MET A 3 -5.37 13.26 0.34
C MET A 3 -5.69 11.78 0.31
N SER A 4 -6.97 11.45 0.48
CA SER A 4 -7.41 10.07 0.63
C SER A 4 -6.82 9.53 1.95
N ASN A 5 -5.94 8.54 1.85
CA ASN A 5 -5.22 8.01 3.00
C ASN A 5 -6.18 7.29 3.96
N GLY A 6 -6.89 8.05 4.78
CA GLY A 6 -7.79 7.44 5.77
C GLY A 6 -7.03 6.61 6.78
N TYR A 7 -5.74 6.87 6.89
CA TYR A 7 -4.86 6.15 7.77
C TYR A 7 -3.86 7.13 8.35
N GLU A 8 -4.27 7.80 9.42
CA GLU A 8 -3.49 8.86 10.02
C GLU A 8 -2.05 8.42 10.28
N ASP A 9 -1.12 9.15 9.68
CA ASP A 9 0.29 8.79 9.65
C ASP A 9 1.06 9.79 8.81
N HIS A 10 0.31 10.42 7.92
CA HIS A 10 0.84 11.38 6.96
C HIS A 10 -0.33 12.09 6.28
N MET A 11 -1.37 12.33 7.06
CA MET A 11 -2.62 12.82 6.53
C MET A 11 -2.65 14.33 6.52
N ALA A 12 -2.20 14.91 7.62
CA ALA A 12 -2.16 16.36 7.74
C ALA A 12 -0.73 16.87 7.61
N GLU A 13 0.18 16.25 8.36
CA GLU A 13 1.56 16.72 8.46
C GLU A 13 2.35 15.78 9.35
N ASP A 14 1.78 14.63 9.61
CA ASP A 14 2.31 13.68 10.56
C ASP A 14 3.71 13.24 10.15
N CYS A 15 3.93 13.15 8.85
CA CYS A 15 5.23 12.78 8.30
C CYS A 15 5.51 13.61 7.05
N ARG A 16 6.56 13.26 6.31
CA ARG A 16 6.84 13.92 5.05
C ARG A 16 5.74 13.56 4.04
N GLY A 17 5.93 12.44 3.35
CA GLY A 17 4.89 11.92 2.48
C GLY A 17 4.50 12.87 1.34
N ASP A 18 5.40 13.74 0.92
CA ASP A 18 5.12 14.59 -0.24
C ASP A 18 6.42 15.06 -0.88
N ILE A 19 7.45 14.24 -0.74
CA ILE A 19 8.76 14.53 -1.30
C ILE A 19 8.98 13.72 -2.57
N GLY A 20 9.21 12.44 -2.38
CA GLY A 20 9.31 11.51 -3.47
C GLY A 20 8.76 10.17 -3.05
N ARG A 21 7.65 10.24 -2.31
CA ARG A 21 7.03 9.06 -1.71
C ARG A 21 6.46 8.10 -2.76
N THR A 22 7.26 7.13 -3.13
CA THR A 22 6.84 6.09 -4.04
C THR A 22 6.50 4.83 -3.25
N ASN A 23 7.04 4.77 -2.04
CA ASN A 23 6.83 3.65 -1.12
C ASN A 23 5.41 3.67 -0.59
N LEU A 24 4.66 2.62 -0.86
CA LEU A 24 3.27 2.57 -0.44
C LEU A 24 3.02 1.45 0.55
N ILE A 25 2.69 1.83 1.76
CA ILE A 25 2.28 0.88 2.77
C ILE A 25 0.82 0.52 2.52
N VAL A 26 0.52 -0.75 2.55
CA VAL A 26 -0.85 -1.18 2.30
C VAL A 26 -1.33 -2.04 3.45
N ASN A 27 -2.28 -1.51 4.19
CA ASN A 27 -2.87 -2.23 5.31
C ASN A 27 -4.16 -2.89 4.87
N TYR A 28 -4.72 -3.69 5.76
CA TYR A 28 -6.02 -4.31 5.55
C TYR A 28 -6.00 -5.27 4.37
N LEU A 29 -4.83 -5.84 4.12
CA LEU A 29 -4.68 -6.88 3.10
C LEU A 29 -5.40 -8.13 3.57
N PRO A 30 -5.87 -8.95 2.64
CA PRO A 30 -6.45 -10.25 2.98
C PRO A 30 -5.43 -11.09 3.74
N GLN A 31 -5.86 -11.73 4.81
CA GLN A 31 -4.94 -12.40 5.73
C GLN A 31 -4.32 -13.64 5.10
N ASN A 32 -4.76 -14.00 3.90
CA ASN A 32 -4.24 -15.17 3.20
C ASN A 32 -3.57 -14.78 1.88
N MET A 33 -3.53 -13.48 1.57
CA MET A 33 -3.07 -13.01 0.28
C MET A 33 -1.55 -13.16 0.12
N THR A 34 -1.07 -13.00 -1.11
CA THR A 34 0.33 -13.18 -1.44
C THR A 34 0.97 -11.87 -1.88
N GLN A 35 2.31 -11.83 -1.95
CA GLN A 35 3.01 -10.69 -2.53
C GLN A 35 2.48 -10.42 -3.92
N ASP A 36 2.38 -11.48 -4.71
CA ASP A 36 2.03 -11.37 -6.11
C ASP A 36 0.67 -10.70 -6.28
N GLU A 37 -0.23 -10.91 -5.33
CA GLU A 37 -1.55 -10.27 -5.38
C GLU A 37 -1.41 -8.81 -4.97
N LEU A 38 -0.72 -8.58 -3.86
CA LEU A 38 -0.44 -7.23 -3.37
C LEU A 38 0.34 -6.46 -4.42
N ARG A 39 1.15 -7.18 -5.18
CA ARG A 39 1.98 -6.62 -6.21
C ARG A 39 1.15 -6.37 -7.48
N SER A 40 0.45 -7.39 -7.97
CA SER A 40 -0.26 -7.31 -9.25
C SER A 40 -1.38 -6.28 -9.21
N LEU A 41 -2.07 -6.18 -8.08
CA LEU A 41 -3.12 -5.21 -7.89
C LEU A 41 -2.57 -3.80 -8.02
N PHE A 42 -1.39 -3.59 -7.47
CA PHE A 42 -0.74 -2.31 -7.58
C PHE A 42 -0.05 -2.17 -8.94
N SER A 43 0.23 -3.30 -9.58
CA SER A 43 0.73 -3.31 -10.93
C SER A 43 -0.39 -2.92 -11.89
N SER A 44 -1.62 -3.11 -11.42
CA SER A 44 -2.79 -2.72 -12.17
C SER A 44 -2.88 -1.20 -12.25
N ILE A 45 -2.39 -0.54 -11.21
CA ILE A 45 -2.20 0.91 -11.25
C ILE A 45 -1.11 1.26 -12.25
N GLY A 46 0.02 0.59 -12.13
CA GLY A 46 1.16 0.92 -12.96
C GLY A 46 2.39 0.10 -12.60
N GLU A 47 3.56 0.69 -12.76
CA GLU A 47 4.80 -0.02 -12.52
C GLU A 47 5.20 -0.02 -11.06
N VAL A 48 5.35 -1.22 -10.54
CA VAL A 48 5.69 -1.42 -9.15
C VAL A 48 7.15 -1.77 -9.01
N GLU A 49 7.82 -0.93 -8.25
CA GLU A 49 9.22 -1.05 -8.03
C GLU A 49 9.54 -2.31 -7.22
N SER A 50 8.75 -2.52 -6.17
CA SER A 50 8.86 -3.73 -5.35
C SER A 50 7.70 -3.82 -4.37
N ALA A 51 7.03 -4.98 -4.35
CA ALA A 51 5.91 -5.16 -3.44
C ALA A 51 6.17 -6.29 -2.45
N LYS A 52 6.07 -5.94 -1.19
CA LYS A 52 6.34 -6.87 -0.10
C LYS A 52 5.06 -7.22 0.63
N LEU A 53 4.85 -8.50 0.89
CA LEU A 53 3.72 -8.95 1.67
C LEU A 53 4.23 -9.44 3.01
N ILE A 54 3.58 -9.04 4.07
CA ILE A 54 4.05 -9.38 5.40
C ILE A 54 3.30 -10.59 5.94
N ARG A 55 4.03 -11.64 6.22
CA ARG A 55 3.45 -12.82 6.82
C ARG A 55 4.22 -13.17 8.08
N ASP A 56 3.59 -13.91 8.96
CA ASP A 56 4.19 -14.28 10.23
C ASP A 56 5.42 -15.14 10.03
N LYS A 57 6.42 -14.85 10.84
CA LYS A 57 7.71 -15.51 10.82
C LYS A 57 7.62 -16.99 11.17
N VAL A 58 6.48 -17.40 11.66
CA VAL A 58 6.28 -18.75 12.16
C VAL A 58 5.03 -19.38 11.59
N ALA A 59 3.91 -18.69 11.80
CA ALA A 59 2.63 -19.18 11.34
C ALA A 59 2.47 -19.02 9.83
N GLY A 60 3.39 -18.27 9.25
CA GLY A 60 3.45 -18.09 7.81
C GLY A 60 2.19 -17.50 7.20
N HIS A 61 1.38 -16.85 8.02
CA HIS A 61 0.14 -16.26 7.52
C HIS A 61 0.30 -14.75 7.39
N SER A 62 -0.25 -14.19 6.33
CA SER A 62 -0.17 -12.76 6.11
C SER A 62 -0.76 -12.00 7.28
N LEU A 63 -0.04 -10.99 7.73
CA LEU A 63 -0.43 -10.23 8.92
C LEU A 63 -1.32 -9.05 8.56
N GLY A 64 -1.78 -9.03 7.31
CA GLY A 64 -2.79 -8.09 6.90
C GLY A 64 -2.24 -6.77 6.39
N TYR A 65 -0.95 -6.72 6.12
CA TYR A 65 -0.36 -5.50 5.58
C TYR A 65 0.89 -5.81 4.76
N GLY A 66 1.30 -4.83 3.96
CA GLY A 66 2.48 -4.98 3.13
C GLY A 66 3.03 -3.65 2.66
N PHE A 67 4.03 -3.68 1.81
CA PHE A 67 4.71 -2.47 1.34
C PHE A 67 5.03 -2.60 -0.15
N VAL A 68 4.34 -1.83 -0.98
CA VAL A 68 4.63 -1.81 -2.39
C VAL A 68 5.18 -0.46 -2.82
N ASN A 69 6.45 -0.46 -3.16
CA ASN A 69 7.11 0.71 -3.68
C ASN A 69 6.81 0.86 -5.16
N TYR A 70 6.44 2.05 -5.57
CA TYR A 70 6.22 2.32 -6.97
C TYR A 70 7.46 2.93 -7.59
N VAL A 71 7.49 2.95 -8.92
CA VAL A 71 8.56 3.61 -9.65
C VAL A 71 8.23 5.09 -9.77
N THR A 72 6.99 5.41 -9.45
CA THR A 72 6.47 6.77 -9.51
C THR A 72 5.76 7.13 -8.22
N ALA A 73 5.83 8.38 -7.84
CA ALA A 73 5.01 8.88 -6.75
C ALA A 73 3.65 9.25 -7.33
N LYS A 74 3.62 9.35 -8.65
CA LYS A 74 2.42 9.57 -9.43
C LYS A 74 1.45 8.39 -9.30
N ASP A 75 1.96 7.19 -9.55
CA ASP A 75 1.14 5.99 -9.44
C ASP A 75 0.95 5.59 -7.98
N ALA A 76 1.79 6.13 -7.11
CA ALA A 76 1.61 5.94 -5.67
C ALA A 76 0.31 6.57 -5.23
N GLU A 77 0.14 7.86 -5.53
CA GLU A 77 -1.10 8.57 -5.27
C GLU A 77 -2.23 7.90 -6.04
N ARG A 78 -1.91 7.39 -7.21
CA ARG A 78 -2.90 6.75 -8.05
C ARG A 78 -3.41 5.49 -7.35
N ALA A 79 -2.50 4.77 -6.72
CA ALA A 79 -2.89 3.59 -5.98
C ALA A 79 -3.70 3.97 -4.75
N ILE A 80 -3.39 5.11 -4.16
CA ILE A 80 -4.14 5.57 -2.99
C ILE A 80 -5.54 6.03 -3.37
N ASN A 81 -5.69 6.71 -4.48
CA ASN A 81 -7.00 7.21 -4.84
C ASN A 81 -7.81 6.14 -5.55
N THR A 82 -7.09 5.23 -6.18
CA THR A 82 -7.72 4.14 -6.90
C THR A 82 -7.89 2.88 -6.03
N LEU A 83 -6.76 2.30 -5.62
CA LEU A 83 -6.76 0.98 -5.01
C LEU A 83 -7.05 1.01 -3.53
N ASN A 84 -6.70 2.09 -2.86
CA ASN A 84 -7.05 2.22 -1.45
C ASN A 84 -8.57 2.12 -1.29
N GLY A 85 -9.00 1.00 -0.74
CA GLY A 85 -10.41 0.65 -0.68
C GLY A 85 -10.78 -0.34 -1.78
N LEU A 86 -9.80 -1.03 -2.35
CA LEU A 86 -10.05 -2.04 -3.38
C LEU A 86 -10.39 -3.37 -2.72
N ARG A 87 -11.34 -4.09 -3.31
CA ARG A 87 -11.72 -5.40 -2.79
C ARG A 87 -10.77 -6.48 -3.29
N LEU A 88 -9.70 -6.69 -2.54
CA LEU A 88 -8.75 -7.75 -2.84
C LEU A 88 -9.22 -9.03 -2.18
N GLN A 89 -9.67 -9.99 -2.98
CA GLN A 89 -10.19 -11.25 -2.47
C GLN A 89 -11.31 -10.99 -1.47
N SER A 90 -12.09 -9.95 -1.77
CA SER A 90 -13.27 -9.53 -1.00
C SER A 90 -12.87 -8.64 0.17
N LYS A 91 -11.58 -8.57 0.43
CA LYS A 91 -11.04 -7.79 1.54
C LYS A 91 -10.70 -6.38 1.08
N THR A 92 -11.08 -5.38 1.85
CA THR A 92 -10.81 -4.00 1.48
C THR A 92 -9.51 -3.50 2.09
N ILE A 93 -8.60 -3.09 1.24
CA ILE A 93 -7.26 -2.69 1.64
C ILE A 93 -7.16 -1.18 1.80
N LYS A 94 -6.10 -0.72 2.45
CA LYS A 94 -5.86 0.70 2.60
C LYS A 94 -4.42 1.02 2.29
N VAL A 95 -4.20 1.70 1.18
CA VAL A 95 -2.87 2.01 0.72
C VAL A 95 -2.52 3.46 1.03
N SER A 96 -1.25 3.71 1.30
CA SER A 96 -0.76 5.03 1.67
C SER A 96 0.75 5.06 1.54
N TYR A 97 1.34 6.25 1.58
CA TYR A 97 2.80 6.36 1.57
C TYR A 97 3.35 5.78 2.85
N ALA A 98 4.16 4.74 2.73
CA ALA A 98 4.84 4.19 3.88
C ALA A 98 5.98 5.13 4.24
N ARG A 99 6.11 5.44 5.53
CA ARG A 99 7.05 6.46 6.00
C ARG A 99 8.42 6.38 5.32
N PRO A 100 8.73 7.34 4.43
CA PRO A 100 10.01 7.41 3.75
C PRO A 100 11.07 8.03 4.63
N SER A 101 12.01 7.20 5.08
CA SER A 101 13.06 7.60 5.98
C SER A 101 13.84 6.36 6.40
N GLY A 1 -14.48 13.65 -0.84
CA GLY A 1 -15.79 12.99 -1.07
C GLY A 1 -15.82 11.58 -0.53
N HIS A 2 -16.64 10.73 -1.12
CA HIS A 2 -16.72 9.34 -0.71
C HIS A 2 -15.51 8.57 -1.24
N MET A 3 -14.41 8.68 -0.51
CA MET A 3 -13.16 8.05 -0.90
C MET A 3 -12.38 7.69 0.36
N SER A 4 -12.03 6.42 0.49
CA SER A 4 -11.27 5.96 1.63
C SER A 4 -9.81 6.44 1.52
N ASN A 5 -9.57 7.66 1.97
CA ASN A 5 -8.24 8.24 1.85
C ASN A 5 -7.69 8.64 3.21
N GLY A 6 -8.58 8.78 4.19
CA GLY A 6 -8.19 9.20 5.52
C GLY A 6 -7.53 8.09 6.31
N TYR A 7 -6.26 7.87 6.05
CA TYR A 7 -5.48 6.85 6.74
C TYR A 7 -4.14 7.41 7.18
N GLU A 8 -4.15 8.72 7.46
CA GLU A 8 -2.96 9.45 7.90
C GLU A 8 -1.86 9.44 6.84
N ASP A 9 -0.66 9.87 7.25
CA ASP A 9 0.51 9.94 6.37
C ASP A 9 0.41 11.12 5.41
N HIS A 10 -0.77 11.71 5.37
CA HIS A 10 -1.07 12.84 4.49
C HIS A 10 -2.44 13.41 4.80
N MET A 11 -2.66 13.70 6.08
CA MET A 11 -3.95 14.18 6.54
C MET A 11 -3.83 15.63 6.99
N ALA A 12 -2.61 16.11 7.02
CA ALA A 12 -2.31 17.42 7.55
C ALA A 12 -1.41 18.20 6.61
N GLU A 13 -0.16 17.76 6.50
CA GLU A 13 0.86 18.50 5.76
C GLU A 13 2.17 17.72 5.80
N ASP A 14 3.24 18.32 5.27
CA ASP A 14 4.55 17.69 5.20
C ASP A 14 4.49 16.47 4.33
N CYS A 15 4.19 15.33 4.97
CA CYS A 15 3.99 14.07 4.29
C CYS A 15 5.31 13.51 3.74
N ARG A 16 5.85 14.18 2.72
CA ARG A 16 7.11 13.77 2.10
C ARG A 16 8.24 13.81 3.11
N GLY A 17 8.96 12.71 3.22
CA GLY A 17 10.19 12.70 3.99
C GLY A 17 11.15 13.73 3.45
N ASP A 18 11.02 13.99 2.16
CA ASP A 18 11.76 15.06 1.47
C ASP A 18 11.62 14.88 -0.04
N ILE A 19 11.52 13.63 -0.40
CA ILE A 19 11.52 13.17 -1.78
C ILE A 19 10.19 13.41 -2.49
N GLY A 20 9.24 12.56 -2.16
CA GLY A 20 7.97 12.48 -2.85
C GLY A 20 7.36 11.13 -2.57
N ARG A 21 8.26 10.21 -2.22
CA ARG A 21 7.96 8.83 -1.79
C ARG A 21 7.15 8.04 -2.80
N THR A 22 7.78 7.02 -3.35
CA THR A 22 7.11 6.09 -4.25
C THR A 22 6.78 4.80 -3.51
N ASN A 23 7.40 4.65 -2.33
CA ASN A 23 7.20 3.47 -1.49
C ASN A 23 5.83 3.54 -0.84
N LEU A 24 5.00 2.55 -1.08
CA LEU A 24 3.67 2.53 -0.52
C LEU A 24 3.52 1.42 0.51
N ILE A 25 3.28 1.82 1.74
CA ILE A 25 2.97 0.87 2.79
C ILE A 25 1.49 0.54 2.71
N VAL A 26 1.20 -0.74 2.61
CA VAL A 26 -0.18 -1.17 2.51
C VAL A 26 -0.55 -2.01 3.70
N ASN A 27 -1.33 -1.43 4.58
CA ASN A 27 -1.71 -2.08 5.81
C ASN A 27 -3.00 -2.85 5.59
N TYR A 28 -3.38 -3.61 6.59
CA TYR A 28 -4.65 -4.32 6.62
C TYR A 28 -4.77 -5.29 5.44
N LEU A 29 -3.63 -5.82 5.00
CA LEU A 29 -3.64 -6.85 3.97
C LEU A 29 -4.26 -8.12 4.53
N PRO A 30 -4.98 -8.87 3.71
CA PRO A 30 -5.57 -10.14 4.13
C PRO A 30 -4.48 -11.09 4.63
N GLN A 31 -4.78 -11.81 5.70
CA GLN A 31 -3.79 -12.64 6.38
C GLN A 31 -3.32 -13.80 5.52
N ASN A 32 -4.06 -14.09 4.46
CA ASN A 32 -3.73 -15.19 3.57
C ASN A 32 -3.32 -14.71 2.18
N MET A 33 -3.21 -13.39 2.00
CA MET A 33 -2.90 -12.84 0.68
C MET A 33 -1.41 -13.00 0.37
N THR A 34 -1.04 -12.79 -0.88
CA THR A 34 0.33 -13.00 -1.33
C THR A 34 0.97 -11.69 -1.80
N GLN A 35 2.29 -11.69 -1.98
CA GLN A 35 2.98 -10.57 -2.61
C GLN A 35 2.33 -10.28 -3.94
N ASP A 36 2.14 -11.34 -4.72
CA ASP A 36 1.62 -11.23 -6.07
C ASP A 36 0.26 -10.57 -6.11
N GLU A 37 -0.58 -10.84 -5.11
CA GLU A 37 -1.89 -10.22 -5.02
C GLU A 37 -1.73 -8.75 -4.63
N LEU A 38 -0.90 -8.52 -3.62
CA LEU A 38 -0.58 -7.17 -3.17
C LEU A 38 0.08 -6.38 -4.33
N ARG A 39 0.83 -7.10 -5.13
CA ARG A 39 1.58 -6.53 -6.23
C ARG A 39 0.67 -6.29 -7.45
N SER A 40 -0.21 -7.25 -7.75
CA SER A 40 -1.06 -7.16 -8.94
C SER A 40 -2.13 -6.08 -8.80
N LEU A 41 -2.73 -6.01 -7.62
CA LEU A 41 -3.72 -4.98 -7.31
C LEU A 41 -3.11 -3.60 -7.48
N PHE A 42 -1.87 -3.45 -7.09
CA PHE A 42 -1.18 -2.19 -7.25
C PHE A 42 -0.67 -2.01 -8.67
N SER A 43 -0.36 -3.11 -9.33
CA SER A 43 0.00 -3.06 -10.75
C SER A 43 -1.23 -2.70 -11.57
N SER A 44 -2.40 -2.80 -10.94
CA SER A 44 -3.65 -2.44 -11.56
C SER A 44 -3.85 -0.93 -11.55
N ILE A 45 -3.14 -0.25 -10.65
CA ILE A 45 -3.05 1.21 -10.68
C ILE A 45 -2.14 1.67 -11.81
N GLY A 46 -0.97 1.07 -11.91
CA GLY A 46 0.02 1.52 -12.87
C GLY A 46 1.19 0.58 -12.96
N GLU A 47 2.33 0.99 -12.43
CA GLU A 47 3.51 0.15 -12.46
C GLU A 47 4.19 0.09 -11.11
N VAL A 48 4.26 -1.10 -10.62
CA VAL A 48 4.87 -1.38 -9.34
C VAL A 48 6.31 -1.72 -9.51
N GLU A 49 7.13 -0.93 -8.85
CA GLU A 49 8.54 -1.11 -8.88
C GLU A 49 8.92 -2.39 -8.15
N SER A 50 8.38 -2.55 -6.95
CA SER A 50 8.58 -3.77 -6.15
C SER A 50 7.56 -3.86 -5.03
N ALA A 51 6.90 -5.00 -4.89
CA ALA A 51 5.91 -5.17 -3.84
C ALA A 51 6.27 -6.30 -2.89
N LYS A 52 6.35 -5.95 -1.61
CA LYS A 52 6.73 -6.88 -0.57
C LYS A 52 5.53 -7.20 0.32
N LEU A 53 5.32 -8.48 0.59
CA LEU A 53 4.27 -8.89 1.51
C LEU A 53 4.90 -9.39 2.80
N ILE A 54 4.38 -8.95 3.92
CA ILE A 54 4.95 -9.30 5.20
C ILE A 54 4.20 -10.47 5.80
N ARG A 55 4.91 -11.56 6.05
CA ARG A 55 4.31 -12.73 6.66
C ARG A 55 5.13 -13.19 7.85
N ASP A 56 4.50 -13.98 8.71
CA ASP A 56 5.15 -14.48 9.91
C ASP A 56 6.26 -15.44 9.56
N LYS A 57 7.34 -15.32 10.31
CA LYS A 57 8.55 -16.10 10.14
C LYS A 57 8.34 -17.60 10.38
N VAL A 58 7.19 -17.94 10.92
CA VAL A 58 6.91 -19.31 11.32
C VAL A 58 5.55 -19.77 10.84
N ALA A 59 4.53 -19.03 11.21
CA ALA A 59 3.16 -19.41 10.91
C ALA A 59 2.83 -19.21 9.43
N GLY A 60 3.77 -18.59 8.72
CA GLY A 60 3.67 -18.44 7.28
C GLY A 60 2.42 -17.72 6.82
N HIS A 61 1.89 -16.84 7.66
CA HIS A 61 0.70 -16.07 7.29
C HIS A 61 1.04 -14.61 7.22
N SER A 62 0.37 -13.88 6.32
CA SER A 62 0.58 -12.46 6.20
C SER A 62 0.25 -11.78 7.51
N LEU A 63 1.06 -10.81 7.89
CA LEU A 63 0.88 -10.14 9.16
C LEU A 63 -0.02 -8.92 9.00
N GLY A 64 -0.61 -8.80 7.82
CA GLY A 64 -1.60 -7.78 7.59
C GLY A 64 -1.02 -6.46 7.13
N TYR A 65 0.09 -6.51 6.42
CA TYR A 65 0.67 -5.31 5.83
C TYR A 65 1.80 -5.66 4.87
N GLY A 66 2.19 -4.70 4.06
CA GLY A 66 3.24 -4.90 3.09
C GLY A 66 3.75 -3.59 2.54
N PHE A 67 4.68 -3.67 1.60
CA PHE A 67 5.31 -2.48 1.05
C PHE A 67 5.46 -2.60 -0.45
N VAL A 68 4.67 -1.84 -1.19
CA VAL A 68 4.80 -1.79 -2.63
C VAL A 68 5.34 -0.45 -3.09
N ASN A 69 6.56 -0.50 -3.58
CA ASN A 69 7.19 0.67 -4.18
C ASN A 69 6.68 0.83 -5.59
N TYR A 70 6.20 2.01 -5.91
CA TYR A 70 5.79 2.30 -7.27
C TYR A 70 6.93 2.93 -8.03
N VAL A 71 6.71 3.16 -9.31
CA VAL A 71 7.70 3.82 -10.15
C VAL A 71 7.51 5.34 -10.12
N THR A 72 6.32 5.79 -9.74
CA THR A 72 6.07 7.21 -9.54
C THR A 72 5.49 7.44 -8.16
N ALA A 73 5.57 8.67 -7.68
CA ALA A 73 4.81 9.07 -6.51
C ALA A 73 3.41 9.44 -6.97
N LYS A 74 3.30 9.59 -8.28
CA LYS A 74 2.04 9.84 -8.98
C LYS A 74 1.08 8.66 -8.83
N ASP A 75 1.46 7.49 -9.35
CA ASP A 75 0.59 6.31 -9.28
C ASP A 75 0.61 5.73 -7.89
N ALA A 76 1.63 6.09 -7.13
CA ALA A 76 1.65 5.87 -5.70
C ALA A 76 0.44 6.56 -5.04
N GLU A 77 0.29 7.85 -5.30
CA GLU A 77 -0.88 8.60 -4.84
C GLU A 77 -2.14 8.04 -5.47
N ARG A 78 -2.01 7.60 -6.72
CA ARG A 78 -3.12 7.04 -7.47
C ARG A 78 -3.62 5.78 -6.75
N ALA A 79 -2.69 5.04 -6.16
CA ALA A 79 -3.05 3.85 -5.40
C ALA A 79 -3.68 4.24 -4.07
N ILE A 80 -3.22 5.34 -3.50
CA ILE A 80 -3.76 5.78 -2.22
C ILE A 80 -5.17 6.32 -2.34
N ASN A 81 -5.49 6.94 -3.45
CA ASN A 81 -6.82 7.46 -3.61
C ASN A 81 -7.76 6.41 -4.17
N THR A 82 -7.22 5.52 -4.98
CA THR A 82 -8.00 4.49 -5.59
C THR A 82 -8.04 3.20 -4.76
N LEU A 83 -6.87 2.66 -4.45
CA LEU A 83 -6.75 1.33 -3.85
C LEU A 83 -6.86 1.35 -2.33
N ASN A 84 -6.57 2.48 -1.70
CA ASN A 84 -6.69 2.56 -0.26
C ASN A 84 -8.15 2.37 0.14
N GLY A 85 -8.41 1.35 0.96
CA GLY A 85 -9.77 0.98 1.28
C GLY A 85 -10.35 0.03 0.26
N LEU A 86 -9.48 -0.73 -0.41
CA LEU A 86 -9.93 -1.71 -1.40
C LEU A 86 -10.28 -3.01 -0.73
N ARG A 87 -11.28 -3.71 -1.24
CA ARG A 87 -11.62 -5.02 -0.74
C ARG A 87 -10.77 -6.08 -1.42
N LEU A 88 -9.62 -6.35 -0.85
CA LEU A 88 -8.75 -7.40 -1.31
C LEU A 88 -9.10 -8.69 -0.61
N GLN A 89 -9.68 -9.63 -1.35
CA GLN A 89 -10.13 -10.89 -0.78
C GLN A 89 -11.10 -10.62 0.37
N SER A 90 -11.86 -9.53 0.20
CA SER A 90 -12.88 -9.09 1.16
C SER A 90 -12.28 -8.29 2.32
N LYS A 91 -10.96 -8.21 2.37
CA LYS A 91 -10.26 -7.47 3.40
C LYS A 91 -9.97 -6.05 2.92
N THR A 92 -10.19 -5.06 3.76
CA THR A 92 -9.97 -3.66 3.37
C THR A 92 -8.56 -3.21 3.75
N ILE A 93 -7.81 -2.75 2.76
CA ILE A 93 -6.41 -2.41 2.95
C ILE A 93 -6.17 -0.91 3.09
N LYS A 94 -4.99 -0.54 3.56
CA LYS A 94 -4.61 0.85 3.72
C LYS A 94 -3.28 1.13 3.02
N VAL A 95 -3.34 1.68 1.83
CA VAL A 95 -2.13 2.03 1.11
C VAL A 95 -1.78 3.49 1.36
N SER A 96 -0.53 3.73 1.68
CA SER A 96 -0.04 5.05 2.01
C SER A 96 1.45 5.08 1.71
N TYR A 97 2.08 6.22 1.83
CA TYR A 97 3.50 6.33 1.59
C TYR A 97 4.27 5.75 2.77
N ALA A 98 4.97 4.66 2.53
CA ALA A 98 5.73 4.03 3.59
C ALA A 98 6.91 4.91 3.95
N ARG A 99 6.94 5.33 5.21
CA ARG A 99 7.98 6.22 5.72
C ARG A 99 9.37 5.70 5.34
N PRO A 100 10.16 6.50 4.60
CA PRO A 100 11.50 6.11 4.21
C PRO A 100 12.47 6.22 5.38
N SER A 101 12.94 5.07 5.83
CA SER A 101 13.79 4.97 7.00
C SER A 101 13.16 5.70 8.19
N GLY A 1 -15.41 10.42 -2.73
CA GLY A 1 -15.71 10.46 -1.28
C GLY A 1 -15.10 11.68 -0.62
N HIS A 2 -14.57 11.49 0.59
CA HIS A 2 -13.93 12.59 1.31
C HIS A 2 -12.41 12.42 1.27
N MET A 3 -11.96 11.24 1.69
CA MET A 3 -10.55 10.90 1.71
C MET A 3 -10.40 9.42 2.04
N SER A 4 -10.06 8.63 1.04
CA SER A 4 -9.91 7.19 1.22
C SER A 4 -8.73 6.88 2.13
N ASN A 5 -7.74 7.75 2.13
CA ASN A 5 -6.56 7.55 2.97
C ASN A 5 -6.72 8.25 4.31
N GLY A 6 -7.36 7.58 5.25
CA GLY A 6 -7.40 8.06 6.61
C GLY A 6 -6.18 7.60 7.38
N TYR A 7 -5.28 6.95 6.66
CA TYR A 7 -4.03 6.46 7.22
C TYR A 7 -3.11 7.64 7.52
N GLU A 8 -3.04 8.02 8.78
CA GLU A 8 -2.35 9.24 9.17
C GLU A 8 -0.85 8.99 9.31
N ASP A 9 -0.10 9.51 8.35
CA ASP A 9 1.35 9.55 8.45
C ASP A 9 1.88 10.77 7.70
N HIS A 10 0.96 11.62 7.25
CA HIS A 10 1.32 12.77 6.41
C HIS A 10 0.18 13.78 6.33
N MET A 11 -0.69 13.81 7.32
CA MET A 11 -1.77 14.79 7.33
C MET A 11 -1.85 15.50 8.68
N ALA A 12 -1.25 14.89 9.69
CA ALA A 12 -1.16 15.52 11.01
C ALA A 12 0.29 15.65 11.45
N GLU A 13 1.17 14.80 10.90
CA GLU A 13 2.58 14.83 11.26
C GLU A 13 3.46 14.71 10.01
N ASP A 14 4.68 15.24 10.12
CA ASP A 14 5.72 15.10 9.10
C ASP A 14 5.26 15.56 7.73
N CYS A 15 4.76 14.63 6.93
CA CYS A 15 4.23 14.90 5.61
C CYS A 15 5.34 15.27 4.63
N ARG A 16 6.57 14.88 4.95
CA ARG A 16 7.66 14.92 4.01
C ARG A 16 7.71 13.63 3.23
N GLY A 17 6.58 12.95 3.20
CA GLY A 17 6.41 11.80 2.37
C GLY A 17 5.39 12.08 1.31
N ASP A 18 5.53 13.23 0.66
CA ASP A 18 4.61 13.64 -0.41
C ASP A 18 5.41 14.37 -1.49
N ILE A 19 6.72 14.24 -1.40
CA ILE A 19 7.63 14.89 -2.32
C ILE A 19 7.75 14.10 -3.61
N GLY A 20 8.49 13.01 -3.54
CA GLY A 20 8.64 12.11 -4.67
C GLY A 20 8.33 10.68 -4.27
N ARG A 21 7.52 10.56 -3.22
CA ARG A 21 7.15 9.28 -2.63
C ARG A 21 6.62 8.27 -3.65
N THR A 22 7.40 7.24 -3.90
CA THR A 22 6.97 6.15 -4.75
C THR A 22 6.68 4.92 -3.89
N ASN A 23 7.26 4.92 -2.69
CA ASN A 23 7.11 3.81 -1.74
C ASN A 23 5.72 3.83 -1.14
N LEU A 24 4.94 2.82 -1.41
CA LEU A 24 3.57 2.78 -0.92
C LEU A 24 3.38 1.68 0.11
N ILE A 25 3.03 2.09 1.31
CA ILE A 25 2.70 1.16 2.36
C ILE A 25 1.24 0.77 2.22
N VAL A 26 0.95 -0.50 2.31
CA VAL A 26 -0.40 -0.96 2.17
C VAL A 26 -0.80 -1.76 3.37
N ASN A 27 -1.68 -1.20 4.17
CA ASN A 27 -2.12 -1.86 5.37
C ASN A 27 -3.45 -2.53 5.11
N TYR A 28 -3.94 -3.23 6.11
CA TYR A 28 -5.24 -3.89 6.06
C TYR A 28 -5.26 -4.97 4.96
N LEU A 29 -4.08 -5.50 4.63
CA LEU A 29 -3.97 -6.59 3.66
C LEU A 29 -4.60 -7.85 4.24
N PRO A 30 -5.23 -8.68 3.40
CA PRO A 30 -5.80 -9.95 3.83
C PRO A 30 -4.72 -10.84 4.44
N GLN A 31 -5.06 -11.51 5.52
CA GLN A 31 -4.10 -12.32 6.26
C GLN A 31 -3.66 -13.53 5.45
N ASN A 32 -4.39 -13.81 4.38
CA ASN A 32 -4.13 -14.95 3.54
C ASN A 32 -3.68 -14.53 2.14
N MET A 33 -3.32 -13.27 1.97
CA MET A 33 -2.90 -12.78 0.66
C MET A 33 -1.39 -12.94 0.46
N THR A 34 -0.93 -12.72 -0.77
CA THR A 34 0.49 -12.89 -1.10
C THR A 34 1.08 -11.58 -1.61
N GLN A 35 2.41 -11.53 -1.71
CA GLN A 35 3.08 -10.41 -2.37
C GLN A 35 2.50 -10.24 -3.75
N ASP A 36 2.44 -11.35 -4.47
CA ASP A 36 2.01 -11.37 -5.87
C ASP A 36 0.61 -10.79 -6.00
N GLU A 37 -0.27 -11.10 -5.06
CA GLU A 37 -1.63 -10.58 -5.10
C GLU A 37 -1.63 -9.09 -4.83
N LEU A 38 -0.91 -8.68 -3.79
CA LEU A 38 -0.74 -7.27 -3.51
C LEU A 38 -0.17 -6.57 -4.74
N ARG A 39 0.97 -7.09 -5.14
CA ARG A 39 1.74 -6.60 -6.26
C ARG A 39 0.87 -6.47 -7.50
N SER A 40 0.12 -7.52 -7.87
CA SER A 40 -0.68 -7.51 -9.09
C SER A 40 -1.75 -6.41 -9.04
N LEU A 41 -2.34 -6.22 -7.87
CA LEU A 41 -3.35 -5.21 -7.65
C LEU A 41 -2.75 -3.82 -7.84
N PHE A 42 -1.55 -3.62 -7.34
CA PHE A 42 -0.87 -2.35 -7.54
C PHE A 42 -0.28 -2.25 -8.94
N SER A 43 -0.06 -3.40 -9.57
CA SER A 43 0.36 -3.44 -10.95
C SER A 43 -0.81 -3.08 -11.87
N SER A 44 -2.01 -3.17 -11.31
CA SER A 44 -3.21 -2.80 -12.01
C SER A 44 -3.31 -1.27 -12.13
N ILE A 45 -2.75 -0.58 -11.15
CA ILE A 45 -2.56 0.86 -11.24
C ILE A 45 -1.52 1.20 -12.30
N GLY A 46 -0.41 0.50 -12.23
CA GLY A 46 0.70 0.76 -13.11
C GLY A 46 1.86 -0.15 -12.79
N GLU A 47 3.04 0.17 -13.28
CA GLU A 47 4.19 -0.65 -13.00
C GLU A 47 4.66 -0.44 -11.57
N VAL A 48 5.19 -1.50 -11.02
CA VAL A 48 5.56 -1.55 -9.61
C VAL A 48 7.01 -1.90 -9.49
N GLU A 49 7.72 -1.01 -8.84
CA GLU A 49 9.12 -1.13 -8.65
C GLU A 49 9.43 -2.37 -7.82
N SER A 50 8.70 -2.54 -6.72
CA SER A 50 8.82 -3.73 -5.88
C SER A 50 7.70 -3.78 -4.85
N ALA A 51 7.01 -4.91 -4.76
CA ALA A 51 5.94 -5.05 -3.78
C ALA A 51 6.24 -6.16 -2.79
N LYS A 52 6.29 -5.79 -1.52
CA LYS A 52 6.63 -6.68 -0.45
C LYS A 52 5.40 -6.98 0.40
N LEU A 53 5.26 -8.20 0.83
CA LEU A 53 4.18 -8.58 1.73
C LEU A 53 4.76 -9.05 3.05
N ILE A 54 4.20 -8.56 4.13
CA ILE A 54 4.72 -8.85 5.46
C ILE A 54 3.95 -9.99 6.09
N ARG A 55 4.64 -11.06 6.45
CA ARG A 55 3.99 -12.19 7.07
C ARG A 55 4.69 -12.58 8.36
N ASP A 56 4.05 -13.45 9.12
CA ASP A 56 4.58 -13.89 10.40
C ASP A 56 5.69 -14.92 10.19
N LYS A 57 6.62 -14.89 11.12
CA LYS A 57 7.78 -15.76 11.10
C LYS A 57 7.44 -17.17 11.57
N VAL A 58 6.24 -17.34 12.08
CA VAL A 58 5.83 -18.59 12.68
C VAL A 58 4.59 -19.15 12.03
N ALA A 59 3.51 -18.37 12.08
CA ALA A 59 2.21 -18.84 11.60
C ALA A 59 2.09 -18.72 10.09
N GLY A 60 3.12 -18.14 9.49
CA GLY A 60 3.19 -18.03 8.03
C GLY A 60 2.00 -17.33 7.41
N HIS A 61 1.46 -16.34 8.10
CA HIS A 61 0.31 -15.60 7.59
C HIS A 61 0.66 -14.13 7.47
N SER A 62 0.08 -13.46 6.47
CA SER A 62 0.29 -12.03 6.30
C SER A 62 -0.11 -11.30 7.58
N LEU A 63 0.71 -10.33 7.97
CA LEU A 63 0.46 -9.59 9.20
C LEU A 63 -0.41 -8.38 8.94
N GLY A 64 -0.93 -8.29 7.72
CA GLY A 64 -1.93 -7.29 7.41
C GLY A 64 -1.35 -6.02 6.81
N TYR A 65 -0.14 -6.08 6.29
CA TYR A 65 0.44 -4.92 5.63
C TYR A 65 1.61 -5.31 4.74
N GLY A 66 1.98 -4.40 3.85
CA GLY A 66 3.08 -4.63 2.94
C GLY A 66 3.59 -3.33 2.35
N PHE A 67 4.55 -3.42 1.44
CA PHE A 67 5.20 -2.24 0.89
C PHE A 67 5.41 -2.39 -0.61
N VAL A 68 4.66 -1.64 -1.39
CA VAL A 68 4.84 -1.64 -2.82
C VAL A 68 5.37 -0.30 -3.30
N ASN A 69 6.64 -0.32 -3.67
CA ASN A 69 7.29 0.83 -4.26
C ASN A 69 6.90 0.92 -5.71
N TYR A 70 6.44 2.07 -6.13
CA TYR A 70 6.13 2.30 -7.52
C TYR A 70 7.34 2.87 -8.24
N VAL A 71 7.28 2.86 -9.56
CA VAL A 71 8.33 3.49 -10.37
C VAL A 71 8.06 4.99 -10.42
N THR A 72 6.83 5.35 -10.07
CA THR A 72 6.35 6.71 -10.13
C THR A 72 5.68 7.10 -8.83
N ALA A 73 5.77 8.36 -8.48
CA ALA A 73 4.97 8.90 -7.40
C ALA A 73 3.59 9.22 -7.95
N LYS A 74 3.54 9.33 -9.27
CA LYS A 74 2.31 9.54 -10.01
C LYS A 74 1.34 8.36 -9.82
N ASP A 75 1.84 7.14 -10.03
CA ASP A 75 1.02 5.94 -9.85
C ASP A 75 0.89 5.59 -8.37
N ALA A 76 1.77 6.15 -7.55
CA ALA A 76 1.65 6.00 -6.09
C ALA A 76 0.36 6.63 -5.60
N GLU A 77 0.20 7.92 -5.89
CA GLU A 77 -1.04 8.62 -5.56
C GLU A 77 -2.21 7.98 -6.28
N ARG A 78 -1.93 7.46 -7.47
CA ARG A 78 -2.93 6.80 -8.28
C ARG A 78 -3.45 5.58 -7.54
N ALA A 79 -2.55 4.88 -6.87
CA ALA A 79 -2.92 3.72 -6.08
C ALA A 79 -3.65 4.14 -4.82
N ILE A 80 -3.25 5.25 -4.23
CA ILE A 80 -3.91 5.72 -3.01
C ILE A 80 -5.33 6.19 -3.27
N ASN A 81 -5.58 6.80 -4.41
CA ASN A 81 -6.92 7.28 -4.66
C ASN A 81 -7.79 6.19 -5.27
N THR A 82 -7.15 5.29 -5.98
CA THR A 82 -7.85 4.22 -6.66
C THR A 82 -7.95 2.95 -5.79
N LEU A 83 -6.79 2.45 -5.35
CA LEU A 83 -6.71 1.15 -4.70
C LEU A 83 -6.95 1.21 -3.20
N ASN A 84 -6.73 2.36 -2.59
CA ASN A 84 -6.98 2.49 -1.16
C ASN A 84 -8.46 2.29 -0.87
N GLY A 85 -8.75 1.18 -0.19
CA GLY A 85 -10.13 0.78 0.02
C GLY A 85 -10.56 -0.27 -0.99
N LEU A 86 -9.59 -1.02 -1.51
CA LEU A 86 -9.87 -2.08 -2.45
C LEU A 86 -10.28 -3.34 -1.69
N ARG A 87 -11.34 -3.99 -2.14
CA ARG A 87 -11.74 -5.26 -1.57
C ARG A 87 -10.86 -6.38 -2.13
N LEU A 88 -9.73 -6.60 -1.46
CA LEU A 88 -8.81 -7.65 -1.84
C LEU A 88 -9.15 -8.92 -1.10
N GLN A 89 -9.64 -9.92 -1.82
CA GLN A 89 -10.04 -11.18 -1.22
C GLN A 89 -11.07 -10.96 -0.11
N SER A 90 -11.88 -9.91 -0.32
CA SER A 90 -12.98 -9.52 0.58
C SER A 90 -12.49 -8.60 1.70
N LYS A 91 -11.18 -8.50 1.82
CA LYS A 91 -10.56 -7.64 2.82
C LYS A 91 -10.29 -6.26 2.23
N THR A 92 -10.57 -5.20 2.97
CA THR A 92 -10.36 -3.86 2.43
C THR A 92 -9.02 -3.30 2.88
N ILE A 93 -8.18 -3.00 1.90
CA ILE A 93 -6.83 -2.54 2.16
C ILE A 93 -6.76 -1.02 2.22
N LYS A 94 -5.64 -0.50 2.70
CA LYS A 94 -5.43 0.93 2.75
C LYS A 94 -4.00 1.26 2.37
N VAL A 95 -3.85 1.89 1.22
CA VAL A 95 -2.53 2.18 0.68
C VAL A 95 -2.15 3.64 0.97
N SER A 96 -0.88 3.85 1.29
CA SER A 96 -0.38 5.16 1.68
C SER A 96 1.09 5.25 1.33
N TYR A 97 1.70 6.35 1.65
CA TYR A 97 3.14 6.52 1.45
C TYR A 97 3.87 5.85 2.61
N ALA A 98 4.65 4.83 2.30
CA ALA A 98 5.40 4.15 3.32
C ALA A 98 6.53 5.04 3.80
N ARG A 99 6.37 5.57 5.00
CA ARG A 99 7.28 6.56 5.58
C ARG A 99 8.74 6.21 5.33
N PRO A 100 9.41 6.99 4.46
CA PRO A 100 10.80 6.75 4.08
C PRO A 100 11.76 6.93 5.25
N SER A 101 12.85 6.14 5.23
CA SER A 101 13.85 6.17 6.28
C SER A 101 13.23 5.83 7.64
N GLY A 1 -0.35 7.83 22.71
CA GLY A 1 -1.42 7.99 21.71
C GLY A 1 -1.48 6.82 20.74
N HIS A 2 -2.10 7.04 19.58
CA HIS A 2 -2.21 6.01 18.56
C HIS A 2 -1.66 6.55 17.24
N MET A 3 -0.75 5.81 16.64
CA MET A 3 -0.17 6.21 15.37
C MET A 3 -1.02 5.72 14.21
N SER A 4 -2.09 6.46 13.92
CA SER A 4 -2.96 6.13 12.82
C SER A 4 -2.41 6.70 11.51
N ASN A 5 -1.36 6.06 11.00
CA ASN A 5 -0.67 6.53 9.83
C ASN A 5 -0.60 5.46 8.75
N GLY A 6 -1.14 5.76 7.59
CA GLY A 6 -1.04 4.85 6.47
C GLY A 6 -2.26 4.87 5.57
N TYR A 7 -2.91 6.01 5.48
CA TYR A 7 -4.11 6.16 4.68
C TYR A 7 -4.16 7.57 4.08
N GLU A 8 -5.34 8.16 3.97
CA GLU A 8 -5.48 9.52 3.45
C GLU A 8 -5.21 10.54 4.52
N ASP A 9 -4.29 10.16 5.37
CA ASP A 9 -3.80 11.03 6.44
C ASP A 9 -2.58 11.80 5.94
N HIS A 10 -2.31 11.66 4.65
CA HIS A 10 -1.21 12.39 4.01
C HIS A 10 -1.79 13.36 2.99
N MET A 11 -0.95 13.86 2.07
CA MET A 11 -1.37 14.73 0.97
C MET A 11 -1.68 16.11 1.48
N ALA A 12 -2.67 16.18 2.36
CA ALA A 12 -3.15 17.43 2.89
C ALA A 12 -2.17 18.01 3.92
N GLU A 13 -1.67 17.15 4.80
CA GLU A 13 -0.78 17.58 5.87
C GLU A 13 -0.13 16.40 6.56
N ASP A 14 0.56 16.70 7.67
CA ASP A 14 1.11 15.70 8.59
C ASP A 14 2.35 15.00 8.03
N CYS A 15 2.14 14.12 7.06
CA CYS A 15 3.22 13.28 6.57
C CYS A 15 3.87 13.85 5.33
N ARG A 16 5.01 13.27 4.99
CA ARG A 16 5.75 13.64 3.79
C ARG A 16 5.22 12.80 2.63
N GLY A 17 4.04 13.13 2.17
CA GLY A 17 3.42 12.35 1.13
C GLY A 17 3.28 13.12 -0.17
N ASP A 18 4.18 14.06 -0.40
CA ASP A 18 4.13 14.88 -1.61
C ASP A 18 5.53 15.33 -2.02
N ILE A 19 6.53 14.57 -1.62
CA ILE A 19 7.91 14.88 -1.96
C ILE A 19 8.37 14.04 -3.14
N GLY A 20 8.56 12.77 -2.86
CA GLY A 20 8.92 11.80 -3.88
C GLY A 20 8.46 10.42 -3.47
N ARG A 21 7.24 10.37 -2.95
CA ARG A 21 6.71 9.16 -2.35
C ARG A 21 6.32 8.11 -3.39
N THR A 22 7.18 7.12 -3.54
CA THR A 22 6.90 6.00 -4.42
C THR A 22 6.48 4.78 -3.61
N ASN A 23 6.81 4.80 -2.32
CA ASN A 23 6.43 3.73 -1.41
C ASN A 23 4.96 3.85 -1.08
N LEU A 24 4.23 2.77 -1.23
CA LEU A 24 2.80 2.81 -1.02
C LEU A 24 2.38 1.81 0.04
N ILE A 25 1.98 2.32 1.19
CA ILE A 25 1.47 1.50 2.26
C ILE A 25 0.03 1.13 1.94
N VAL A 26 -0.24 -0.15 1.88
CA VAL A 26 -1.56 -0.61 1.54
C VAL A 26 -2.15 -1.37 2.70
N ASN A 27 -3.12 -0.75 3.33
CA ASN A 27 -3.78 -1.35 4.46
C ASN A 27 -4.99 -2.12 3.98
N TYR A 28 -5.65 -2.77 4.92
CA TYR A 28 -6.87 -3.52 4.62
C TYR A 28 -6.62 -4.58 3.54
N LEU A 29 -5.42 -5.15 3.54
CA LEU A 29 -5.10 -6.25 2.64
C LEU A 29 -5.77 -7.51 3.15
N PRO A 30 -6.17 -8.41 2.24
CA PRO A 30 -6.72 -9.69 2.63
C PRO A 30 -5.73 -10.44 3.52
N GLN A 31 -6.21 -11.03 4.60
CA GLN A 31 -5.34 -11.64 5.60
C GLN A 31 -4.67 -12.90 5.06
N ASN A 32 -5.05 -13.31 3.85
CA ASN A 32 -4.49 -14.50 3.22
C ASN A 32 -3.81 -14.16 1.90
N MET A 33 -3.67 -12.88 1.60
CA MET A 33 -3.08 -12.47 0.33
C MET A 33 -1.55 -12.54 0.38
N THR A 34 -0.91 -12.47 -0.79
CA THR A 34 0.54 -12.61 -0.87
C THR A 34 1.18 -11.32 -1.38
N GLN A 35 2.52 -11.23 -1.30
CA GLN A 35 3.24 -10.13 -1.94
C GLN A 35 2.85 -10.08 -3.40
N ASP A 36 2.89 -11.22 -4.04
CA ASP A 36 2.65 -11.33 -5.49
C ASP A 36 1.28 -10.79 -5.87
N GLU A 37 0.30 -10.98 -5.00
CA GLU A 37 -1.05 -10.46 -5.24
C GLU A 37 -1.07 -8.95 -5.01
N LEU A 38 -0.48 -8.54 -3.88
CA LEU A 38 -0.35 -7.14 -3.53
C LEU A 38 0.49 -6.42 -4.59
N ARG A 39 1.39 -7.17 -5.19
CA ARG A 39 2.31 -6.65 -6.19
C ARG A 39 1.62 -6.58 -7.56
N SER A 40 0.86 -7.61 -7.92
CA SER A 40 0.23 -7.69 -9.24
C SER A 40 -0.91 -6.69 -9.39
N LEU A 41 -1.69 -6.51 -8.34
CA LEU A 41 -2.78 -5.56 -8.33
C LEU A 41 -2.25 -4.14 -8.50
N PHE A 42 -1.11 -3.86 -7.93
CA PHE A 42 -0.47 -2.57 -8.12
C PHE A 42 0.29 -2.54 -9.44
N SER A 43 0.71 -3.71 -9.90
CA SER A 43 1.31 -3.82 -11.21
C SER A 43 0.27 -3.54 -12.28
N SER A 44 -1.01 -3.54 -11.88
CA SER A 44 -2.09 -3.20 -12.78
C SER A 44 -2.05 -1.70 -13.07
N ILE A 45 -1.77 -0.92 -12.02
CA ILE A 45 -1.55 0.52 -12.17
C ILE A 45 -0.35 0.80 -13.06
N GLY A 46 0.72 0.06 -12.84
CA GLY A 46 1.93 0.26 -13.60
C GLY A 46 3.09 -0.54 -13.09
N GLU A 47 4.28 0.00 -13.21
CA GLU A 47 5.48 -0.70 -12.78
C GLU A 47 5.72 -0.56 -11.29
N VAL A 48 5.68 -1.69 -10.62
CA VAL A 48 5.99 -1.77 -9.21
C VAL A 48 7.44 -2.11 -9.03
N GLU A 49 8.09 -1.27 -8.24
CA GLU A 49 9.50 -1.38 -8.01
C GLU A 49 9.79 -2.52 -7.04
N SER A 50 8.95 -2.63 -6.01
CA SER A 50 9.01 -3.74 -5.08
C SER A 50 7.79 -3.73 -4.15
N ALA A 51 7.10 -4.85 -4.02
CA ALA A 51 5.91 -4.89 -3.18
C ALA A 51 6.13 -5.73 -1.93
N LYS A 52 5.85 -5.11 -0.80
CA LYS A 52 6.08 -5.68 0.51
C LYS A 52 4.76 -6.13 1.12
N LEU A 53 4.63 -7.42 1.41
CA LEU A 53 3.48 -7.90 2.15
C LEU A 53 3.92 -8.22 3.57
N ILE A 54 3.15 -7.75 4.53
CA ILE A 54 3.51 -7.93 5.92
C ILE A 54 2.80 -9.13 6.50
N ARG A 55 3.56 -10.09 7.00
CA ARG A 55 2.99 -11.27 7.62
C ARG A 55 3.58 -11.49 9.00
N ASP A 56 2.92 -12.35 9.77
CA ASP A 56 3.37 -12.69 11.11
C ASP A 56 4.64 -13.52 11.05
N LYS A 57 5.52 -13.25 11.99
CA LYS A 57 6.83 -13.90 12.10
C LYS A 57 6.72 -15.41 12.23
N VAL A 58 5.58 -15.90 12.70
CA VAL A 58 5.46 -17.27 13.12
C VAL A 58 4.26 -17.94 12.48
N ALA A 59 3.12 -17.30 12.61
CA ALA A 59 1.88 -17.85 12.11
C ALA A 59 1.79 -17.73 10.60
N GLY A 60 2.76 -17.05 10.03
CA GLY A 60 2.92 -16.97 8.59
C GLY A 60 1.69 -16.46 7.84
N HIS A 61 0.91 -15.60 8.48
CA HIS A 61 -0.25 -15.03 7.81
C HIS A 61 -0.11 -13.53 7.73
N SER A 62 -0.67 -12.94 6.67
CA SER A 62 -0.58 -11.52 6.43
C SER A 62 -1.29 -10.74 7.52
N LEU A 63 -0.71 -9.62 7.91
CA LEU A 63 -1.21 -8.84 9.04
C LEU A 63 -2.12 -7.71 8.58
N GLY A 64 -2.65 -7.84 7.37
CA GLY A 64 -3.69 -6.93 6.91
C GLY A 64 -3.16 -5.68 6.24
N TYR A 65 -1.86 -5.63 5.98
CA TYR A 65 -1.29 -4.47 5.31
C TYR A 65 0.04 -4.80 4.63
N GLY A 66 0.47 -3.89 3.76
CA GLY A 66 1.71 -4.07 3.03
C GLY A 66 2.26 -2.75 2.53
N PHE A 67 3.36 -2.81 1.79
CA PHE A 67 4.01 -1.63 1.28
C PHE A 67 4.54 -1.89 -0.14
N VAL A 68 3.90 -1.32 -1.13
CA VAL A 68 4.35 -1.50 -2.50
C VAL A 68 5.02 -0.23 -3.01
N ASN A 69 6.29 -0.35 -3.29
CA ASN A 69 7.07 0.76 -3.82
C ASN A 69 6.94 0.77 -5.33
N TYR A 70 6.47 1.88 -5.87
CA TYR A 70 6.35 2.04 -7.31
C TYR A 70 7.64 2.59 -7.89
N VAL A 71 7.75 2.50 -9.20
CA VAL A 71 8.86 3.11 -9.90
C VAL A 71 8.64 4.62 -10.00
N THR A 72 7.37 5.00 -9.91
CA THR A 72 6.94 6.38 -9.98
C THR A 72 6.20 6.79 -8.71
N ALA A 73 6.19 8.07 -8.42
CA ALA A 73 5.28 8.61 -7.43
C ALA A 73 3.97 8.92 -8.13
N LYS A 74 4.07 9.01 -9.46
CA LYS A 74 2.92 9.22 -10.33
C LYS A 74 1.92 8.06 -10.23
N ASP A 75 2.40 6.84 -10.41
CA ASP A 75 1.54 5.66 -10.34
C ASP A 75 1.23 5.30 -8.88
N ALA A 76 2.02 5.83 -7.96
CA ALA A 76 1.73 5.67 -6.54
C ALA A 76 0.42 6.35 -6.19
N GLU A 77 0.35 7.63 -6.52
CA GLU A 77 -0.86 8.40 -6.33
C GLU A 77 -1.99 7.83 -7.19
N ARG A 78 -1.61 7.24 -8.32
CA ARG A 78 -2.56 6.65 -9.24
C ARG A 78 -3.19 5.42 -8.59
N ALA A 79 -2.37 4.63 -7.91
CA ALA A 79 -2.86 3.45 -7.21
C ALA A 79 -3.86 3.85 -6.15
N ILE A 80 -3.61 4.99 -5.53
CA ILE A 80 -4.51 5.52 -4.52
C ILE A 80 -5.82 5.98 -5.12
N ASN A 81 -5.74 6.56 -6.29
CA ASN A 81 -6.91 7.13 -6.92
C ASN A 81 -7.69 6.06 -7.68
N THR A 82 -6.96 5.11 -8.22
CA THR A 82 -7.54 4.02 -8.97
C THR A 82 -7.88 2.80 -8.09
N LEU A 83 -6.88 2.20 -7.46
CA LEU A 83 -7.09 0.98 -6.73
C LEU A 83 -7.74 1.19 -5.37
N ASN A 84 -7.18 2.12 -4.58
CA ASN A 84 -7.55 2.31 -3.18
C ASN A 84 -9.06 2.10 -2.94
N GLY A 85 -9.36 1.00 -2.25
CA GLY A 85 -10.72 0.55 -2.11
C GLY A 85 -11.03 -0.56 -3.10
N LEU A 86 -9.99 -1.29 -3.51
CA LEU A 86 -10.15 -2.34 -4.50
C LEU A 86 -10.50 -3.64 -3.80
N ARG A 87 -11.44 -4.38 -4.37
CA ARG A 87 -11.79 -5.68 -3.83
C ARG A 87 -10.74 -6.71 -4.22
N LEU A 88 -9.74 -6.83 -3.38
CA LEU A 88 -8.72 -7.84 -3.54
C LEU A 88 -9.13 -9.09 -2.79
N GLN A 89 -9.46 -10.14 -3.53
CA GLN A 89 -9.90 -11.39 -2.94
C GLN A 89 -11.09 -11.14 -2.02
N SER A 90 -11.94 -10.22 -2.46
CA SER A 90 -13.17 -9.84 -1.76
C SER A 90 -12.91 -8.91 -0.58
N LYS A 91 -11.65 -8.54 -0.39
CA LYS A 91 -11.25 -7.63 0.68
C LYS A 91 -11.01 -6.25 0.12
N THR A 92 -11.53 -5.27 0.79
CA THR A 92 -11.37 -3.89 0.33
C THR A 92 -10.14 -3.28 0.95
N ILE A 93 -9.20 -2.94 0.11
CA ILE A 93 -7.89 -2.50 0.51
C ILE A 93 -7.85 -0.97 0.61
N LYS A 94 -6.82 -0.43 1.25
CA LYS A 94 -6.63 1.02 1.28
C LYS A 94 -5.19 1.36 1.02
N VAL A 95 -4.92 1.92 -0.14
CA VAL A 95 -3.56 2.24 -0.51
C VAL A 95 -3.26 3.72 -0.30
N SER A 96 -2.03 4.01 0.08
CA SER A 96 -1.56 5.35 0.39
C SER A 96 -0.05 5.32 0.39
N TYR A 97 0.60 6.47 0.37
CA TYR A 97 2.06 6.50 0.46
C TYR A 97 2.50 6.02 1.82
N ALA A 98 3.38 5.04 1.83
CA ALA A 98 3.97 4.60 3.06
C ALA A 98 5.01 5.64 3.48
N ARG A 99 5.05 5.97 4.77
CA ARG A 99 5.87 7.08 5.26
C ARG A 99 7.30 7.02 4.73
N PRO A 100 7.65 7.93 3.81
CA PRO A 100 9.00 8.00 3.24
C PRO A 100 10.02 8.50 4.26
N SER A 101 11.06 7.68 4.46
CA SER A 101 12.15 7.95 5.38
C SER A 101 11.68 8.63 6.67
N GLY A 1 6.32 -1.43 13.81
CA GLY A 1 6.58 0.02 13.70
C GLY A 1 5.49 0.83 14.39
N HIS A 2 5.59 2.14 14.30
CA HIS A 2 4.58 3.02 14.89
C HIS A 2 4.09 4.03 13.86
N MET A 3 3.30 3.56 12.92
CA MET A 3 2.72 4.42 11.91
C MET A 3 1.20 4.22 11.85
N SER A 4 0.48 4.93 12.72
CA SER A 4 -0.96 4.86 12.74
C SER A 4 -1.56 5.55 11.52
N ASN A 5 -0.82 6.51 10.98
CA ASN A 5 -1.24 7.23 9.79
C ASN A 5 -0.77 6.49 8.54
N GLY A 6 -0.73 5.16 8.65
CA GLY A 6 -0.32 4.33 7.53
C GLY A 6 -1.47 4.08 6.57
N TYR A 7 -2.08 5.17 6.12
CA TYR A 7 -3.21 5.14 5.22
C TYR A 7 -3.64 6.57 4.92
N GLU A 8 -4.73 6.73 4.16
CA GLU A 8 -5.26 8.04 3.83
C GLU A 8 -4.32 8.79 2.87
N ASP A 9 -4.87 9.38 1.82
CA ASP A 9 -4.08 10.11 0.85
C ASP A 9 -3.70 11.48 1.40
N HIS A 10 -4.11 11.69 2.64
CA HIS A 10 -3.70 12.83 3.47
C HIS A 10 -4.42 14.09 3.03
N MET A 11 -5.74 13.94 2.92
CA MET A 11 -6.64 15.03 2.59
C MET A 11 -7.04 15.79 3.83
N ALA A 12 -6.62 15.28 4.99
CA ALA A 12 -7.01 15.87 6.26
C ALA A 12 -6.11 17.05 6.62
N GLU A 13 -4.81 16.80 6.67
CA GLU A 13 -3.85 17.84 7.04
C GLU A 13 -2.54 17.67 6.27
N ASP A 14 -2.61 16.96 5.15
CA ASP A 14 -1.44 16.63 4.34
C ASP A 14 -0.38 15.90 5.16
N CYS A 15 0.80 15.80 4.56
CA CYS A 15 1.91 15.03 5.10
C CYS A 15 3.15 15.25 4.24
N ARG A 16 4.17 14.44 4.46
CA ARG A 16 5.31 14.39 3.56
C ARG A 16 4.99 13.50 2.38
N GLY A 17 3.87 13.77 1.73
CA GLY A 17 3.43 12.93 0.65
C GLY A 17 3.46 13.64 -0.68
N ASP A 18 4.46 14.49 -0.88
CA ASP A 18 4.55 15.25 -2.11
C ASP A 18 6.01 15.39 -2.58
N ILE A 19 6.93 14.85 -1.78
CA ILE A 19 8.35 15.02 -2.06
C ILE A 19 8.81 14.05 -3.14
N GLY A 20 9.03 12.81 -2.71
CA GLY A 20 9.41 11.75 -3.62
C GLY A 20 8.83 10.44 -3.18
N ARG A 21 7.60 10.52 -2.69
CA ARG A 21 6.90 9.37 -2.13
C ARG A 21 6.60 8.29 -3.17
N THR A 22 7.45 7.30 -3.23
CA THR A 22 7.24 6.15 -4.10
C THR A 22 6.76 4.96 -3.28
N ASN A 23 6.98 5.03 -1.98
CA ASN A 23 6.59 3.98 -1.06
C ASN A 23 5.10 4.07 -0.79
N LEU A 24 4.37 3.06 -1.18
CA LEU A 24 2.94 3.04 -0.95
C LEU A 24 2.58 2.01 0.08
N ILE A 25 2.08 2.48 1.20
CA ILE A 25 1.56 1.60 2.22
C ILE A 25 0.14 1.23 1.84
N VAL A 26 -0.17 -0.05 1.93
CA VAL A 26 -1.49 -0.50 1.56
C VAL A 26 -2.13 -1.23 2.73
N ASN A 27 -3.14 -0.60 3.28
CA ASN A 27 -3.80 -1.16 4.45
C ASN A 27 -5.02 -1.93 4.00
N TYR A 28 -5.61 -2.65 4.95
CA TYR A 28 -6.85 -3.38 4.72
C TYR A 28 -6.68 -4.45 3.66
N LEU A 29 -5.49 -5.03 3.58
CA LEU A 29 -5.24 -6.16 2.69
C LEU A 29 -5.97 -7.38 3.20
N PRO A 30 -6.43 -8.26 2.31
CA PRO A 30 -7.03 -9.52 2.70
C PRO A 30 -6.06 -10.34 3.55
N GLN A 31 -6.56 -10.93 4.61
CA GLN A 31 -5.71 -11.58 5.60
C GLN A 31 -5.06 -12.84 5.01
N ASN A 32 -5.61 -13.32 3.90
CA ASN A 32 -5.12 -14.52 3.24
C ASN A 32 -4.42 -14.19 1.93
N MET A 33 -4.19 -12.91 1.66
CA MET A 33 -3.56 -12.49 0.41
C MET A 33 -2.04 -12.63 0.51
N THR A 34 -1.35 -12.48 -0.62
CA THR A 34 0.09 -12.66 -0.67
C THR A 34 0.78 -11.38 -1.12
N GLN A 35 2.10 -11.32 -0.96
CA GLN A 35 2.89 -10.23 -1.52
C GLN A 35 2.61 -10.13 -3.00
N ASP A 36 2.64 -11.27 -3.68
CA ASP A 36 2.50 -11.35 -5.12
C ASP A 36 1.17 -10.75 -5.57
N GLU A 37 0.13 -10.96 -4.79
CA GLU A 37 -1.18 -10.41 -5.10
C GLU A 37 -1.18 -8.90 -4.85
N LEU A 38 -0.65 -8.52 -3.69
CA LEU A 38 -0.49 -7.12 -3.32
C LEU A 38 0.42 -6.42 -4.34
N ARG A 39 1.38 -7.17 -4.84
CA ARG A 39 2.34 -6.67 -5.79
C ARG A 39 1.71 -6.56 -7.18
N SER A 40 1.05 -7.62 -7.64
CA SER A 40 0.53 -7.66 -9.00
C SER A 40 -0.60 -6.66 -9.23
N LEU A 41 -1.43 -6.48 -8.21
CA LEU A 41 -2.51 -5.50 -8.26
C LEU A 41 -1.94 -4.11 -8.41
N PHE A 42 -0.82 -3.85 -7.79
CA PHE A 42 -0.16 -2.57 -7.96
C PHE A 42 0.68 -2.56 -9.23
N SER A 43 1.06 -3.74 -9.70
CA SER A 43 1.72 -3.87 -10.98
C SER A 43 0.73 -3.53 -12.10
N SER A 44 -0.56 -3.54 -11.76
CA SER A 44 -1.60 -3.17 -12.69
C SER A 44 -1.52 -1.67 -12.98
N ILE A 45 -1.25 -0.90 -11.93
CA ILE A 45 -1.01 0.53 -12.05
C ILE A 45 0.25 0.79 -12.88
N GLY A 46 1.31 0.05 -12.58
CA GLY A 46 2.57 0.29 -13.25
C GLY A 46 3.67 -0.58 -12.70
N GLU A 47 4.89 -0.08 -12.73
CA GLU A 47 6.03 -0.85 -12.28
C GLU A 47 6.26 -0.69 -10.80
N VAL A 48 6.19 -1.80 -10.12
CA VAL A 48 6.37 -1.83 -8.68
C VAL A 48 7.81 -2.13 -8.35
N GLU A 49 8.42 -1.18 -7.67
CA GLU A 49 9.80 -1.24 -7.29
C GLU A 49 10.04 -2.39 -6.32
N SER A 50 9.13 -2.52 -5.36
CA SER A 50 9.17 -3.63 -4.40
C SER A 50 7.89 -3.64 -3.56
N ALA A 51 7.27 -4.80 -3.42
CA ALA A 51 6.02 -4.90 -2.66
C ALA A 51 6.14 -5.94 -1.56
N LYS A 52 5.83 -5.52 -0.34
CA LYS A 52 5.86 -6.42 0.79
C LYS A 52 4.48 -6.61 1.38
N LEU A 53 4.27 -7.81 1.90
CA LEU A 53 3.05 -8.16 2.60
C LEU A 53 3.42 -8.49 4.03
N ILE A 54 2.67 -7.95 4.97
CA ILE A 54 3.01 -8.12 6.37
C ILE A 54 2.21 -9.26 6.96
N ARG A 55 2.92 -10.27 7.44
CA ARG A 55 2.27 -11.40 8.07
C ARG A 55 2.87 -11.65 9.45
N ASP A 56 2.13 -12.38 10.26
CA ASP A 56 2.52 -12.65 11.64
C ASP A 56 3.73 -13.57 11.69
N LYS A 57 4.55 -13.34 12.71
CA LYS A 57 5.79 -14.07 12.93
C LYS A 57 5.54 -15.52 13.34
N VAL A 58 4.29 -15.83 13.66
CA VAL A 58 3.95 -17.14 14.19
C VAL A 58 2.75 -17.73 13.48
N ALA A 59 1.67 -16.99 13.48
CA ALA A 59 0.42 -17.46 12.90
C ALA A 59 0.48 -17.48 11.38
N GLY A 60 1.56 -16.91 10.85
CA GLY A 60 1.84 -16.94 9.43
C GLY A 60 0.71 -16.40 8.56
N HIS A 61 -0.06 -15.47 9.10
CA HIS A 61 -1.17 -14.89 8.35
C HIS A 61 -0.94 -13.40 8.17
N SER A 62 -1.45 -12.84 7.07
CA SER A 62 -1.31 -11.42 6.83
C SER A 62 -1.98 -10.64 7.94
N LEU A 63 -1.38 -9.53 8.32
CA LEU A 63 -1.89 -8.71 9.40
C LEU A 63 -2.76 -7.58 8.87
N GLY A 64 -3.05 -7.66 7.58
CA GLY A 64 -4.01 -6.75 6.97
C GLY A 64 -3.38 -5.51 6.38
N TYR A 65 -2.08 -5.56 6.08
CA TYR A 65 -1.42 -4.43 5.44
C TYR A 65 -0.08 -4.83 4.84
N GLY A 66 0.44 -3.98 3.96
CA GLY A 66 1.70 -4.22 3.30
C GLY A 66 2.26 -2.96 2.71
N PHE A 67 3.42 -3.05 2.05
CA PHE A 67 4.09 -1.87 1.50
C PHE A 67 4.58 -2.12 0.09
N VAL A 68 4.02 -1.41 -0.88
CA VAL A 68 4.50 -1.51 -2.24
C VAL A 68 5.10 -0.19 -2.71
N ASN A 69 6.41 -0.22 -2.88
CA ASN A 69 7.14 0.91 -3.42
C ASN A 69 7.04 0.88 -4.93
N TYR A 70 6.76 2.01 -5.52
CA TYR A 70 6.73 2.12 -6.97
C TYR A 70 8.03 2.67 -7.48
N VAL A 71 8.29 2.45 -8.77
CA VAL A 71 9.46 3.01 -9.42
C VAL A 71 9.23 4.49 -9.69
N THR A 72 7.98 4.88 -9.54
CA THR A 72 7.55 6.24 -9.73
C THR A 72 6.78 6.74 -8.52
N ALA A 73 6.82 8.03 -8.28
CA ALA A 73 5.89 8.63 -7.35
C ALA A 73 4.62 8.98 -8.09
N LYS A 74 4.77 8.99 -9.41
CA LYS A 74 3.67 9.22 -10.34
C LYS A 74 2.63 8.09 -10.25
N ASP A 75 3.09 6.85 -10.39
CA ASP A 75 2.19 5.70 -10.33
C ASP A 75 1.79 5.40 -8.89
N ALA A 76 2.54 5.96 -7.94
CA ALA A 76 2.17 5.86 -6.53
C ALA A 76 0.84 6.57 -6.29
N GLU A 77 0.78 7.83 -6.63
CA GLU A 77 -0.46 8.59 -6.58
C GLU A 77 -1.51 7.94 -7.47
N ARG A 78 -1.05 7.35 -8.57
CA ARG A 78 -1.93 6.69 -9.52
C ARG A 78 -2.63 5.52 -8.84
N ALA A 79 -1.88 4.80 -8.02
CA ALA A 79 -2.43 3.68 -7.27
C ALA A 79 -3.39 4.17 -6.21
N ILE A 80 -3.14 5.34 -5.66
CA ILE A 80 -4.02 5.88 -4.63
C ILE A 80 -5.36 6.30 -5.18
N ASN A 81 -5.40 6.83 -6.38
CA ASN A 81 -6.67 7.24 -6.93
C ASN A 81 -7.38 6.08 -7.60
N THR A 82 -6.61 5.16 -8.13
CA THR A 82 -7.15 4.03 -8.84
C THR A 82 -7.38 2.82 -7.92
N LEU A 83 -6.33 2.36 -7.25
CA LEU A 83 -6.37 1.10 -6.50
C LEU A 83 -6.85 1.27 -5.07
N ASN A 84 -6.78 2.48 -4.53
CA ASN A 84 -7.20 2.71 -3.16
C ASN A 84 -8.71 2.54 -3.03
N GLY A 85 -9.11 1.46 -2.38
CA GLY A 85 -10.49 1.05 -2.34
C GLY A 85 -10.78 -0.03 -3.37
N LEU A 86 -9.74 -0.81 -3.69
CA LEU A 86 -9.88 -1.91 -4.63
C LEU A 86 -10.37 -3.14 -3.88
N ARG A 87 -11.30 -3.86 -4.47
CA ARG A 87 -11.81 -5.08 -3.88
C ARG A 87 -10.88 -6.24 -4.22
N LEU A 88 -9.88 -6.43 -3.37
CA LEU A 88 -8.93 -7.52 -3.52
C LEU A 88 -9.40 -8.74 -2.76
N GLN A 89 -9.71 -9.81 -3.50
CA GLN A 89 -10.18 -11.05 -2.88
C GLN A 89 -11.37 -10.79 -1.98
N SER A 90 -12.19 -9.83 -2.38
CA SER A 90 -13.41 -9.47 -1.67
C SER A 90 -13.12 -8.64 -0.42
N LYS A 91 -11.90 -8.10 -0.35
CA LYS A 91 -11.47 -7.23 0.73
C LYS A 91 -11.10 -5.86 0.15
N THR A 92 -11.53 -4.79 0.78
CA THR A 92 -11.23 -3.46 0.24
C THR A 92 -10.02 -2.87 0.92
N ILE A 93 -9.03 -2.53 0.12
CA ILE A 93 -7.73 -2.05 0.59
C ILE A 93 -7.67 -0.53 0.60
N LYS A 94 -6.66 0.02 1.27
CA LYS A 94 -6.44 1.46 1.25
C LYS A 94 -4.97 1.75 1.04
N VAL A 95 -4.64 2.20 -0.16
CA VAL A 95 -3.27 2.50 -0.53
C VAL A 95 -2.98 3.99 -0.32
N SER A 96 -1.77 4.28 0.15
CA SER A 96 -1.36 5.64 0.45
C SER A 96 0.16 5.69 0.51
N TYR A 97 0.73 6.88 0.56
CA TYR A 97 2.17 7.02 0.72
C TYR A 97 2.57 6.57 2.11
N ALA A 98 3.37 5.54 2.19
CA ALA A 98 3.89 5.09 3.47
C ALA A 98 4.87 6.15 3.96
N ARG A 99 4.53 6.76 5.10
CA ARG A 99 5.18 7.98 5.59
C ARG A 99 6.69 7.98 5.34
N PRO A 100 7.16 8.82 4.40
CA PRO A 100 8.57 9.05 4.18
C PRO A 100 9.07 10.19 5.04
N SER A 101 9.54 9.84 6.22
CA SER A 101 9.96 10.77 7.22
C SER A 101 10.24 10.02 8.52
N GLY A 1 -9.09 11.80 16.04
CA GLY A 1 -9.11 10.33 16.21
C GLY A 1 -7.82 9.82 16.83
N HIS A 2 -7.83 8.58 17.29
CA HIS A 2 -6.63 7.97 17.86
C HIS A 2 -5.79 7.33 16.77
N MET A 3 -5.03 8.15 16.06
CA MET A 3 -4.17 7.68 14.98
C MET A 3 -3.17 8.77 14.62
N SER A 4 -2.03 8.75 15.30
CA SER A 4 -1.01 9.78 15.13
C SER A 4 -0.51 9.88 13.70
N ASN A 5 -0.11 8.75 13.14
CA ASN A 5 0.38 8.69 11.77
C ASN A 5 -0.78 8.71 10.80
N GLY A 6 -1.55 7.63 10.80
CA GLY A 6 -2.65 7.51 9.87
C GLY A 6 -2.19 7.14 8.48
N TYR A 7 -2.96 6.30 7.80
CA TYR A 7 -2.60 5.89 6.45
C TYR A 7 -3.13 6.93 5.48
N GLU A 8 -4.38 7.29 5.62
CA GLU A 8 -4.93 8.39 4.86
C GLU A 8 -4.65 9.68 5.59
N ASP A 9 -5.28 10.74 5.10
CA ASP A 9 -5.10 12.09 5.64
C ASP A 9 -3.67 12.57 5.36
N HIS A 10 -2.96 11.87 4.48
CA HIS A 10 -1.67 12.34 4.02
C HIS A 10 -1.43 12.00 2.55
N MET A 11 -2.50 11.69 1.84
CA MET A 11 -2.38 11.37 0.42
C MET A 11 -2.70 12.59 -0.44
N ALA A 12 -3.12 13.66 0.21
CA ALA A 12 -3.37 14.91 -0.47
C ALA A 12 -2.42 15.98 0.05
N GLU A 13 -2.23 15.97 1.36
CA GLU A 13 -1.29 16.87 2.02
C GLU A 13 -0.92 16.29 3.37
N ASP A 14 -0.25 17.08 4.21
CA ASP A 14 0.18 16.66 5.55
C ASP A 14 1.36 15.70 5.50
N CYS A 15 2.13 15.70 6.58
CA CYS A 15 3.30 14.81 6.76
C CYS A 15 4.31 14.93 5.62
N ARG A 16 5.26 14.02 5.61
CA ARG A 16 6.25 13.94 4.55
C ARG A 16 5.76 13.01 3.46
N GLY A 17 4.83 13.50 2.65
CA GLY A 17 4.29 12.72 1.57
C GLY A 17 4.20 13.50 0.29
N ASP A 18 5.11 14.43 0.10
CA ASP A 18 5.13 15.27 -1.11
C ASP A 18 6.52 15.33 -1.73
N ILE A 19 7.50 14.79 -1.00
CA ILE A 19 8.89 14.69 -1.47
C ILE A 19 8.95 14.17 -2.90
N GLY A 20 8.39 12.99 -3.06
CA GLY A 20 8.54 12.21 -4.28
C GLY A 20 8.28 10.74 -4.02
N ARG A 21 8.04 10.44 -2.74
CA ARG A 21 7.57 9.14 -2.25
C ARG A 21 6.94 8.23 -3.32
N THR A 22 7.58 7.11 -3.56
CA THR A 22 7.07 6.11 -4.47
C THR A 22 6.69 4.85 -3.71
N ASN A 23 7.16 4.77 -2.47
CA ASN A 23 6.89 3.64 -1.59
C ASN A 23 5.47 3.71 -1.08
N LEU A 24 4.65 2.76 -1.45
CA LEU A 24 3.28 2.73 -0.99
C LEU A 24 3.07 1.66 0.07
N ILE A 25 2.61 2.10 1.22
CA ILE A 25 2.22 1.19 2.27
C ILE A 25 0.76 0.82 2.05
N VAL A 26 0.49 -0.45 2.00
CA VAL A 26 -0.85 -0.92 1.73
C VAL A 26 -1.34 -1.77 2.87
N ASN A 27 -2.28 -1.23 3.61
CA ASN A 27 -2.82 -1.93 4.76
C ASN A 27 -4.13 -2.60 4.41
N TYR A 28 -4.66 -3.35 5.37
CA TYR A 28 -5.93 -4.03 5.21
C TYR A 28 -5.88 -5.07 4.10
N LEU A 29 -4.67 -5.58 3.84
CA LEU A 29 -4.49 -6.65 2.87
C LEU A 29 -5.16 -7.92 3.39
N PRO A 30 -5.69 -8.75 2.48
CA PRO A 30 -6.29 -10.03 2.86
C PRO A 30 -5.31 -10.90 3.63
N GLN A 31 -5.80 -11.61 4.63
CA GLN A 31 -4.93 -12.35 5.54
C GLN A 31 -4.35 -13.60 4.89
N ASN A 32 -4.77 -13.87 3.66
CA ASN A 32 -4.30 -15.04 2.93
C ASN A 32 -3.61 -14.65 1.63
N MET A 33 -3.46 -13.35 1.39
CA MET A 33 -2.95 -12.87 0.11
C MET A 33 -1.42 -12.99 0.01
N THR A 34 -0.89 -12.84 -1.20
CA THR A 34 0.53 -12.99 -1.46
C THR A 34 1.15 -11.67 -1.92
N GLN A 35 2.48 -11.61 -1.96
CA GLN A 35 3.17 -10.46 -2.54
C GLN A 35 2.70 -10.25 -3.95
N ASP A 36 2.62 -11.33 -4.70
CA ASP A 36 2.32 -11.29 -6.12
C ASP A 36 0.93 -10.71 -6.36
N GLU A 37 0.01 -10.94 -5.44
CA GLU A 37 -1.33 -10.38 -5.55
C GLU A 37 -1.28 -8.89 -5.23
N LEU A 38 -0.60 -8.58 -4.12
CA LEU A 38 -0.37 -7.20 -3.70
C LEU A 38 0.38 -6.44 -4.80
N ARG A 39 1.26 -7.17 -5.47
CA ARG A 39 2.08 -6.61 -6.52
C ARG A 39 1.28 -6.46 -7.82
N SER A 40 0.51 -7.48 -8.19
CA SER A 40 -0.23 -7.46 -9.45
C SER A 40 -1.36 -6.44 -9.44
N LEU A 41 -2.02 -6.29 -8.30
CA LEU A 41 -3.08 -5.31 -8.16
C LEU A 41 -2.52 -3.90 -8.31
N PHE A 42 -1.33 -3.68 -7.81
CA PHE A 42 -0.69 -2.39 -8.00
C PHE A 42 -0.03 -2.33 -9.38
N SER A 43 0.21 -3.49 -9.95
CA SER A 43 0.67 -3.58 -11.32
C SER A 43 -0.49 -3.25 -12.27
N SER A 44 -1.71 -3.18 -11.72
CA SER A 44 -2.86 -2.79 -12.51
C SER A 44 -2.82 -1.29 -12.74
N ILE A 45 -2.31 -0.58 -11.74
CA ILE A 45 -2.07 0.87 -11.86
C ILE A 45 -0.98 1.15 -12.89
N GLY A 46 0.07 0.36 -12.83
CA GLY A 46 1.19 0.54 -13.73
C GLY A 46 2.30 -0.43 -13.41
N GLU A 47 3.53 -0.01 -13.59
CA GLU A 47 4.65 -0.83 -13.20
C GLU A 47 5.00 -0.61 -11.74
N VAL A 48 5.51 -1.64 -11.13
CA VAL A 48 5.79 -1.67 -9.71
C VAL A 48 7.22 -2.08 -9.49
N GLU A 49 7.93 -1.17 -8.86
CA GLU A 49 9.34 -1.31 -8.63
C GLU A 49 9.61 -2.53 -7.75
N SER A 50 8.87 -2.63 -6.65
CA SER A 50 8.96 -3.78 -5.75
C SER A 50 7.79 -3.80 -4.79
N ALA A 51 7.12 -4.94 -4.68
CA ALA A 51 5.99 -5.06 -3.77
C ALA A 51 6.21 -6.15 -2.74
N LYS A 52 6.11 -5.75 -1.48
CA LYS A 52 6.32 -6.65 -0.38
C LYS A 52 5.00 -6.95 0.33
N LEU A 53 4.86 -8.18 0.77
CA LEU A 53 3.71 -8.59 1.55
C LEU A 53 4.20 -9.04 2.91
N ILE A 54 3.51 -8.63 3.95
CA ILE A 54 3.94 -8.94 5.29
C ILE A 54 3.12 -10.07 5.86
N ARG A 55 3.79 -11.15 6.23
CA ARG A 55 3.12 -12.28 6.84
C ARG A 55 3.76 -12.61 8.17
N ASP A 56 3.04 -13.38 8.98
CA ASP A 56 3.53 -13.76 10.29
C ASP A 56 4.63 -14.78 10.17
N LYS A 57 5.64 -14.58 11.00
CA LYS A 57 6.83 -15.41 11.06
C LYS A 57 6.50 -16.87 11.39
N VAL A 58 5.37 -17.08 12.00
CA VAL A 58 5.07 -18.36 12.62
C VAL A 58 3.72 -18.90 12.16
N ALA A 59 2.70 -18.08 12.31
CA ALA A 59 1.35 -18.50 12.02
C ALA A 59 1.04 -18.52 10.53
N GLY A 60 2.06 -18.16 9.75
CA GLY A 60 2.02 -18.29 8.30
C GLY A 60 0.84 -17.61 7.63
N HIS A 61 0.50 -16.40 8.07
CA HIS A 61 -0.58 -15.66 7.43
C HIS A 61 -0.21 -14.19 7.30
N SER A 62 -0.68 -13.56 6.22
CA SER A 62 -0.45 -12.16 6.00
C SER A 62 -0.99 -11.33 7.16
N LEU A 63 -0.22 -10.34 7.59
CA LEU A 63 -0.58 -9.56 8.77
C LEU A 63 -1.44 -8.35 8.38
N GLY A 64 -1.85 -8.32 7.12
CA GLY A 64 -2.79 -7.32 6.69
C GLY A 64 -2.14 -6.02 6.26
N TYR A 65 -0.89 -6.08 5.81
CA TYR A 65 -0.24 -4.90 5.26
C TYR A 65 0.98 -5.29 4.45
N GLY A 66 1.43 -4.36 3.62
CA GLY A 66 2.59 -4.59 2.78
C GLY A 66 3.13 -3.30 2.23
N PHE A 67 4.16 -3.39 1.40
CA PHE A 67 4.84 -2.22 0.88
C PHE A 67 5.15 -2.38 -0.60
N VAL A 68 4.43 -1.65 -1.44
CA VAL A 68 4.71 -1.67 -2.86
C VAL A 68 5.29 -0.33 -3.31
N ASN A 69 6.55 -0.39 -3.68
CA ASN A 69 7.25 0.75 -4.23
C ASN A 69 6.95 0.85 -5.71
N TYR A 70 6.51 2.01 -6.15
CA TYR A 70 6.30 2.23 -7.56
C TYR A 70 7.56 2.80 -8.20
N VAL A 71 7.59 2.76 -9.53
CA VAL A 71 8.69 3.34 -10.27
C VAL A 71 8.50 4.86 -10.34
N THR A 72 7.28 5.27 -10.00
CA THR A 72 6.84 6.66 -10.08
C THR A 72 6.08 7.05 -8.83
N ALA A 73 6.15 8.33 -8.47
CA ALA A 73 5.28 8.87 -7.44
C ALA A 73 3.94 9.22 -8.09
N LYS A 74 3.97 9.27 -9.42
CA LYS A 74 2.79 9.45 -10.24
C LYS A 74 1.81 8.27 -10.07
N ASP A 75 2.31 7.07 -10.27
CA ASP A 75 1.48 5.86 -10.13
C ASP A 75 1.24 5.54 -8.66
N ALA A 76 2.06 6.11 -7.79
CA ALA A 76 1.83 6.00 -6.35
C ALA A 76 0.51 6.67 -5.99
N GLU A 77 0.40 7.95 -6.32
CA GLU A 77 -0.83 8.70 -6.15
C GLU A 77 -1.96 8.03 -6.93
N ARG A 78 -1.62 7.47 -8.08
CA ARG A 78 -2.60 6.82 -8.93
C ARG A 78 -3.15 5.59 -8.23
N ALA A 79 -2.30 4.91 -7.47
CA ALA A 79 -2.73 3.76 -6.71
C ALA A 79 -3.59 4.19 -5.52
N ILE A 80 -3.25 5.32 -4.93
CA ILE A 80 -3.98 5.80 -3.78
C ILE A 80 -5.36 6.31 -4.13
N ASN A 81 -5.52 6.87 -5.30
CA ASN A 81 -6.82 7.37 -5.68
C ASN A 81 -7.65 6.28 -6.33
N THR A 82 -6.96 5.35 -6.97
CA THR A 82 -7.62 4.26 -7.64
C THR A 82 -7.78 3.02 -6.74
N LEU A 83 -6.65 2.46 -6.32
CA LEU A 83 -6.62 1.17 -5.63
C LEU A 83 -6.96 1.27 -4.15
N ASN A 84 -6.77 2.42 -3.55
CA ASN A 84 -7.06 2.58 -2.13
C ASN A 84 -8.55 2.39 -1.87
N GLY A 85 -8.88 1.28 -1.22
CA GLY A 85 -10.26 0.88 -1.04
C GLY A 85 -10.67 -0.16 -2.08
N LEU A 86 -9.69 -0.92 -2.56
CA LEU A 86 -9.96 -1.96 -3.54
C LEU A 86 -10.33 -3.25 -2.84
N ARG A 87 -11.26 -4.00 -3.42
CA ARG A 87 -11.62 -5.29 -2.90
C ARG A 87 -10.70 -6.38 -3.44
N LEU A 88 -9.61 -6.60 -2.73
CA LEU A 88 -8.70 -7.67 -3.03
C LEU A 88 -9.15 -8.94 -2.35
N GLN A 89 -9.62 -9.91 -3.14
CA GLN A 89 -10.11 -11.16 -2.58
C GLN A 89 -11.23 -10.88 -1.58
N SER A 90 -12.02 -9.87 -1.92
CA SER A 90 -13.17 -9.45 -1.12
C SER A 90 -12.75 -8.64 0.11
N LYS A 91 -11.46 -8.38 0.24
CA LYS A 91 -10.93 -7.59 1.36
C LYS A 91 -10.59 -6.19 0.88
N THR A 92 -10.99 -5.17 1.62
CA THR A 92 -10.73 -3.80 1.21
C THR A 92 -9.41 -3.29 1.77
N ILE A 93 -8.53 -2.89 0.88
CA ILE A 93 -7.19 -2.47 1.25
C ILE A 93 -7.09 -0.95 1.36
N LYS A 94 -6.01 -0.47 1.96
CA LYS A 94 -5.78 0.97 2.05
C LYS A 94 -4.34 1.29 1.69
N VAL A 95 -4.15 1.91 0.53
CA VAL A 95 -2.83 2.23 0.03
C VAL A 95 -2.51 3.71 0.26
N SER A 96 -1.27 3.98 0.62
CA SER A 96 -0.80 5.33 0.87
C SER A 96 0.72 5.35 0.79
N TYR A 97 1.33 6.52 0.81
CA TYR A 97 2.79 6.59 0.87
C TYR A 97 3.24 6.04 2.21
N ALA A 98 4.12 5.06 2.17
CA ALA A 98 4.73 4.56 3.37
C ALA A 98 5.77 5.56 3.82
N ARG A 99 5.37 6.45 4.74
CA ARG A 99 6.16 7.64 5.11
C ARG A 99 7.65 7.34 5.19
N PRO A 100 8.43 7.95 4.27
CA PRO A 100 9.88 7.74 4.18
C PRO A 100 10.59 7.98 5.51
N SER A 101 11.60 7.16 5.78
CA SER A 101 12.40 7.26 6.96
C SER A 101 12.90 8.69 7.20
N GLY A 1 -17.26 12.32 -3.86
CA GLY A 1 -16.76 11.28 -2.94
C GLY A 1 -16.32 11.85 -1.62
N HIS A 2 -15.60 11.06 -0.84
CA HIS A 2 -15.11 11.50 0.46
C HIS A 2 -13.76 10.89 0.75
N MET A 3 -12.75 11.33 0.01
CA MET A 3 -11.39 10.83 0.18
C MET A 3 -10.66 11.64 1.24
N SER A 4 -11.06 11.47 2.47
CA SER A 4 -10.40 12.12 3.59
C SER A 4 -9.22 11.29 4.06
N ASN A 5 -9.25 10.00 3.70
CA ASN A 5 -8.17 9.08 4.02
C ASN A 5 -7.97 8.96 5.52
N GLY A 6 -8.78 8.13 6.15
CA GLY A 6 -8.67 7.92 7.58
C GLY A 6 -7.59 6.91 7.93
N TYR A 7 -6.41 7.12 7.37
CA TYR A 7 -5.28 6.24 7.59
C TYR A 7 -4.05 7.07 7.92
N GLU A 8 -3.59 6.95 9.16
CA GLU A 8 -2.44 7.70 9.63
C GLU A 8 -1.24 7.50 8.74
N ASP A 9 -0.73 8.61 8.24
CA ASP A 9 0.38 8.59 7.30
C ASP A 9 0.79 10.00 6.92
N HIS A 10 -0.05 10.61 6.14
CA HIS A 10 0.21 11.96 5.62
C HIS A 10 -1.04 12.83 5.76
N MET A 11 -1.82 12.55 6.81
CA MET A 11 -3.06 13.27 7.05
C MET A 11 -2.88 14.29 8.18
N ALA A 12 -1.67 14.36 8.70
CA ALA A 12 -1.38 15.23 9.84
C ALA A 12 -0.72 16.53 9.40
N GLU A 13 0.45 16.41 8.78
CA GLU A 13 1.24 17.57 8.42
C GLU A 13 1.71 17.46 6.99
N ASP A 14 1.01 16.65 6.19
CA ASP A 14 1.43 16.23 4.85
C ASP A 14 2.62 15.29 4.94
N CYS A 15 3.52 15.60 5.88
CA CYS A 15 4.63 14.74 6.23
C CYS A 15 5.67 14.69 5.12
N ARG A 16 6.68 13.86 5.32
CA ARG A 16 7.70 13.67 4.32
C ARG A 16 7.24 12.63 3.31
N GLY A 17 6.12 12.93 2.68
CA GLY A 17 5.55 12.03 1.70
C GLY A 17 5.13 12.77 0.45
N ASP A 18 5.90 13.78 0.08
CA ASP A 18 5.66 14.55 -1.15
C ASP A 18 6.98 14.99 -1.73
N ILE A 19 8.00 14.18 -1.52
CA ILE A 19 9.34 14.46 -1.97
C ILE A 19 9.66 13.62 -3.20
N GLY A 20 9.81 12.33 -2.96
CA GLY A 20 10.05 11.38 -4.03
C GLY A 20 9.61 10.01 -3.60
N ARG A 21 8.45 9.97 -2.96
CA ARG A 21 7.95 8.74 -2.36
C ARG A 21 7.34 7.80 -3.39
N THR A 22 8.04 6.72 -3.66
CA THR A 22 7.54 5.69 -4.55
C THR A 22 7.16 4.45 -3.73
N ASN A 23 7.65 4.40 -2.51
CA ASN A 23 7.39 3.29 -1.61
C ASN A 23 6.01 3.42 -1.00
N LEU A 24 5.21 2.38 -1.10
CA LEU A 24 3.87 2.43 -0.58
C LEU A 24 3.65 1.32 0.43
N ILE A 25 3.43 1.71 1.66
CA ILE A 25 3.09 0.78 2.71
C ILE A 25 1.60 0.48 2.62
N VAL A 26 1.25 -0.79 2.56
CA VAL A 26 -0.14 -1.16 2.45
C VAL A 26 -0.54 -1.99 3.65
N ASN A 27 -1.33 -1.39 4.50
CA ASN A 27 -1.79 -2.02 5.72
C ASN A 27 -3.11 -2.71 5.48
N TYR A 28 -3.58 -3.43 6.48
CA TYR A 28 -4.87 -4.07 6.46
C TYR A 28 -5.02 -5.04 5.28
N LEU A 29 -3.89 -5.62 4.87
CA LEU A 29 -3.90 -6.65 3.84
C LEU A 29 -4.65 -7.87 4.37
N PRO A 30 -5.36 -8.57 3.48
CA PRO A 30 -6.02 -9.82 3.85
C PRO A 30 -5.01 -10.81 4.41
N GLN A 31 -5.37 -11.48 5.49
CA GLN A 31 -4.43 -12.31 6.23
C GLN A 31 -3.96 -13.52 5.43
N ASN A 32 -4.66 -13.83 4.34
CA ASN A 32 -4.31 -14.97 3.51
C ASN A 32 -3.86 -14.52 2.11
N MET A 33 -3.66 -13.23 1.93
CA MET A 33 -3.28 -12.71 0.63
C MET A 33 -1.78 -12.93 0.35
N THR A 34 -1.39 -12.77 -0.91
CA THR A 34 -0.02 -13.04 -1.33
C THR A 34 0.67 -11.76 -1.80
N GLN A 35 1.99 -11.82 -2.00
CA GLN A 35 2.69 -10.72 -2.65
C GLN A 35 2.04 -10.45 -3.99
N ASP A 36 1.83 -11.51 -4.74
CA ASP A 36 1.31 -11.42 -6.10
C ASP A 36 -0.03 -10.69 -6.14
N GLU A 37 -0.85 -10.90 -5.13
CA GLU A 37 -2.13 -10.19 -5.01
C GLU A 37 -1.89 -8.73 -4.68
N LEU A 38 -1.10 -8.50 -3.64
CA LEU A 38 -0.72 -7.17 -3.19
C LEU A 38 -0.01 -6.43 -4.33
N ARG A 39 0.71 -7.19 -5.13
CA ARG A 39 1.48 -6.67 -6.24
C ARG A 39 0.58 -6.40 -7.45
N SER A 40 -0.30 -7.34 -7.78
CA SER A 40 -1.13 -7.23 -8.97
C SER A 40 -2.17 -6.12 -8.82
N LEU A 41 -2.73 -6.00 -7.63
CA LEU A 41 -3.69 -4.96 -7.33
C LEU A 41 -3.05 -3.58 -7.48
N PHE A 42 -1.80 -3.47 -7.11
CA PHE A 42 -1.10 -2.21 -7.31
C PHE A 42 -0.58 -2.10 -8.73
N SER A 43 -0.43 -3.24 -9.39
CA SER A 43 -0.09 -3.27 -10.79
C SER A 43 -1.29 -2.80 -11.62
N SER A 44 -2.46 -2.77 -10.98
CA SER A 44 -3.66 -2.26 -11.63
C SER A 44 -3.52 -0.76 -11.83
N ILE A 45 -2.96 -0.10 -10.82
CA ILE A 45 -2.63 1.31 -10.88
C ILE A 45 -1.61 1.58 -11.97
N GLY A 46 -0.58 0.77 -12.00
CA GLY A 46 0.51 0.98 -12.93
C GLY A 46 1.62 -0.03 -12.75
N GLU A 47 2.85 0.42 -12.87
CA GLU A 47 3.98 -0.48 -12.75
C GLU A 47 4.56 -0.46 -11.35
N VAL A 48 4.53 -1.63 -10.75
CA VAL A 48 5.06 -1.84 -9.42
C VAL A 48 6.47 -2.32 -9.49
N GLU A 49 7.33 -1.52 -8.91
CA GLU A 49 8.74 -1.77 -8.90
C GLU A 49 9.03 -3.03 -8.08
N SER A 50 8.47 -3.07 -6.87
CA SER A 50 8.59 -4.23 -6.00
C SER A 50 7.49 -4.23 -4.95
N ALA A 51 6.79 -5.34 -4.81
CA ALA A 51 5.72 -5.44 -3.82
C ALA A 51 5.99 -6.57 -2.84
N LYS A 52 6.14 -6.19 -1.59
CA LYS A 52 6.47 -7.12 -0.54
C LYS A 52 5.26 -7.42 0.34
N LEU A 53 5.04 -8.68 0.60
CA LEU A 53 4.01 -9.10 1.52
C LEU A 53 4.67 -9.61 2.79
N ILE A 54 4.21 -9.12 3.92
CA ILE A 54 4.82 -9.46 5.19
C ILE A 54 4.07 -10.60 5.85
N ARG A 55 4.78 -11.68 6.13
CA ARG A 55 4.19 -12.81 6.82
C ARG A 55 5.02 -13.19 8.04
N ASP A 56 4.46 -14.04 8.88
CA ASP A 56 5.11 -14.45 10.12
C ASP A 56 6.40 -15.23 9.86
N LYS A 57 7.12 -15.47 10.94
CA LYS A 57 8.49 -15.98 10.91
C LYS A 57 8.59 -17.44 10.48
N VAL A 58 7.53 -18.20 10.69
CA VAL A 58 7.62 -19.64 10.58
C VAL A 58 6.48 -20.22 9.75
N ALA A 59 5.27 -19.96 10.19
CA ALA A 59 4.08 -20.52 9.57
C ALA A 59 3.88 -19.96 8.18
N GLY A 60 4.14 -18.68 8.06
CA GLY A 60 4.05 -18.00 6.79
C GLY A 60 2.68 -17.42 6.54
N HIS A 61 2.13 -16.79 7.57
CA HIS A 61 0.82 -16.16 7.47
C HIS A 61 0.98 -14.66 7.40
N SER A 62 0.22 -14.04 6.52
CA SER A 62 0.35 -12.62 6.25
C SER A 62 -0.06 -11.81 7.48
N LEU A 63 0.77 -10.85 7.85
CA LEU A 63 0.59 -10.10 9.08
C LEU A 63 -0.21 -8.82 8.86
N GLY A 64 -0.84 -8.71 7.71
CA GLY A 64 -1.78 -7.64 7.46
C GLY A 64 -1.15 -6.35 6.98
N TYR A 65 0.05 -6.43 6.41
CA TYR A 65 0.67 -5.25 5.83
C TYR A 65 1.79 -5.65 4.87
N GLY A 66 2.19 -4.71 4.04
CA GLY A 66 3.24 -4.96 3.07
C GLY A 66 3.78 -3.67 2.50
N PHE A 67 4.69 -3.79 1.55
CA PHE A 67 5.38 -2.64 0.99
C PHE A 67 5.51 -2.77 -0.52
N VAL A 68 4.74 -1.98 -1.26
CA VAL A 68 4.86 -1.97 -2.70
C VAL A 68 5.46 -0.66 -3.19
N ASN A 69 6.68 -0.75 -3.67
CA ASN A 69 7.37 0.35 -4.28
C ASN A 69 6.92 0.47 -5.72
N TYR A 70 6.54 1.66 -6.13
CA TYR A 70 6.20 1.91 -7.50
C TYR A 70 7.40 2.41 -8.28
N VAL A 71 7.30 2.35 -9.60
CA VAL A 71 8.33 2.88 -10.47
C VAL A 71 8.17 4.38 -10.59
N THR A 72 7.09 4.87 -10.00
CA THR A 72 6.71 6.26 -10.02
C THR A 72 6.23 6.71 -8.65
N ALA A 73 6.39 7.96 -8.34
CA ALA A 73 5.73 8.53 -7.18
C ALA A 73 4.33 8.96 -7.60
N LYS A 74 4.17 9.07 -8.91
CA LYS A 74 2.91 9.39 -9.54
C LYS A 74 1.86 8.30 -9.29
N ASP A 75 2.22 7.06 -9.61
CA ASP A 75 1.31 5.93 -9.41
C ASP A 75 1.22 5.57 -7.93
N ALA A 76 2.18 6.04 -7.15
CA ALA A 76 2.14 5.86 -5.71
C ALA A 76 0.96 6.60 -5.11
N GLU A 77 0.88 7.89 -5.37
CA GLU A 77 -0.27 8.69 -4.96
C GLU A 77 -1.53 8.18 -5.65
N ARG A 78 -1.38 7.69 -6.87
CA ARG A 78 -2.50 7.16 -7.61
C ARG A 78 -3.06 5.92 -6.92
N ALA A 79 -2.18 5.12 -6.32
CA ALA A 79 -2.62 3.96 -5.57
C ALA A 79 -3.31 4.41 -4.29
N ILE A 80 -2.83 5.48 -3.69
CA ILE A 80 -3.44 5.99 -2.46
C ILE A 80 -4.77 6.69 -2.71
N ASN A 81 -4.94 7.24 -3.88
CA ASN A 81 -6.21 7.88 -4.16
C ASN A 81 -7.18 6.89 -4.77
N THR A 82 -6.65 5.90 -5.44
CA THR A 82 -7.47 4.87 -6.05
C THR A 82 -7.66 3.65 -5.13
N LEU A 83 -6.56 2.96 -4.83
CA LEU A 83 -6.59 1.65 -4.18
C LEU A 83 -6.73 1.75 -2.67
N ASN A 84 -6.42 2.89 -2.10
CA ASN A 84 -6.53 3.08 -0.65
C ASN A 84 -7.99 2.87 -0.21
N GLY A 85 -8.22 1.78 0.51
CA GLY A 85 -9.59 1.40 0.85
C GLY A 85 -10.19 0.45 -0.16
N LEU A 86 -9.33 -0.32 -0.82
CA LEU A 86 -9.75 -1.30 -1.82
C LEU A 86 -10.19 -2.57 -1.14
N ARG A 87 -11.15 -3.26 -1.73
CA ARG A 87 -11.57 -4.55 -1.24
C ARG A 87 -10.74 -5.65 -1.88
N LEU A 88 -9.61 -5.95 -1.28
CA LEU A 88 -8.77 -7.04 -1.71
C LEU A 88 -9.21 -8.31 -1.02
N GLN A 89 -9.77 -9.24 -1.79
CA GLN A 89 -10.31 -10.47 -1.23
C GLN A 89 -11.32 -10.13 -0.15
N SER A 90 -12.00 -9.02 -0.38
CA SER A 90 -13.07 -8.54 0.49
C SER A 90 -12.53 -7.89 1.77
N LYS A 91 -11.22 -7.72 1.83
CA LYS A 91 -10.57 -7.03 2.95
C LYS A 91 -10.19 -5.62 2.51
N THR A 92 -10.40 -4.63 3.36
CA THR A 92 -10.09 -3.25 2.98
C THR A 92 -8.69 -2.86 3.42
N ILE A 93 -7.88 -2.43 2.47
CA ILE A 93 -6.47 -2.16 2.70
C ILE A 93 -6.17 -0.68 2.88
N LYS A 94 -4.98 -0.38 3.38
CA LYS A 94 -4.51 0.99 3.56
C LYS A 94 -3.20 1.19 2.83
N VAL A 95 -3.24 1.80 1.67
CA VAL A 95 -2.03 2.10 0.94
C VAL A 95 -1.63 3.55 1.22
N SER A 96 -0.37 3.75 1.53
CA SER A 96 0.14 5.04 1.94
C SER A 96 1.64 5.07 1.69
N TYR A 97 2.24 6.26 1.68
CA TYR A 97 3.68 6.38 1.47
C TYR A 97 4.40 5.80 2.66
N ALA A 98 5.01 4.63 2.49
CA ALA A 98 5.74 4.00 3.57
C ALA A 98 6.86 4.92 4.02
N ARG A 99 6.68 5.48 5.22
CA ARG A 99 7.49 6.58 5.75
C ARG A 99 8.96 6.43 5.39
N PRO A 100 9.44 7.25 4.44
CA PRO A 100 10.84 7.23 4.02
C PRO A 100 11.72 7.96 5.01
N SER A 101 12.47 7.18 5.77
CA SER A 101 13.30 7.68 6.82
C SER A 101 14.06 6.52 7.46
N GLY A 1 -15.42 10.93 10.52
CA GLY A 1 -15.00 11.13 9.11
C GLY A 1 -14.85 9.81 8.38
N HIS A 2 -15.41 9.74 7.18
CA HIS A 2 -15.36 8.52 6.38
C HIS A 2 -14.14 8.54 5.45
N MET A 3 -13.04 9.05 5.96
CA MET A 3 -11.82 9.19 5.18
C MET A 3 -11.16 7.83 5.00
N SER A 4 -10.93 7.46 3.75
CA SER A 4 -10.35 6.16 3.43
C SER A 4 -8.90 6.10 3.88
N ASN A 5 -8.23 7.24 3.88
CA ASN A 5 -6.85 7.31 4.33
C ASN A 5 -6.79 7.51 5.84
N GLY A 6 -7.20 6.48 6.58
CA GLY A 6 -6.99 6.45 8.02
C GLY A 6 -5.55 6.12 8.33
N TYR A 7 -4.67 6.88 7.70
CA TYR A 7 -3.24 6.66 7.74
C TYR A 7 -2.62 7.94 7.21
N GLU A 8 -3.14 9.05 7.72
CA GLU A 8 -2.89 10.37 7.17
C GLU A 8 -1.53 10.92 7.57
N ASP A 9 -1.42 12.25 7.48
CA ASP A 9 -0.16 12.97 7.73
C ASP A 9 0.77 12.83 6.54
N HIS A 10 0.23 13.15 5.36
CA HIS A 10 1.01 13.14 4.12
C HIS A 10 0.12 13.57 2.95
N MET A 11 -1.18 13.38 3.13
CA MET A 11 -2.15 13.59 2.06
C MET A 11 -2.41 15.06 1.79
N ALA A 12 -2.31 15.88 2.83
CA ALA A 12 -2.51 17.31 2.68
C ALA A 12 -1.26 18.07 3.10
N GLU A 13 -0.52 17.49 4.01
CA GLU A 13 0.70 18.09 4.54
C GLU A 13 1.38 17.10 5.47
N ASP A 14 2.53 17.51 6.01
CA ASP A 14 3.30 16.71 6.98
C ASP A 14 4.07 15.59 6.30
N CYS A 15 5.16 15.18 6.94
CA CYS A 15 6.00 14.07 6.51
C CYS A 15 6.73 14.33 5.20
N ARG A 16 7.65 13.42 4.89
CA ARG A 16 8.39 13.43 3.64
C ARG A 16 7.88 12.31 2.77
N GLY A 17 6.61 12.02 2.93
CA GLY A 17 5.97 11.00 2.17
C GLY A 17 4.88 11.59 1.29
N ASP A 18 5.29 12.29 0.24
CA ASP A 18 4.37 12.94 -0.70
C ASP A 18 5.15 13.77 -1.71
N ILE A 19 6.35 14.18 -1.32
CA ILE A 19 7.28 14.89 -2.19
C ILE A 19 7.43 14.15 -3.51
N GLY A 20 8.14 13.03 -3.47
CA GLY A 20 8.27 12.19 -4.64
C GLY A 20 8.47 10.75 -4.26
N ARG A 21 7.62 10.26 -3.36
CA ARG A 21 7.79 8.90 -2.84
C ARG A 21 7.05 7.90 -3.68
N THR A 22 7.74 6.82 -3.98
CA THR A 22 7.18 5.74 -4.75
C THR A 22 6.87 4.57 -3.84
N ASN A 23 7.44 4.60 -2.64
CA ASN A 23 7.26 3.55 -1.66
C ASN A 23 5.91 3.67 -0.98
N LEU A 24 5.05 2.72 -1.20
CA LEU A 24 3.73 2.74 -0.61
C LEU A 24 3.56 1.62 0.40
N ILE A 25 3.26 2.01 1.63
CA ILE A 25 2.93 1.06 2.65
C ILE A 25 1.45 0.72 2.53
N VAL A 26 1.15 -0.56 2.45
CA VAL A 26 -0.22 -0.99 2.32
C VAL A 26 -0.60 -1.84 3.48
N ASN A 27 -1.37 -1.27 4.37
CA ASN A 27 -1.78 -1.96 5.57
C ASN A 27 -3.14 -2.57 5.33
N TYR A 28 -3.64 -3.28 6.33
CA TYR A 28 -4.95 -3.91 6.27
C TYR A 28 -5.04 -4.89 5.09
N LEU A 29 -3.93 -5.54 4.78
CA LEU A 29 -3.90 -6.56 3.72
C LEU A 29 -4.62 -7.81 4.19
N PRO A 30 -5.23 -8.57 3.27
CA PRO A 30 -5.87 -9.83 3.60
C PRO A 30 -4.89 -10.76 4.32
N GLN A 31 -5.40 -11.53 5.27
CA GLN A 31 -4.54 -12.31 6.16
C GLN A 31 -3.97 -13.56 5.48
N ASN A 32 -4.42 -13.85 4.27
CA ASN A 32 -3.91 -15.01 3.54
C ASN A 32 -3.30 -14.62 2.19
N MET A 33 -3.20 -13.31 1.93
CA MET A 33 -2.80 -12.85 0.61
C MET A 33 -1.30 -13.01 0.35
N THR A 34 -0.90 -12.85 -0.91
CA THR A 34 0.47 -13.06 -1.34
C THR A 34 1.08 -11.74 -1.84
N GLN A 35 2.40 -11.71 -2.03
CA GLN A 35 3.05 -10.56 -2.66
C GLN A 35 2.40 -10.30 -3.99
N ASP A 36 2.24 -11.36 -4.76
CA ASP A 36 1.79 -11.27 -6.14
C ASP A 36 0.41 -10.63 -6.23
N GLU A 37 -0.41 -10.80 -5.19
CA GLU A 37 -1.74 -10.19 -5.17
C GLU A 37 -1.62 -8.72 -4.76
N LEU A 38 -0.82 -8.46 -3.73
CA LEU A 38 -0.52 -7.11 -3.28
C LEU A 38 0.17 -6.35 -4.42
N ARG A 39 0.97 -7.07 -5.17
CA ARG A 39 1.74 -6.52 -6.27
C ARG A 39 0.85 -6.26 -7.49
N SER A 40 -0.01 -7.23 -7.83
CA SER A 40 -0.84 -7.12 -9.03
C SER A 40 -1.92 -6.05 -8.89
N LEU A 41 -2.48 -5.95 -7.68
CA LEU A 41 -3.49 -4.94 -7.40
C LEU A 41 -2.91 -3.55 -7.55
N PHE A 42 -1.67 -3.39 -7.15
CA PHE A 42 -1.00 -2.11 -7.32
C PHE A 42 -0.48 -1.98 -8.73
N SER A 43 -0.25 -3.10 -9.39
CA SER A 43 0.09 -3.10 -10.80
C SER A 43 -1.11 -2.67 -11.63
N SER A 44 -2.30 -2.72 -11.02
CA SER A 44 -3.51 -2.29 -11.68
C SER A 44 -3.47 -0.77 -11.87
N ILE A 45 -2.92 -0.09 -10.89
CA ILE A 45 -2.67 1.34 -10.97
C ILE A 45 -1.62 1.64 -12.04
N GLY A 46 -0.56 0.86 -12.02
CA GLY A 46 0.54 1.08 -12.93
C GLY A 46 1.67 0.13 -12.63
N GLU A 47 2.86 0.45 -13.10
CA GLU A 47 4.00 -0.42 -12.86
C GLU A 47 4.48 -0.33 -11.43
N VAL A 48 4.82 -1.50 -10.92
CA VAL A 48 5.28 -1.62 -9.55
C VAL A 48 6.70 -2.08 -9.55
N GLU A 49 7.51 -1.27 -8.92
CA GLU A 49 8.92 -1.48 -8.88
C GLU A 49 9.24 -2.69 -8.00
N SER A 50 8.61 -2.74 -6.84
CA SER A 50 8.74 -3.89 -5.94
C SER A 50 7.63 -3.90 -4.90
N ALA A 51 6.95 -5.04 -4.75
CA ALA A 51 5.87 -5.12 -3.78
C ALA A 51 6.11 -6.21 -2.76
N LYS A 52 6.24 -5.79 -1.52
CA LYS A 52 6.55 -6.68 -0.43
C LYS A 52 5.29 -7.01 0.36
N LEU A 53 5.06 -8.29 0.60
CA LEU A 53 3.99 -8.74 1.46
C LEU A 53 4.58 -9.20 2.78
N ILE A 54 3.97 -8.81 3.87
CA ILE A 54 4.50 -9.17 5.17
C ILE A 54 3.69 -10.28 5.79
N ARG A 55 4.35 -11.40 5.99
CA ARG A 55 3.76 -12.51 6.70
C ARG A 55 4.61 -12.83 7.91
N ASP A 56 4.09 -13.63 8.82
CA ASP A 56 4.86 -14.03 9.98
C ASP A 56 6.02 -14.91 9.55
N LYS A 57 7.16 -14.62 10.16
CA LYS A 57 8.43 -15.28 9.88
C LYS A 57 8.39 -16.77 10.13
N VAL A 58 7.35 -17.23 10.80
CA VAL A 58 7.24 -18.61 11.20
C VAL A 58 5.94 -19.22 10.73
N ALA A 59 4.85 -18.56 11.07
CA ALA A 59 3.53 -19.10 10.77
C ALA A 59 3.14 -18.91 9.31
N GLY A 60 3.95 -18.15 8.60
CA GLY A 60 3.71 -17.90 7.18
C GLY A 60 2.37 -17.26 6.91
N HIS A 61 1.82 -16.59 7.91
CA HIS A 61 0.51 -15.97 7.80
C HIS A 61 0.65 -14.47 7.64
N SER A 62 -0.06 -13.93 6.67
CA SER A 62 0.02 -12.51 6.37
C SER A 62 -0.38 -11.69 7.59
N LEU A 63 0.51 -10.80 8.00
CA LEU A 63 0.28 -10.02 9.21
C LEU A 63 -0.68 -8.87 8.91
N GLY A 64 -0.91 -8.63 7.64
CA GLY A 64 -1.90 -7.67 7.23
C GLY A 64 -1.32 -6.35 6.79
N TYR A 65 -0.10 -6.37 6.28
CA TYR A 65 0.49 -5.16 5.72
C TYR A 65 1.62 -5.50 4.77
N GLY A 66 2.03 -4.53 3.97
CA GLY A 66 3.08 -4.73 3.01
C GLY A 66 3.61 -3.42 2.46
N PHE A 67 4.56 -3.49 1.55
CA PHE A 67 5.22 -2.31 1.03
C PHE A 67 5.43 -2.43 -0.48
N VAL A 68 4.68 -1.70 -1.26
CA VAL A 68 4.84 -1.69 -2.70
C VAL A 68 5.42 -0.37 -3.18
N ASN A 69 6.62 -0.44 -3.72
CA ASN A 69 7.28 0.68 -4.31
C ASN A 69 6.90 0.78 -5.78
N TYR A 70 6.37 1.91 -6.17
CA TYR A 70 6.02 2.14 -7.56
C TYR A 70 7.20 2.64 -8.35
N VAL A 71 7.04 2.68 -9.67
CA VAL A 71 8.04 3.25 -10.55
C VAL A 71 7.84 4.76 -10.65
N THR A 72 6.67 5.19 -10.19
CA THR A 72 6.28 6.58 -10.18
C THR A 72 5.72 6.97 -8.82
N ALA A 73 5.96 8.21 -8.43
CA ALA A 73 5.29 8.77 -7.26
C ALA A 73 3.93 9.28 -7.69
N LYS A 74 3.77 9.39 -9.01
CA LYS A 74 2.52 9.74 -9.64
C LYS A 74 1.48 8.64 -9.45
N ASP A 75 1.87 7.41 -9.76
CA ASP A 75 0.98 6.26 -9.59
C ASP A 75 0.91 5.84 -8.13
N ALA A 76 1.86 6.31 -7.33
CA ALA A 76 1.81 6.10 -5.88
C ALA A 76 0.60 6.79 -5.28
N GLU A 77 0.50 8.10 -5.48
CA GLU A 77 -0.68 8.86 -5.09
C GLU A 77 -1.92 8.28 -5.74
N ARG A 78 -1.74 7.77 -6.95
CA ARG A 78 -2.83 7.19 -7.72
C ARG A 78 -3.34 5.94 -7.02
N ALA A 79 -2.42 5.18 -6.41
CA ALA A 79 -2.81 4.00 -5.66
C ALA A 79 -3.48 4.41 -4.36
N ILE A 80 -3.04 5.50 -3.77
CA ILE A 80 -3.62 5.95 -2.50
C ILE A 80 -5.04 6.48 -2.67
N ASN A 81 -5.35 7.07 -3.79
CA ASN A 81 -6.68 7.58 -3.99
C ASN A 81 -7.59 6.52 -4.58
N THR A 82 -7.02 5.65 -5.38
CA THR A 82 -7.78 4.61 -6.05
C THR A 82 -7.83 3.32 -5.24
N LEU A 83 -6.67 2.76 -4.92
CA LEU A 83 -6.57 1.44 -4.31
C LEU A 83 -6.75 1.46 -2.80
N ASN A 84 -6.48 2.58 -2.18
CA ASN A 84 -6.65 2.70 -0.75
C ASN A 84 -8.13 2.59 -0.38
N GLY A 85 -8.48 1.48 0.26
CA GLY A 85 -9.87 1.14 0.51
C GLY A 85 -10.40 0.16 -0.52
N LEU A 86 -9.51 -0.63 -1.10
CA LEU A 86 -9.87 -1.60 -2.12
C LEU A 86 -10.30 -2.91 -1.48
N ARG A 87 -11.20 -3.61 -2.14
CA ARG A 87 -11.63 -4.92 -1.68
C ARG A 87 -10.73 -6.01 -2.25
N LEU A 88 -9.67 -6.30 -1.53
CA LEU A 88 -8.79 -7.40 -1.87
C LEU A 88 -9.23 -8.65 -1.15
N GLN A 89 -9.87 -9.55 -1.89
CA GLN A 89 -10.37 -10.80 -1.33
C GLN A 89 -11.35 -10.50 -0.19
N SER A 90 -12.11 -9.42 -0.38
CA SER A 90 -13.15 -8.98 0.54
C SER A 90 -12.56 -8.14 1.67
N LYS A 91 -11.24 -8.07 1.71
CA LYS A 91 -10.53 -7.29 2.72
C LYS A 91 -10.28 -5.90 2.21
N THR A 92 -10.47 -4.93 3.08
CA THR A 92 -10.26 -3.55 2.71
C THR A 92 -8.90 -3.08 3.18
N ILE A 93 -8.07 -2.75 2.22
CA ILE A 93 -6.68 -2.42 2.46
C ILE A 93 -6.50 -0.90 2.55
N LYS A 94 -5.36 -0.47 3.06
CA LYS A 94 -5.10 0.95 3.19
C LYS A 94 -3.67 1.27 2.75
N VAL A 95 -3.56 1.93 1.61
CA VAL A 95 -2.26 2.23 1.05
C VAL A 95 -1.87 3.68 1.35
N SER A 96 -0.59 3.89 1.57
CA SER A 96 -0.04 5.19 1.91
C SER A 96 1.44 5.20 1.59
N TYR A 97 2.11 6.29 1.90
CA TYR A 97 3.55 6.38 1.72
C TYR A 97 4.26 5.68 2.86
N ALA A 98 5.01 4.66 2.52
CA ALA A 98 5.81 3.97 3.52
C ALA A 98 7.04 4.82 3.80
N ARG A 99 7.05 5.48 4.95
CA ARG A 99 8.11 6.43 5.29
C ARG A 99 9.50 5.84 5.10
N PRO A 100 10.23 6.32 4.07
CA PRO A 100 11.59 5.86 3.76
C PRO A 100 12.52 5.89 4.98
N SER A 101 13.32 4.83 5.12
CA SER A 101 14.24 4.70 6.24
C SER A 101 13.47 4.65 7.57
N GLY A 1 -16.14 16.33 1.14
CA GLY A 1 -16.84 16.27 2.44
C GLY A 1 -15.89 16.11 3.59
N HIS A 2 -16.38 15.53 4.68
CA HIS A 2 -15.56 15.29 5.85
C HIS A 2 -14.68 14.06 5.63
N MET A 3 -13.45 14.29 5.22
CA MET A 3 -12.50 13.21 4.97
C MET A 3 -12.18 12.48 6.26
N SER A 4 -12.65 11.25 6.37
CA SER A 4 -12.38 10.43 7.52
C SER A 4 -11.02 9.76 7.38
N ASN A 5 -10.77 9.24 6.17
CA ASN A 5 -9.52 8.59 5.81
C ASN A 5 -9.30 7.31 6.63
N GLY A 6 -8.88 7.45 7.88
CA GLY A 6 -8.73 6.31 8.76
C GLY A 6 -7.28 5.93 8.95
N TYR A 7 -6.42 6.42 8.07
CA TYR A 7 -5.01 6.09 8.13
C TYR A 7 -4.21 7.38 8.26
N GLU A 8 -4.37 8.04 9.39
CA GLU A 8 -3.76 9.33 9.61
C GLU A 8 -2.29 9.17 9.96
N ASP A 9 -1.43 9.64 9.07
CA ASP A 9 0.02 9.58 9.30
C ASP A 9 0.81 10.31 8.21
N HIS A 10 0.14 10.98 7.29
CA HIS A 10 0.86 11.59 6.17
C HIS A 10 0.06 12.70 5.48
N MET A 11 -1.00 13.18 6.09
CA MET A 11 -1.81 14.19 5.45
C MET A 11 -1.66 15.52 6.16
N ALA A 12 -2.01 15.54 7.44
CA ALA A 12 -2.02 16.78 8.21
C ALA A 12 -0.69 17.01 8.90
N GLU A 13 0.25 16.08 8.74
CA GLU A 13 1.54 16.21 9.41
C GLU A 13 2.67 16.18 8.40
N ASP A 14 2.33 16.41 7.13
CA ASP A 14 3.30 16.42 6.02
C ASP A 14 4.01 15.09 5.88
N CYS A 15 5.07 14.93 6.67
CA CYS A 15 5.94 13.78 6.60
C CYS A 15 6.76 13.77 5.33
N ARG A 16 7.65 12.79 5.23
CA ARG A 16 8.45 12.62 4.02
C ARG A 16 7.62 11.90 2.98
N GLY A 17 6.56 12.56 2.53
CA GLY A 17 5.65 11.94 1.61
C GLY A 17 5.42 12.77 0.37
N ASP A 18 6.39 13.59 0.02
CA ASP A 18 6.30 14.42 -1.18
C ASP A 18 7.69 14.74 -1.71
N ILE A 19 8.59 13.79 -1.50
CA ILE A 19 9.97 13.92 -1.96
C ILE A 19 10.15 13.16 -3.25
N GLY A 20 10.10 11.85 -3.12
CA GLY A 20 10.13 10.94 -4.26
C GLY A 20 9.52 9.63 -3.84
N ARG A 21 8.40 9.74 -3.15
CA ARG A 21 7.75 8.60 -2.53
C ARG A 21 7.07 7.70 -3.55
N THR A 22 7.81 6.73 -4.04
CA THR A 22 7.27 5.73 -4.93
C THR A 22 6.91 4.48 -4.14
N ASN A 23 7.51 4.38 -2.96
CA ASN A 23 7.31 3.23 -2.07
C ASN A 23 5.97 3.34 -1.38
N LEU A 24 5.15 2.32 -1.52
CA LEU A 24 3.83 2.32 -0.92
C LEU A 24 3.67 1.18 0.06
N ILE A 25 3.49 1.54 1.31
CA ILE A 25 3.17 0.58 2.33
C ILE A 25 1.68 0.27 2.24
N VAL A 26 1.35 -0.99 2.20
CA VAL A 26 -0.04 -1.38 2.09
C VAL A 26 -0.44 -2.25 3.26
N ASN A 27 -1.27 -1.70 4.12
CA ASN A 27 -1.69 -2.39 5.33
C ASN A 27 -3.03 -3.07 5.08
N TYR A 28 -3.48 -3.80 6.10
CA TYR A 28 -4.77 -4.47 6.07
C TYR A 28 -4.88 -5.45 4.90
N LEU A 29 -3.75 -6.01 4.50
CA LEU A 29 -3.74 -7.02 3.43
C LEU A 29 -4.38 -8.30 3.92
N PRO A 30 -5.12 -9.01 3.05
CA PRO A 30 -5.73 -10.27 3.42
C PRO A 30 -4.69 -11.25 3.98
N GLN A 31 -5.06 -11.94 5.05
CA GLN A 31 -4.13 -12.77 5.79
C GLN A 31 -3.61 -13.97 4.98
N ASN A 32 -4.30 -14.27 3.89
CA ASN A 32 -3.94 -15.42 3.05
C ASN A 32 -3.37 -14.96 1.72
N MET A 33 -3.24 -13.67 1.52
CA MET A 33 -2.85 -13.14 0.22
C MET A 33 -1.35 -13.32 -0.05
N THR A 34 -0.95 -13.11 -1.30
CA THR A 34 0.43 -13.28 -1.72
C THR A 34 1.03 -11.95 -2.19
N GLN A 35 2.34 -11.91 -2.37
CA GLN A 35 2.99 -10.75 -2.98
C GLN A 35 2.37 -10.47 -4.32
N ASP A 36 2.22 -11.52 -5.11
CA ASP A 36 1.74 -11.41 -6.48
C ASP A 36 0.36 -10.77 -6.56
N GLU A 37 -0.47 -11.02 -5.54
CA GLU A 37 -1.79 -10.40 -5.50
C GLU A 37 -1.67 -8.94 -5.12
N LEU A 38 -0.87 -8.69 -4.08
CA LEU A 38 -0.57 -7.33 -3.64
C LEU A 38 0.10 -6.56 -4.78
N ARG A 39 0.91 -7.25 -5.54
CA ARG A 39 1.66 -6.68 -6.64
C ARG A 39 0.75 -6.45 -7.86
N SER A 40 -0.10 -7.43 -8.17
CA SER A 40 -0.96 -7.33 -9.37
C SER A 40 -2.04 -6.26 -9.19
N LEU A 41 -2.59 -6.16 -7.99
CA LEU A 41 -3.60 -5.16 -7.69
C LEU A 41 -3.02 -3.76 -7.83
N PHE A 42 -1.77 -3.60 -7.46
CA PHE A 42 -1.11 -2.33 -7.64
C PHE A 42 -0.62 -2.17 -9.06
N SER A 43 -0.44 -3.29 -9.74
CA SER A 43 -0.13 -3.27 -11.16
C SER A 43 -1.36 -2.83 -11.96
N SER A 44 -2.51 -2.79 -11.27
CA SER A 44 -3.75 -2.33 -11.90
C SER A 44 -3.70 -0.82 -12.06
N ILE A 45 -3.11 -0.16 -11.07
CA ILE A 45 -2.87 1.28 -11.14
C ILE A 45 -1.85 1.60 -12.23
N GLY A 46 -0.79 0.83 -12.26
CA GLY A 46 0.29 1.08 -13.17
C GLY A 46 1.47 0.18 -12.89
N GLU A 47 2.62 0.49 -13.48
CA GLU A 47 3.79 -0.31 -13.29
C GLU A 47 4.29 -0.29 -11.87
N VAL A 48 4.70 -1.46 -11.44
CA VAL A 48 5.15 -1.65 -10.07
C VAL A 48 6.59 -2.09 -10.08
N GLU A 49 7.39 -1.26 -9.46
CA GLU A 49 8.82 -1.42 -9.41
C GLU A 49 9.19 -2.69 -8.66
N SER A 50 8.57 -2.87 -7.49
CA SER A 50 8.75 -4.08 -6.69
C SER A 50 7.76 -4.11 -5.54
N ALA A 51 7.05 -5.23 -5.39
CA ALA A 51 6.06 -5.36 -4.33
C ALA A 51 6.34 -6.54 -3.42
N LYS A 52 6.26 -6.30 -2.13
CA LYS A 52 6.46 -7.36 -1.15
C LYS A 52 5.25 -7.56 -0.27
N LEU A 53 5.13 -8.77 0.23
CA LEU A 53 4.08 -9.16 1.15
C LEU A 53 4.73 -9.66 2.41
N ILE A 54 4.20 -9.28 3.55
CA ILE A 54 4.82 -9.64 4.81
C ILE A 54 4.05 -10.75 5.50
N ARG A 55 4.73 -11.85 5.79
CA ARG A 55 4.12 -12.95 6.49
C ARG A 55 4.93 -13.29 7.72
N ASP A 56 4.31 -14.02 8.65
CA ASP A 56 4.98 -14.42 9.88
C ASP A 56 6.07 -15.42 9.59
N LYS A 57 7.16 -15.27 10.32
CA LYS A 57 8.35 -16.09 10.19
C LYS A 57 8.07 -17.57 10.43
N VAL A 58 6.97 -17.85 11.12
CA VAL A 58 6.73 -19.17 11.62
C VAL A 58 5.35 -19.67 11.21
N ALA A 59 4.36 -18.86 11.50
CA ALA A 59 2.99 -19.21 11.19
C ALA A 59 2.71 -19.05 9.70
N GLY A 60 3.67 -18.47 9.01
CA GLY A 60 3.64 -18.37 7.56
C GLY A 60 2.43 -17.63 7.01
N HIS A 61 1.77 -16.85 7.84
CA HIS A 61 0.57 -16.14 7.39
C HIS A 61 0.88 -14.66 7.23
N SER A 62 0.29 -14.05 6.22
CA SER A 62 0.48 -12.64 5.98
C SER A 62 0.07 -11.84 7.20
N LEU A 63 0.90 -10.90 7.60
CA LEU A 63 0.69 -10.15 8.82
C LEU A 63 -0.18 -8.92 8.57
N GLY A 64 -0.81 -8.90 7.41
CA GLY A 64 -1.74 -7.85 7.10
C GLY A 64 -1.07 -6.58 6.62
N TYR A 65 0.08 -6.71 5.97
CA TYR A 65 0.74 -5.56 5.37
C TYR A 65 1.84 -5.99 4.41
N GLY A 66 2.24 -5.05 3.54
CA GLY A 66 3.28 -5.30 2.56
C GLY A 66 3.77 -4.00 1.97
N PHE A 67 4.70 -4.07 1.02
CA PHE A 67 5.32 -2.87 0.47
C PHE A 67 5.45 -2.95 -1.04
N VAL A 68 4.72 -2.10 -1.75
CA VAL A 68 4.85 -2.04 -3.20
C VAL A 68 5.42 -0.70 -3.64
N ASN A 69 6.63 -0.76 -4.14
CA ASN A 69 7.30 0.38 -4.73
C ASN A 69 6.84 0.54 -6.16
N TYR A 70 6.37 1.72 -6.50
CA TYR A 70 6.01 2.02 -7.86
C TYR A 70 7.20 2.58 -8.63
N VAL A 71 7.08 2.57 -9.94
CA VAL A 71 8.10 3.15 -10.80
C VAL A 71 7.89 4.65 -10.90
N THR A 72 6.78 5.09 -10.32
CA THR A 72 6.37 6.47 -10.31
C THR A 72 5.87 6.86 -8.92
N ALA A 73 6.01 8.13 -8.58
CA ALA A 73 5.33 8.65 -7.41
C ALA A 73 3.93 9.06 -7.82
N LYS A 74 3.75 9.17 -9.14
CA LYS A 74 2.47 9.43 -9.76
C LYS A 74 1.49 8.28 -9.53
N ASP A 75 1.92 7.06 -9.82
CA ASP A 75 1.08 5.89 -9.64
C ASP A 75 0.99 5.51 -8.16
N ALA A 76 1.95 5.98 -7.38
CA ALA A 76 1.91 5.81 -5.94
C ALA A 76 0.71 6.54 -5.36
N GLU A 77 0.63 7.84 -5.65
CA GLU A 77 -0.54 8.63 -5.28
C GLU A 77 -1.80 8.01 -5.85
N ARG A 78 -1.71 7.55 -7.10
CA ARG A 78 -2.84 6.92 -7.76
C ARG A 78 -3.37 5.76 -6.94
N ALA A 79 -2.46 4.92 -6.49
CA ALA A 79 -2.82 3.76 -5.73
C ALA A 79 -3.43 4.15 -4.40
N ILE A 80 -3.00 5.28 -3.86
CA ILE A 80 -3.54 5.74 -2.59
C ILE A 80 -4.98 6.27 -2.72
N ASN A 81 -5.30 6.90 -3.82
CA ASN A 81 -6.64 7.42 -3.96
C ASN A 81 -7.57 6.35 -4.51
N THR A 82 -7.01 5.48 -5.31
CA THR A 82 -7.78 4.42 -5.93
C THR A 82 -7.79 3.14 -5.08
N LEU A 83 -6.60 2.58 -4.85
CA LEU A 83 -6.47 1.26 -4.24
C LEU A 83 -6.50 1.30 -2.71
N ASN A 84 -6.21 2.45 -2.11
CA ASN A 84 -6.29 2.55 -0.66
C ASN A 84 -7.75 2.56 -0.23
N GLY A 85 -8.15 1.46 0.41
CA GLY A 85 -9.55 1.21 0.66
C GLY A 85 -10.16 0.32 -0.40
N LEU A 86 -9.32 -0.47 -1.05
CA LEU A 86 -9.77 -1.39 -2.09
C LEU A 86 -10.19 -2.70 -1.44
N ARG A 87 -11.30 -3.27 -1.89
CA ARG A 87 -11.70 -4.58 -1.43
C ARG A 87 -10.88 -5.64 -2.15
N LEU A 88 -9.74 -5.95 -1.57
CA LEU A 88 -8.82 -6.95 -2.07
C LEU A 88 -9.16 -8.28 -1.46
N GLN A 89 -9.75 -9.15 -2.26
CA GLN A 89 -10.24 -10.43 -1.78
C GLN A 89 -11.24 -10.23 -0.65
N SER A 90 -12.02 -9.15 -0.79
CA SER A 90 -13.04 -8.77 0.18
C SER A 90 -12.42 -8.10 1.41
N LYS A 91 -11.11 -7.96 1.40
CA LYS A 91 -10.38 -7.31 2.48
C LYS A 91 -10.02 -5.88 2.09
N THR A 92 -10.27 -4.92 2.95
CA THR A 92 -9.97 -3.54 2.61
C THR A 92 -8.57 -3.16 3.08
N ILE A 93 -7.76 -2.70 2.14
CA ILE A 93 -6.34 -2.45 2.38
C ILE A 93 -6.03 -0.96 2.56
N LYS A 94 -4.85 -0.66 3.10
CA LYS A 94 -4.39 0.71 3.27
C LYS A 94 -3.08 0.94 2.54
N VAL A 95 -3.13 1.59 1.40
CA VAL A 95 -1.92 1.94 0.69
C VAL A 95 -1.56 3.41 0.98
N SER A 96 -0.31 3.63 1.29
CA SER A 96 0.20 4.95 1.63
C SER A 96 1.70 4.95 1.42
N TYR A 97 2.29 6.12 1.25
CA TYR A 97 3.74 6.22 1.10
C TYR A 97 4.41 5.65 2.35
N ALA A 98 5.12 4.55 2.18
CA ALA A 98 5.85 3.96 3.29
C ALA A 98 6.97 4.89 3.69
N ARG A 99 6.75 5.61 4.80
CA ARG A 99 7.58 6.75 5.21
C ARG A 99 9.08 6.47 5.04
N PRO A 100 9.71 7.12 4.05
CA PRO A 100 11.15 7.02 3.79
C PRO A 100 11.98 7.79 4.81
N SER A 101 13.29 7.67 4.66
CA SER A 101 14.26 8.33 5.52
C SER A 101 14.12 7.83 6.97
N GLY A 1 -16.89 10.77 -0.09
CA GLY A 1 -16.35 9.89 0.98
C GLY A 1 -15.81 10.68 2.15
N HIS A 2 -15.48 9.99 3.23
CA HIS A 2 -14.96 10.63 4.42
C HIS A 2 -13.48 10.26 4.62
N MET A 3 -12.61 10.97 3.92
CA MET A 3 -11.17 10.80 4.06
C MET A 3 -10.73 9.40 3.67
N SER A 4 -10.35 9.24 2.40
CA SER A 4 -9.87 7.97 1.90
C SER A 4 -8.61 7.52 2.64
N ASN A 5 -7.73 8.48 2.90
CA ASN A 5 -6.50 8.20 3.64
C ASN A 5 -6.79 8.21 5.13
N GLY A 6 -7.58 7.23 5.59
CA GLY A 6 -7.86 7.11 7.01
C GLY A 6 -6.68 6.51 7.76
N TYR A 7 -5.56 7.19 7.67
CA TYR A 7 -4.32 6.75 8.27
C TYR A 7 -3.45 7.98 8.44
N GLU A 8 -3.88 8.87 9.32
CA GLU A 8 -3.29 10.19 9.44
C GLU A 8 -1.92 10.17 10.09
N ASP A 9 -1.01 10.86 9.43
CA ASP A 9 0.39 11.03 9.87
C ASP A 9 1.18 11.61 8.70
N HIS A 10 0.67 11.35 7.52
CA HIS A 10 1.24 11.83 6.26
C HIS A 10 0.14 12.49 5.43
N MET A 11 -0.98 12.79 6.08
CA MET A 11 -2.16 13.27 5.39
C MET A 11 -1.96 14.69 4.91
N ALA A 12 -1.45 15.53 5.80
CA ALA A 12 -1.23 16.92 5.48
C ALA A 12 0.19 17.13 4.96
N GLU A 13 1.16 16.71 5.76
CA GLU A 13 2.57 16.93 5.46
C GLU A 13 3.42 16.04 6.35
N ASP A 14 4.73 16.26 6.32
CA ASP A 14 5.69 15.55 7.17
C ASP A 14 5.84 14.10 6.73
N CYS A 15 6.60 13.33 7.51
CA CYS A 15 6.88 11.93 7.23
C CYS A 15 7.48 11.71 5.86
N ARG A 16 8.06 12.76 5.31
CA ARG A 16 8.59 12.73 3.96
C ARG A 16 7.58 12.13 3.00
N GLY A 17 6.32 12.51 3.17
CA GLY A 17 5.26 11.95 2.36
C GLY A 17 4.84 12.89 1.25
N ASP A 18 5.73 13.78 0.83
CA ASP A 18 5.39 14.76 -0.19
C ASP A 18 6.61 15.17 -1.01
N ILE A 19 7.72 14.44 -0.86
CA ILE A 19 8.93 14.76 -1.61
C ILE A 19 8.91 14.09 -2.97
N GLY A 20 9.19 12.81 -2.95
CA GLY A 20 9.12 11.99 -4.15
C GLY A 20 8.73 10.58 -3.78
N ARG A 21 7.79 10.50 -2.84
CA ARG A 21 7.37 9.23 -2.26
C ARG A 21 6.70 8.32 -3.28
N THR A 22 7.39 7.25 -3.61
CA THR A 22 6.86 6.23 -4.51
C THR A 22 6.55 4.97 -3.72
N ASN A 23 7.15 4.88 -2.54
CA ASN A 23 6.98 3.73 -1.65
C ASN A 23 5.61 3.77 -1.01
N LEU A 24 4.85 2.70 -1.17
CA LEU A 24 3.51 2.64 -0.65
C LEU A 24 3.35 1.51 0.35
N ILE A 25 3.06 1.88 1.58
CA ILE A 25 2.71 0.93 2.60
C ILE A 25 1.26 0.57 2.40
N VAL A 26 0.98 -0.71 2.34
CA VAL A 26 -0.39 -1.13 2.15
C VAL A 26 -0.82 -1.94 3.34
N ASN A 27 -1.56 -1.29 4.19
CA ASN A 27 -2.03 -1.87 5.41
C ASN A 27 -3.36 -2.55 5.15
N TYR A 28 -3.83 -3.31 6.12
CA TYR A 28 -5.15 -3.94 6.03
C TYR A 28 -5.21 -4.92 4.86
N LEU A 29 -4.11 -5.60 4.61
CA LEU A 29 -4.06 -6.65 3.59
C LEU A 29 -4.74 -7.90 4.12
N PRO A 30 -5.27 -8.76 3.23
CA PRO A 30 -5.81 -10.04 3.62
C PRO A 30 -4.76 -10.88 4.33
N GLN A 31 -5.17 -11.52 5.42
CA GLN A 31 -4.24 -12.23 6.29
C GLN A 31 -3.69 -13.49 5.63
N ASN A 32 -4.22 -13.84 4.47
CA ASN A 32 -3.77 -15.02 3.74
C ASN A 32 -3.26 -14.66 2.34
N MET A 33 -3.07 -13.37 2.08
CA MET A 33 -2.67 -12.91 0.74
C MET A 33 -1.17 -13.08 0.51
N THR A 34 -0.75 -12.88 -0.75
CA THR A 34 0.64 -13.05 -1.15
C THR A 34 1.21 -11.73 -1.67
N GLN A 35 2.53 -11.67 -1.84
CA GLN A 35 3.17 -10.53 -2.49
C GLN A 35 2.57 -10.32 -3.86
N ASP A 36 2.44 -11.41 -4.60
CA ASP A 36 2.00 -11.37 -5.99
C ASP A 36 0.62 -10.73 -6.12
N GLU A 37 -0.22 -10.92 -5.11
CA GLU A 37 -1.55 -10.32 -5.10
C GLU A 37 -1.45 -8.84 -4.76
N LEU A 38 -0.68 -8.56 -3.70
CA LEU A 38 -0.39 -7.19 -3.29
C LEU A 38 0.27 -6.43 -4.45
N ARG A 39 1.10 -7.14 -5.16
CA ARG A 39 1.85 -6.60 -6.27
C ARG A 39 0.92 -6.40 -7.49
N SER A 40 0.16 -7.43 -7.84
CA SER A 40 -0.69 -7.40 -9.03
C SER A 40 -1.76 -6.32 -8.93
N LEU A 41 -2.40 -6.23 -7.77
CA LEU A 41 -3.43 -5.24 -7.52
C LEU A 41 -2.88 -3.83 -7.69
N PHE A 42 -1.64 -3.63 -7.29
CA PHE A 42 -1.01 -2.34 -7.46
C PHE A 42 -0.46 -2.19 -8.88
N SER A 43 -0.20 -3.31 -9.53
CA SER A 43 0.18 -3.30 -10.92
C SER A 43 -1.03 -2.94 -11.78
N SER A 44 -2.21 -2.99 -11.17
CA SER A 44 -3.43 -2.57 -11.86
C SER A 44 -3.40 -1.07 -12.07
N ILE A 45 -2.94 -0.36 -11.04
CA ILE A 45 -2.73 1.08 -11.12
C ILE A 45 -1.74 1.44 -12.22
N GLY A 46 -0.62 0.74 -12.23
CA GLY A 46 0.45 1.09 -13.14
C GLY A 46 1.63 0.16 -12.99
N GLU A 47 2.83 0.74 -12.94
CA GLU A 47 4.03 -0.07 -12.83
C GLU A 47 4.59 -0.04 -11.44
N VAL A 48 4.65 -1.22 -10.86
CA VAL A 48 5.16 -1.42 -9.52
C VAL A 48 6.62 -1.74 -9.58
N GLU A 49 7.38 -0.88 -8.92
CA GLU A 49 8.79 -1.01 -8.86
C GLU A 49 9.15 -2.26 -8.05
N SER A 50 8.56 -2.39 -6.87
CA SER A 50 8.79 -3.56 -6.02
C SER A 50 7.68 -3.67 -4.96
N ALA A 51 7.07 -4.84 -4.84
CA ALA A 51 6.00 -5.02 -3.86
C ALA A 51 6.31 -6.13 -2.89
N LYS A 52 6.31 -5.79 -1.61
CA LYS A 52 6.62 -6.72 -0.56
C LYS A 52 5.39 -7.01 0.28
N LEU A 53 5.24 -8.25 0.70
CA LEU A 53 4.16 -8.65 1.59
C LEU A 53 4.77 -9.11 2.90
N ILE A 54 4.15 -8.75 4.00
CA ILE A 54 4.70 -9.05 5.30
C ILE A 54 3.96 -10.19 5.96
N ARG A 55 4.67 -11.26 6.27
CA ARG A 55 4.07 -12.40 6.92
C ARG A 55 4.80 -12.72 8.21
N ASP A 56 4.18 -13.53 9.06
CA ASP A 56 4.77 -13.88 10.34
C ASP A 56 5.90 -14.87 10.16
N LYS A 57 6.95 -14.64 10.92
CA LYS A 57 8.15 -15.45 10.91
C LYS A 57 7.90 -16.90 11.32
N VAL A 58 6.73 -17.15 11.86
CA VAL A 58 6.40 -18.43 12.44
C VAL A 58 5.06 -18.93 11.95
N ALA A 59 4.04 -18.11 12.11
CA ALA A 59 2.69 -18.47 11.73
C ALA A 59 2.52 -18.49 10.22
N GLY A 60 3.55 -18.03 9.53
CA GLY A 60 3.62 -18.10 8.08
C GLY A 60 2.43 -17.49 7.37
N HIS A 61 1.81 -16.49 7.98
CA HIS A 61 0.63 -15.87 7.38
C HIS A 61 0.86 -14.37 7.24
N SER A 62 0.27 -13.79 6.20
CA SER A 62 0.36 -12.35 5.98
C SER A 62 -0.19 -11.61 7.19
N LEU A 63 0.60 -10.69 7.71
CA LEU A 63 0.23 -9.95 8.91
C LEU A 63 -0.75 -8.84 8.57
N GLY A 64 -0.95 -8.60 7.29
CA GLY A 64 -1.95 -7.65 6.86
C GLY A 64 -1.38 -6.31 6.47
N TYR A 65 -0.11 -6.29 6.11
CA TYR A 65 0.48 -5.07 5.59
C TYR A 65 1.67 -5.41 4.70
N GLY A 66 2.05 -4.47 3.85
CA GLY A 66 3.14 -4.68 2.94
C GLY A 66 3.67 -3.38 2.39
N PHE A 67 4.61 -3.46 1.46
CA PHE A 67 5.26 -2.29 0.91
C PHE A 67 5.43 -2.42 -0.60
N VAL A 68 4.65 -1.67 -1.35
CA VAL A 68 4.80 -1.65 -2.79
C VAL A 68 5.29 -0.28 -3.27
N ASN A 69 6.52 -0.28 -3.74
CA ASN A 69 7.12 0.89 -4.31
C ASN A 69 6.69 1.02 -5.76
N TYR A 70 6.26 2.19 -6.15
CA TYR A 70 5.93 2.43 -7.53
C TYR A 70 7.10 3.06 -8.25
N VAL A 71 7.02 3.06 -9.57
CA VAL A 71 8.02 3.70 -10.41
C VAL A 71 7.70 5.19 -10.54
N THR A 72 6.59 5.57 -9.95
CA THR A 72 6.10 6.93 -9.99
C THR A 72 5.41 7.29 -8.68
N ALA A 73 5.55 8.54 -8.27
CA ALA A 73 4.78 9.04 -7.15
C ALA A 73 3.38 9.39 -7.64
N LYS A 74 3.30 9.51 -8.95
CA LYS A 74 2.04 9.71 -9.66
C LYS A 74 1.12 8.51 -9.48
N ASP A 75 1.63 7.31 -9.74
CA ASP A 75 0.84 6.09 -9.59
C ASP A 75 0.73 5.69 -8.12
N ALA A 76 1.61 6.24 -7.28
CA ALA A 76 1.52 6.03 -5.85
C ALA A 76 0.26 6.68 -5.30
N GLU A 77 0.10 7.97 -5.58
CA GLU A 77 -1.11 8.69 -5.24
C GLU A 77 -2.31 8.08 -5.96
N ARG A 78 -2.05 7.55 -7.16
CA ARG A 78 -3.09 6.93 -7.95
C ARG A 78 -3.57 5.66 -7.25
N ALA A 79 -2.65 4.97 -6.60
CA ALA A 79 -3.01 3.78 -5.85
C ALA A 79 -3.74 4.15 -4.57
N ILE A 80 -3.38 5.27 -3.97
CA ILE A 80 -4.03 5.70 -2.74
C ILE A 80 -5.46 6.14 -2.96
N ASN A 81 -5.75 6.78 -4.08
CA ASN A 81 -7.10 7.23 -4.32
C ASN A 81 -7.95 6.14 -4.93
N THR A 82 -7.29 5.25 -5.65
CA THR A 82 -7.96 4.16 -6.33
C THR A 82 -8.03 2.90 -5.46
N LEU A 83 -6.87 2.36 -5.11
CA LEU A 83 -6.76 1.05 -4.46
C LEU A 83 -6.95 1.11 -2.95
N ASN A 84 -6.72 2.27 -2.34
CA ASN A 84 -6.89 2.41 -0.91
C ASN A 84 -8.37 2.32 -0.53
N GLY A 85 -8.72 1.22 0.13
CA GLY A 85 -10.10 0.91 0.43
C GLY A 85 -10.71 0.00 -0.62
N LEU A 86 -9.85 -0.69 -1.35
CA LEU A 86 -10.28 -1.59 -2.41
C LEU A 86 -10.23 -3.03 -1.90
N ARG A 87 -11.24 -3.79 -2.27
CA ARG A 87 -11.40 -5.15 -1.77
C ARG A 87 -10.42 -6.12 -2.42
N LEU A 88 -9.44 -6.52 -1.64
CA LEU A 88 -8.55 -7.59 -2.02
C LEU A 88 -8.97 -8.87 -1.33
N GLN A 89 -9.50 -9.81 -2.11
CA GLN A 89 -10.00 -11.07 -1.56
C GLN A 89 -11.04 -10.80 -0.47
N SER A 90 -11.81 -9.74 -0.72
CA SER A 90 -12.91 -9.33 0.15
C SER A 90 -12.42 -8.61 1.41
N LYS A 91 -11.12 -8.36 1.47
CA LYS A 91 -10.53 -7.60 2.57
C LYS A 91 -10.26 -6.17 2.11
N THR A 92 -10.55 -5.19 2.95
CA THR A 92 -10.32 -3.80 2.58
C THR A 92 -8.93 -3.35 3.01
N ILE A 93 -8.15 -2.88 2.06
CA ILE A 93 -6.77 -2.49 2.28
C ILE A 93 -6.65 -0.98 2.41
N LYS A 94 -5.51 -0.50 2.89
CA LYS A 94 -5.25 0.93 2.92
C LYS A 94 -3.84 1.20 2.48
N VAL A 95 -3.71 1.83 1.32
CA VAL A 95 -2.42 2.13 0.76
C VAL A 95 -2.05 3.60 1.05
N SER A 96 -0.79 3.82 1.33
CA SER A 96 -0.29 5.13 1.71
C SER A 96 1.21 5.19 1.49
N TYR A 97 1.78 6.39 1.47
CA TYR A 97 3.23 6.52 1.33
C TYR A 97 3.92 5.95 2.55
N ALA A 98 4.57 4.81 2.37
CA ALA A 98 5.35 4.22 3.44
C ALA A 98 6.56 5.09 3.71
N ARG A 99 6.51 5.82 4.83
CA ARG A 99 7.49 6.84 5.16
C ARG A 99 8.93 6.41 4.80
N PRO A 100 9.50 7.07 3.76
CA PRO A 100 10.83 6.75 3.25
C PRO A 100 11.92 6.83 4.31
N SER A 101 12.78 5.81 4.32
CA SER A 101 13.90 5.71 5.26
C SER A 101 13.41 5.82 6.71
N GLY A 1 -12.80 7.94 1.42
CA GLY A 1 -13.38 8.92 2.37
C GLY A 1 -13.18 10.35 1.91
N HIS A 2 -13.25 11.29 2.83
CA HIS A 2 -13.06 12.70 2.51
C HIS A 2 -11.59 13.09 2.62
N MET A 3 -10.77 12.12 2.99
CA MET A 3 -9.33 12.33 3.10
C MET A 3 -8.61 11.33 2.21
N SER A 4 -7.65 11.79 1.43
CA SER A 4 -6.91 10.92 0.52
C SER A 4 -5.78 10.20 1.25
N ASN A 5 -6.07 9.75 2.46
CA ASN A 5 -5.11 9.02 3.27
C ASN A 5 -5.83 8.03 4.17
N GLY A 6 -6.41 8.54 5.27
CA GLY A 6 -7.15 7.68 6.18
C GLY A 6 -6.24 6.84 7.06
N TYR A 7 -5.06 6.52 6.56
CA TYR A 7 -4.10 5.68 7.25
C TYR A 7 -3.47 6.42 8.43
N GLU A 8 -3.56 7.75 8.39
CA GLU A 8 -3.02 8.60 9.44
C GLU A 8 -1.49 8.51 9.44
N ASP A 9 -0.89 9.25 8.53
CA ASP A 9 0.57 9.26 8.34
C ASP A 9 1.00 10.60 7.76
N HIS A 10 0.09 11.20 7.05
CA HIS A 10 0.27 12.52 6.45
C HIS A 10 -1.09 13.21 6.39
N MET A 11 -1.84 13.03 7.45
CA MET A 11 -3.20 13.53 7.53
C MET A 11 -3.34 14.52 8.67
N ALA A 12 -2.81 14.13 9.83
CA ALA A 12 -2.88 14.97 11.02
C ALA A 12 -1.49 15.39 11.44
N GLU A 13 -0.52 14.57 11.05
CA GLU A 13 0.86 14.73 11.46
C GLU A 13 1.71 15.21 10.30
N ASP A 14 1.47 16.45 9.88
CA ASP A 14 2.17 17.06 8.74
C ASP A 14 1.86 16.26 7.49
N CYS A 15 2.79 16.23 6.55
CA CYS A 15 2.53 15.58 5.29
C CYS A 15 3.78 15.41 4.42
N ARG A 16 4.97 15.69 4.97
CA ARG A 16 6.17 15.41 4.21
C ARG A 16 6.35 13.92 4.08
N GLY A 17 6.80 13.51 2.91
CA GLY A 17 6.65 12.13 2.52
C GLY A 17 5.67 12.05 1.37
N ASP A 18 5.58 13.17 0.65
CA ASP A 18 4.70 13.32 -0.49
C ASP A 18 5.52 13.98 -1.60
N ILE A 19 6.81 13.92 -1.39
CA ILE A 19 7.79 14.61 -2.20
C ILE A 19 8.12 13.81 -3.45
N GLY A 20 8.87 12.73 -3.25
CA GLY A 20 9.24 11.85 -4.35
C GLY A 20 8.92 10.41 -4.02
N ARG A 21 8.09 10.26 -2.99
CA ARG A 21 7.67 8.96 -2.48
C ARG A 21 7.20 8.00 -3.59
N THR A 22 7.79 6.83 -3.63
CA THR A 22 7.37 5.79 -4.55
C THR A 22 6.97 4.54 -3.78
N ASN A 23 7.42 4.48 -2.54
CA ASN A 23 7.13 3.36 -1.66
C ASN A 23 5.74 3.50 -1.08
N LEU A 24 4.91 2.50 -1.29
CA LEU A 24 3.54 2.54 -0.81
C LEU A 24 3.31 1.45 0.21
N ILE A 25 3.09 1.88 1.44
CA ILE A 25 2.72 0.97 2.50
C ILE A 25 1.24 0.67 2.38
N VAL A 26 0.92 -0.59 2.24
CA VAL A 26 -0.46 -1.00 2.07
C VAL A 26 -0.88 -1.82 3.26
N ASN A 27 -1.71 -1.23 4.09
CA ASN A 27 -2.16 -1.88 5.28
C ASN A 27 -3.49 -2.55 5.01
N TYR A 28 -3.98 -3.27 6.01
CA TYR A 28 -5.27 -3.93 5.94
C TYR A 28 -5.31 -4.98 4.82
N LEU A 29 -4.15 -5.52 4.49
CA LEU A 29 -4.06 -6.60 3.51
C LEU A 29 -4.74 -7.85 4.06
N PRO A 30 -5.36 -8.64 3.19
CA PRO A 30 -5.96 -9.92 3.59
C PRO A 30 -4.92 -10.83 4.23
N GLN A 31 -5.33 -11.52 5.27
CA GLN A 31 -4.39 -12.32 6.08
C GLN A 31 -3.85 -13.52 5.31
N ASN A 32 -4.49 -13.83 4.17
CA ASN A 32 -4.10 -14.97 3.36
C ASN A 32 -3.66 -14.56 1.96
N MET A 33 -3.39 -13.26 1.77
CA MET A 33 -2.98 -12.78 0.46
C MET A 33 -1.48 -12.98 0.25
N THR A 34 -1.02 -12.73 -0.97
CA THR A 34 0.39 -12.91 -1.32
C THR A 34 1.01 -11.60 -1.74
N GLN A 35 2.34 -11.58 -1.85
CA GLN A 35 3.04 -10.44 -2.42
C GLN A 35 2.48 -10.16 -3.80
N ASP A 36 2.38 -11.20 -4.61
CA ASP A 36 1.96 -11.09 -5.99
C ASP A 36 0.56 -10.50 -6.11
N GLU A 37 -0.32 -10.83 -5.18
CA GLU A 37 -1.65 -10.25 -5.17
C GLU A 37 -1.56 -8.77 -4.84
N LEU A 38 -0.81 -8.47 -3.79
CA LEU A 38 -0.54 -7.11 -3.37
C LEU A 38 0.22 -6.37 -4.50
N ARG A 39 0.98 -7.13 -5.24
CA ARG A 39 1.82 -6.63 -6.31
C ARG A 39 1.00 -6.38 -7.58
N SER A 40 0.13 -7.33 -7.94
CA SER A 40 -0.61 -7.26 -9.19
C SER A 40 -1.75 -6.24 -9.11
N LEU A 41 -2.34 -6.10 -7.93
CA LEU A 41 -3.37 -5.12 -7.71
C LEU A 41 -2.81 -3.72 -7.86
N PHE A 42 -1.58 -3.53 -7.43
CA PHE A 42 -0.92 -2.26 -7.64
C PHE A 42 -0.35 -2.19 -9.05
N SER A 43 -0.13 -3.35 -9.64
CA SER A 43 0.26 -3.43 -11.03
C SER A 43 -0.92 -3.04 -11.92
N SER A 44 -2.11 -2.95 -11.32
CA SER A 44 -3.30 -2.52 -12.02
C SER A 44 -3.22 -1.01 -12.25
N ILE A 45 -2.69 -0.31 -11.26
CA ILE A 45 -2.41 1.12 -11.37
C ILE A 45 -1.32 1.36 -12.41
N GLY A 46 -0.27 0.56 -12.33
CA GLY A 46 0.88 0.75 -13.20
C GLY A 46 1.98 -0.22 -12.87
N GLU A 47 3.21 0.11 -13.24
CA GLU A 47 4.32 -0.77 -12.93
C GLU A 47 4.75 -0.69 -11.50
N VAL A 48 5.00 -1.85 -10.94
CA VAL A 48 5.40 -1.98 -9.56
C VAL A 48 6.81 -2.45 -9.50
N GLU A 49 7.63 -1.60 -8.91
CA GLU A 49 9.04 -1.83 -8.83
C GLU A 49 9.31 -3.01 -7.90
N SER A 50 8.70 -2.97 -6.72
CA SER A 50 8.83 -4.06 -5.76
C SER A 50 7.66 -4.05 -4.79
N ALA A 51 7.00 -5.20 -4.63
CA ALA A 51 5.91 -5.30 -3.70
C ALA A 51 6.18 -6.38 -2.67
N LYS A 52 6.21 -5.97 -1.42
CA LYS A 52 6.53 -6.85 -0.33
C LYS A 52 5.28 -7.15 0.50
N LEU A 53 5.12 -8.39 0.88
CA LEU A 53 4.03 -8.78 1.74
C LEU A 53 4.59 -9.21 3.09
N ILE A 54 4.00 -8.73 4.16
CA ILE A 54 4.51 -9.01 5.49
C ILE A 54 3.74 -10.15 6.12
N ARG A 55 4.44 -11.21 6.49
CA ARG A 55 3.81 -12.34 7.13
C ARG A 55 4.53 -12.69 8.42
N ASP A 56 3.92 -13.56 9.21
CA ASP A 56 4.50 -13.99 10.47
C ASP A 56 5.59 -15.02 10.21
N LYS A 57 6.64 -14.93 11.00
CA LYS A 57 7.81 -15.77 10.90
C LYS A 57 7.52 -17.23 11.24
N VAL A 58 6.34 -17.47 11.76
CA VAL A 58 5.97 -18.79 12.26
C VAL A 58 4.62 -19.23 11.74
N ALA A 59 3.62 -18.41 12.00
CA ALA A 59 2.25 -18.76 11.65
C ALA A 59 2.00 -18.68 10.15
N GLY A 60 3.02 -18.22 9.43
CA GLY A 60 3.00 -18.19 7.98
C GLY A 60 1.80 -17.49 7.38
N HIS A 61 1.32 -16.46 8.06
CA HIS A 61 0.16 -15.73 7.57
C HIS A 61 0.49 -14.24 7.47
N SER A 62 -0.11 -13.56 6.52
CA SER A 62 0.12 -12.13 6.36
C SER A 62 -0.35 -11.39 7.60
N LEU A 63 0.41 -10.40 8.00
CA LEU A 63 0.11 -9.65 9.21
C LEU A 63 -0.77 -8.45 8.91
N GLY A 64 -1.24 -8.36 7.67
CA GLY A 64 -2.18 -7.33 7.30
C GLY A 64 -1.55 -6.04 6.83
N TYR A 65 -0.37 -6.13 6.22
CA TYR A 65 0.26 -4.97 5.62
C TYR A 65 1.45 -5.37 4.75
N GLY A 66 1.86 -4.45 3.89
CA GLY A 66 2.97 -4.70 2.99
C GLY A 66 3.51 -3.42 2.40
N PHE A 67 4.49 -3.54 1.51
CA PHE A 67 5.17 -2.38 0.94
C PHE A 67 5.38 -2.54 -0.56
N VAL A 68 4.63 -1.79 -1.35
CA VAL A 68 4.82 -1.81 -2.79
C VAL A 68 5.40 -0.49 -3.28
N ASN A 69 6.63 -0.57 -3.76
CA ASN A 69 7.31 0.55 -4.34
C ASN A 69 6.99 0.62 -5.81
N TYR A 70 6.47 1.73 -6.26
CA TYR A 70 6.16 1.91 -7.66
C TYR A 70 7.37 2.40 -8.42
N VAL A 71 7.30 2.27 -9.74
CA VAL A 71 8.36 2.78 -10.62
C VAL A 71 8.19 4.28 -10.80
N THR A 72 7.08 4.79 -10.29
CA THR A 72 6.74 6.20 -10.33
C THR A 72 6.25 6.65 -8.97
N ALA A 73 6.30 7.94 -8.74
CA ALA A 73 5.58 8.52 -7.62
C ALA A 73 4.20 8.92 -8.12
N LYS A 74 4.09 9.01 -9.43
CA LYS A 74 2.85 9.30 -10.12
C LYS A 74 1.81 8.22 -9.88
N ASP A 75 2.20 6.96 -10.08
CA ASP A 75 1.30 5.83 -9.85
C ASP A 75 1.14 5.54 -8.36
N ALA A 76 2.06 6.06 -7.54
CA ALA A 76 1.96 5.93 -6.09
C ALA A 76 0.71 6.63 -5.58
N GLU A 77 0.66 7.94 -5.82
CA GLU A 77 -0.52 8.75 -5.50
C GLU A 77 -1.75 8.17 -6.21
N ARG A 78 -1.52 7.62 -7.39
CA ARG A 78 -2.59 7.07 -8.20
C ARG A 78 -3.16 5.83 -7.52
N ALA A 79 -2.30 5.08 -6.85
CA ALA A 79 -2.75 3.92 -6.11
C ALA A 79 -3.51 4.32 -4.86
N ILE A 80 -3.11 5.43 -4.27
CA ILE A 80 -3.77 5.90 -3.07
C ILE A 80 -5.18 6.41 -3.35
N ASN A 81 -5.37 7.06 -4.46
CA ASN A 81 -6.69 7.58 -4.76
C ASN A 81 -7.57 6.52 -5.39
N THR A 82 -6.94 5.61 -6.10
CA THR A 82 -7.66 4.56 -6.80
C THR A 82 -7.80 3.28 -5.95
N LEU A 83 -6.67 2.72 -5.56
CA LEU A 83 -6.63 1.40 -4.92
C LEU A 83 -6.90 1.45 -3.42
N ASN A 84 -6.57 2.55 -2.77
CA ASN A 84 -6.78 2.65 -1.34
C ASN A 84 -8.26 2.51 -0.98
N GLY A 85 -8.57 1.41 -0.29
CA GLY A 85 -9.94 1.03 -0.03
C GLY A 85 -10.46 0.03 -1.04
N LEU A 86 -9.55 -0.77 -1.59
CA LEU A 86 -9.90 -1.80 -2.55
C LEU A 86 -10.26 -3.08 -1.83
N ARG A 87 -11.27 -3.78 -2.33
CA ARG A 87 -11.63 -5.07 -1.79
C ARG A 87 -10.75 -6.17 -2.37
N LEU A 88 -9.62 -6.40 -1.71
CA LEU A 88 -8.72 -7.47 -2.09
C LEU A 88 -9.11 -8.73 -1.36
N GLN A 89 -9.59 -9.73 -2.11
CA GLN A 89 -10.06 -10.98 -1.52
C GLN A 89 -11.11 -10.69 -0.45
N SER A 90 -11.90 -9.65 -0.71
CA SER A 90 -13.02 -9.23 0.14
C SER A 90 -12.53 -8.36 1.30
N LYS A 91 -11.23 -8.27 1.45
CA LYS A 91 -10.62 -7.46 2.50
C LYS A 91 -10.30 -6.07 1.97
N THR A 92 -10.66 -5.03 2.70
CA THR A 92 -10.39 -3.68 2.24
C THR A 92 -9.03 -3.22 2.72
N ILE A 93 -8.20 -2.84 1.76
CA ILE A 93 -6.83 -2.43 2.03
C ILE A 93 -6.72 -0.92 2.14
N LYS A 94 -5.60 -0.44 2.65
CA LYS A 94 -5.36 0.99 2.71
C LYS A 94 -3.92 1.29 2.31
N VAL A 95 -3.77 1.93 1.17
CA VAL A 95 -2.45 2.23 0.63
C VAL A 95 -2.06 3.67 0.97
N SER A 96 -0.77 3.88 1.17
CA SER A 96 -0.22 5.17 1.55
C SER A 96 1.29 5.17 1.30
N TYR A 97 1.91 6.34 1.35
CA TYR A 97 3.36 6.42 1.24
C TYR A 97 3.99 5.81 2.47
N ALA A 98 4.80 4.79 2.28
CA ALA A 98 5.51 4.18 3.37
C ALA A 98 6.72 5.03 3.69
N ARG A 99 6.66 5.73 4.82
CA ARG A 99 7.70 6.69 5.23
C ARG A 99 9.11 6.11 5.06
N PRO A 100 9.87 6.62 4.09
CA PRO A 100 11.20 6.11 3.77
C PRO A 100 12.23 6.50 4.83
N SER A 101 12.82 5.49 5.46
CA SER A 101 13.82 5.67 6.47
C SER A 101 14.32 4.31 6.94
#